data_8XTE
#
_entry.id   8XTE
#
_cell.length_a   208.769
_cell.length_b   208.769
_cell.length_c   67.217
_cell.angle_alpha   90.000
_cell.angle_beta   90.000
_cell.angle_gamma   120.000
#
_symmetry.space_group_name_H-M   'P 32'
#
loop_
_entity.id
_entity.type
_entity.pdbx_description
1 polymer "O-methyltransferase mpaG'"
2 non-polymer S-ADENOSYL-L-HOMOCYSTEINE
3 non-polymer 4-farnesyl-3,5-dihydroxy-6-methylphthalide
4 water water
#
_entity_poly.entity_id   1
_entity_poly.type   'polypeptide(L)'
_entity_poly.pdbx_seq_one_letter_code
;GAMGAASPASIIQELASAAKQYENNESGAREALIAQSRALIASLEVPSEFIQHTFWSQPALSAIVRLATDVNLFQYLKDA
QEEGLNAEALASKTGMDVSLFARLARHLVAMNVITSRNGVFYGTALSNGLAAENYQQSIRFCHDVSRPSFGAFPSFFKGN
GYKTPALGTTDGPFQSAHKVDISFPQWLVGNPPYLQYFNSYMSAYRAGKPNWCDNGFYPVADRLLNGFDASVSDVLLVDV
GGGRGHDIATFGSQFSPLPGRLVLQDREQVINSIPADESRQFEATTHDIFTTQPVKHARAYYMHSVPHGFGDEDAVKIMA
NLVPALAKGYSRVLLNEIVVDEERPVMSATNMDLIMLAHMGAKERTEADWRSILTRAGLKVVNIYSYPGVAESLIEAELA
;
_entity_poly.pdbx_strand_id   A,B,C,D,E,F
#
# COMPACT_ATOMS: atom_id res chain seq x y z
N ALA A 6 -2.58 32.73 42.95
CA ALA A 6 -2.22 32.97 44.35
C ALA A 6 -1.32 34.19 44.47
N SER A 7 -1.24 34.74 45.69
CA SER A 7 -0.39 35.91 45.87
C SER A 7 1.01 35.49 46.31
N PRO A 8 2.04 36.26 45.91
CA PRO A 8 3.40 35.96 46.38
C PRO A 8 3.52 35.88 47.90
N ALA A 9 2.88 36.82 48.62
CA ALA A 9 2.96 36.80 50.08
C ALA A 9 2.31 35.56 50.66
N SER A 10 1.35 34.96 49.95
CA SER A 10 0.74 33.71 50.41
C SER A 10 1.57 32.50 50.03
N ILE A 11 2.25 32.54 48.87
CA ILE A 11 3.17 31.46 48.52
C ILE A 11 4.39 31.49 49.42
N ILE A 12 4.83 32.69 49.81
CA ILE A 12 5.94 32.83 50.75
C ILE A 12 5.66 32.05 52.04
N GLN A 13 4.42 32.11 52.52
CA GLN A 13 4.08 31.42 53.77
C GLN A 13 3.99 29.91 53.56
N GLU A 14 3.34 29.46 52.48
CA GLU A 14 3.27 28.03 52.20
C GLU A 14 4.66 27.44 52.01
N LEU A 15 5.53 28.15 51.28
CA LEU A 15 6.91 27.70 51.14
C LEU A 15 7.59 27.59 52.51
N ALA A 16 7.34 28.54 53.41
CA ALA A 16 7.90 28.45 54.74
C ALA A 16 7.28 27.32 55.54
N SER A 17 5.98 27.07 55.35
CA SER A 17 5.32 25.97 56.04
C SER A 17 5.88 24.63 55.56
N ALA A 18 5.95 24.43 54.25
CA ALA A 18 6.51 23.20 53.71
C ALA A 18 7.98 23.05 54.06
N ALA A 19 8.67 24.17 54.29
CA ALA A 19 10.06 24.10 54.75
C ALA A 19 10.15 23.45 56.13
N LYS A 20 9.27 23.84 57.04
CA LYS A 20 9.20 23.19 58.35
C LYS A 20 8.93 21.69 58.21
N GLN A 21 7.98 21.34 57.34
CA GLN A 21 7.67 19.93 57.12
C GLN A 21 8.86 19.19 56.53
N TYR A 22 9.61 19.85 55.65
CA TYR A 22 10.79 19.23 55.06
C TYR A 22 11.87 18.99 56.11
N GLU A 23 12.03 19.92 57.03
CA GLU A 23 13.06 19.80 58.05
C GLU A 23 12.68 18.81 59.15
N ASN A 24 11.40 18.44 59.22
CA ASN A 24 10.93 17.33 60.06
C ASN A 24 10.97 15.99 59.33
N ASN A 25 11.44 15.97 58.08
CA ASN A 25 11.51 14.75 57.27
C ASN A 25 10.14 14.11 57.09
N GLU A 26 9.16 14.93 56.70
CA GLU A 26 7.82 14.46 56.42
C GLU A 26 7.72 13.97 54.98
N SER A 27 6.88 12.96 54.77
CA SER A 27 6.79 12.31 53.47
C SER A 27 6.35 13.29 52.39
N GLY A 28 7.11 13.35 51.30
CA GLY A 28 6.80 14.23 50.20
C GLY A 28 7.11 15.69 50.42
N ALA A 29 7.66 16.06 51.58
CA ALA A 29 7.90 17.46 51.88
C ALA A 29 9.01 18.06 51.02
N ARG A 30 9.99 17.24 50.62
CA ARG A 30 10.99 17.70 49.66
C ARG A 30 10.34 18.09 48.35
N GLU A 31 9.42 17.25 47.87
CA GLU A 31 8.77 17.49 46.59
C GLU A 31 7.80 18.68 46.65
N ALA A 32 7.17 18.90 47.82
CA ALA A 32 6.27 20.03 47.96
C ALA A 32 7.02 21.35 48.06
N LEU A 33 8.26 21.33 48.56
CA LEU A 33 9.04 22.57 48.64
C LEU A 33 9.51 23.01 47.26
N ILE A 34 9.93 22.06 46.41
CA ILE A 34 10.23 22.39 45.02
C ILE A 34 9.01 22.97 44.33
N ALA A 35 7.84 22.39 44.60
CA ALA A 35 6.61 22.86 43.95
C ALA A 35 6.24 24.27 44.41
N GLN A 36 6.37 24.54 45.71
CA GLN A 36 6.10 25.91 46.19
C GLN A 36 7.15 26.89 45.67
N SER A 37 8.39 26.43 45.47
CA SER A 37 9.43 27.29 44.90
C SER A 37 9.12 27.65 43.46
N ARG A 38 8.65 26.66 42.67
CA ARG A 38 8.28 26.93 41.29
C ARG A 38 7.02 27.79 41.20
N ALA A 39 6.16 27.73 42.22
CA ALA A 39 4.95 28.55 42.24
C ALA A 39 5.27 30.01 42.59
N LEU A 40 6.22 30.24 43.50
CA LEU A 40 6.62 31.60 43.84
C LEU A 40 7.28 32.29 42.64
N ILE A 41 8.20 31.59 41.96
CA ILE A 41 8.83 32.13 40.77
C ILE A 41 7.79 32.53 39.72
N ALA A 42 6.73 31.74 39.59
CA ALA A 42 5.68 32.04 38.64
C ALA A 42 4.91 33.30 39.04
N SER A 43 4.73 33.50 40.34
CA SER A 43 4.02 34.68 40.84
C SER A 43 4.84 35.95 40.78
N LEU A 44 6.16 35.84 40.65
CA LEU A 44 7.04 37.00 40.64
C LEU A 44 7.51 37.39 39.23
N GLU A 45 7.75 36.40 38.38
CA GLU A 45 8.36 36.66 37.08
C GLU A 45 7.39 37.40 36.15
N VAL A 46 7.87 38.49 35.55
CA VAL A 46 7.14 39.22 34.53
C VAL A 46 7.25 38.45 33.22
N PRO A 47 6.35 38.67 32.25
CA PRO A 47 6.39 37.88 31.01
C PRO A 47 7.73 37.88 30.28
N SER A 48 8.46 38.99 30.25
CA SER A 48 9.75 39.00 29.56
C SER A 48 10.75 38.04 30.22
N GLU A 49 10.72 37.94 31.56
CA GLU A 49 11.58 36.98 32.24
C GLU A 49 11.16 35.54 31.93
N PHE A 50 9.85 35.29 31.88
CA PHE A 50 9.38 33.96 31.49
C PHE A 50 9.84 33.61 30.08
N ILE A 51 9.82 34.58 29.16
CA ILE A 51 10.25 34.33 27.79
C ILE A 51 11.72 33.93 27.76
N GLN A 52 12.56 34.70 28.46
CA GLN A 52 14.00 34.42 28.47
C GLN A 52 14.32 33.08 29.15
N HIS A 53 13.57 32.71 30.19
CA HIS A 53 13.86 31.44 30.86
C HIS A 53 13.40 30.26 30.02
N THR A 54 12.16 30.31 29.54
CA THR A 54 11.60 29.20 28.77
C THR A 54 12.29 29.03 27.43
N PHE A 55 12.62 30.14 26.75
CA PHE A 55 13.09 30.06 25.37
C PHE A 55 14.58 30.31 25.19
N TRP A 56 15.28 30.83 26.21
CA TRP A 56 16.73 31.00 26.15
C TRP A 56 17.44 30.10 27.16
N SER A 57 17.17 30.27 28.46
CA SER A 57 17.92 29.58 29.50
C SER A 57 17.81 28.06 29.36
N GLN A 58 16.61 27.55 29.14
CA GLN A 58 16.38 26.11 29.18
C GLN A 58 16.88 25.41 27.91
N PRO A 59 16.55 25.89 26.70
CA PRO A 59 17.15 25.27 25.51
C PRO A 59 18.67 25.37 25.49
N ALA A 60 19.22 26.47 26.00
CA ALA A 60 20.68 26.57 26.11
C ALA A 60 21.21 25.59 27.15
N LEU A 61 20.52 25.46 28.29
CA LEU A 61 20.90 24.49 29.31
C LEU A 61 20.89 23.07 28.75
N SER A 62 19.83 22.70 28.02
CA SER A 62 19.74 21.35 27.46
C SER A 62 20.93 21.05 26.58
N ALA A 63 21.30 21.99 25.70
CA ALA A 63 22.38 21.74 24.74
C ALA A 63 23.74 21.66 25.42
N ILE A 64 23.98 22.51 26.43
CA ILE A 64 25.26 22.46 27.14
C ILE A 64 25.39 21.18 27.94
N VAL A 65 24.29 20.70 28.54
CA VAL A 65 24.33 19.41 29.23
C VAL A 65 24.55 18.29 28.22
N ARG A 66 23.96 18.41 27.03
CA ARG A 66 24.24 17.45 25.96
C ARG A 66 25.71 17.52 25.53
N LEU A 67 26.21 18.73 25.28
CA LEU A 67 27.60 18.90 24.89
C LEU A 67 28.55 18.38 25.98
N ALA A 68 28.14 18.48 27.24
CA ALA A 68 28.99 18.01 28.34
C ALA A 68 29.31 16.53 28.21
N THR A 69 28.36 15.72 27.72
CA THR A 69 28.60 14.29 27.59
C THR A 69 29.59 13.96 26.48
N ASP A 70 29.81 14.89 25.53
CA ASP A 70 30.80 14.65 24.49
C ASP A 70 32.24 14.90 24.96
N VAL A 71 32.44 15.73 25.99
CA VAL A 71 33.77 16.16 26.38
C VAL A 71 34.12 15.76 27.81
N ASN A 72 33.34 14.87 28.42
CA ASN A 72 33.66 14.27 29.72
C ASN A 72 33.68 15.31 30.85
N LEU A 73 32.80 16.32 30.76
CA LEU A 73 32.89 17.46 31.67
C LEU A 73 32.56 17.08 33.10
N PHE A 74 31.36 16.53 33.33
CA PHE A 74 30.93 16.20 34.68
C PHE A 74 31.87 15.19 35.33
N GLN A 75 32.45 14.29 34.53
CA GLN A 75 33.41 13.32 35.07
C GLN A 75 34.69 14.02 35.53
N TYR A 76 35.21 14.97 34.74
CA TYR A 76 36.39 15.71 35.16
C TYR A 76 36.13 16.49 36.44
N LEU A 77 34.94 17.09 36.56
CA LEU A 77 34.59 17.82 37.79
C LEU A 77 34.39 16.87 38.96
N LYS A 78 33.92 15.66 38.70
CA LYS A 78 33.85 14.67 39.76
C LYS A 78 35.25 14.25 40.23
N ASP A 79 36.17 14.01 39.28
CA ASP A 79 37.53 13.63 39.66
C ASP A 79 38.20 14.72 40.49
N ALA A 80 37.98 15.99 40.14
CA ALA A 80 38.59 17.11 40.84
C ALA A 80 38.11 17.25 42.28
N GLN A 81 37.01 16.58 42.65
CA GLN A 81 36.42 16.68 43.99
C GLN A 81 36.35 18.12 44.47
N GLU A 82 36.85 18.40 45.68
CA GLU A 82 36.73 19.75 46.22
C GLU A 82 37.84 20.69 45.74
N GLU A 83 38.78 20.21 44.93
CA GLU A 83 39.79 21.11 44.38
C GLU A 83 39.24 21.92 43.20
N GLY A 84 38.30 21.36 42.44
CA GLY A 84 37.76 22.02 41.27
C GLY A 84 38.78 22.14 40.16
N LEU A 85 38.37 22.84 39.10
CA LEU A 85 39.24 23.13 37.97
C LEU A 85 38.88 24.50 37.41
N ASN A 86 39.88 25.30 37.06
CA ASN A 86 39.59 26.59 36.44
C ASN A 86 39.34 26.39 34.95
N ALA A 87 38.99 27.48 34.26
CA ALA A 87 38.58 27.37 32.86
C ALA A 87 39.70 26.86 31.98
N GLU A 88 40.92 27.35 32.17
CA GLU A 88 42.04 26.90 31.38
C GLU A 88 42.27 25.40 31.54
N ALA A 89 42.15 24.88 32.77
CA ALA A 89 42.36 23.46 32.99
C ALA A 89 41.29 22.62 32.30
N LEU A 90 40.01 22.95 32.52
CA LEU A 90 38.94 22.17 31.92
C LEU A 90 38.93 22.30 30.40
N ALA A 91 39.18 23.49 29.88
CA ALA A 91 39.33 23.64 28.43
C ALA A 91 40.40 22.71 27.90
N SER A 92 41.55 22.66 28.57
CA SER A 92 42.62 21.73 28.20
C SER A 92 42.14 20.28 28.24
N LYS A 93 41.46 19.90 29.33
CA LYS A 93 41.01 18.52 29.47
C LYS A 93 39.95 18.16 28.44
N THR A 94 38.98 19.06 28.22
CA THR A 94 37.89 18.78 27.29
C THR A 94 38.27 19.00 25.84
N GLY A 95 39.38 19.69 25.57
CA GLY A 95 39.75 20.04 24.22
C GLY A 95 38.95 21.17 23.60
N MET A 96 38.41 22.07 24.43
CA MET A 96 37.66 23.22 23.94
C MET A 96 38.49 24.48 24.07
N ASP A 97 38.20 25.46 23.20
CA ASP A 97 38.70 26.81 23.40
C ASP A 97 38.25 27.31 24.76
N VAL A 98 39.20 27.88 25.52
CA VAL A 98 38.92 28.26 26.91
C VAL A 98 37.85 29.34 26.98
N SER A 99 37.79 30.21 25.98
CA SER A 99 36.76 31.25 25.96
C SER A 99 35.38 30.64 25.80
N LEU A 100 35.25 29.72 24.84
CA LEU A 100 33.97 29.05 24.64
C LEU A 100 33.57 28.24 25.87
N PHE A 101 34.52 27.50 26.44
CA PHE A 101 34.18 26.68 27.60
C PHE A 101 33.64 27.52 28.74
N ALA A 102 34.37 28.58 29.12
CA ALA A 102 33.95 29.40 30.25
C ALA A 102 32.56 29.98 30.04
N ARG A 103 32.27 30.46 28.83
CA ARG A 103 30.93 30.97 28.52
C ARG A 103 29.87 29.90 28.72
N LEU A 104 30.12 28.68 28.23
CA LEU A 104 29.15 27.62 28.44
C LEU A 104 29.13 27.17 29.89
N ALA A 105 30.30 27.09 30.54
CA ALA A 105 30.34 26.71 31.95
C ALA A 105 29.68 27.75 32.85
N ARG A 106 29.75 29.04 32.48
CA ARG A 106 29.11 30.06 33.31
C ARG A 106 27.58 29.97 33.25
N HIS A 107 27.02 29.48 32.14
CA HIS A 107 25.58 29.22 32.12
C HIS A 107 25.22 28.03 33.02
N LEU A 108 26.08 27.02 33.11
CA LEU A 108 25.83 25.95 34.09
C LEU A 108 25.91 26.47 35.51
N VAL A 109 26.78 27.46 35.76
CA VAL A 109 26.85 28.08 37.08
C VAL A 109 25.57 28.87 37.36
N ALA A 110 25.16 29.72 36.42
CA ALA A 110 23.97 30.53 36.60
C ALA A 110 22.72 29.68 36.73
N MET A 111 22.71 28.49 36.11
CA MET A 111 21.56 27.60 36.15
C MET A 111 21.65 26.62 37.31
N ASN A 112 22.68 26.72 38.15
CA ASN A 112 22.85 25.95 39.39
C ASN A 112 23.26 24.51 39.13
N VAL A 113 23.84 24.21 37.97
CA VAL A 113 24.28 22.85 37.68
C VAL A 113 25.67 22.60 38.25
N ILE A 114 26.55 23.61 38.20
CA ILE A 114 27.85 23.60 38.85
C ILE A 114 27.99 24.93 39.59
N THR A 115 29.05 25.05 40.39
CA THR A 115 29.30 26.28 41.13
C THR A 115 30.63 26.88 40.70
N SER A 116 30.83 28.15 41.08
CA SER A 116 32.06 28.87 40.81
C SER A 116 32.41 29.78 41.98
N ARG A 117 33.70 29.86 42.29
CA ARG A 117 34.25 30.83 43.24
C ARG A 117 35.68 31.16 42.81
N ASN A 118 35.95 32.46 42.64
CA ASN A 118 37.30 32.94 42.33
C ASN A 118 37.88 32.25 41.10
N GLY A 119 37.06 32.13 40.05
CA GLY A 119 37.51 31.56 38.79
C GLY A 119 37.67 30.07 38.77
N VAL A 120 37.24 29.36 39.82
CA VAL A 120 37.32 27.90 39.88
C VAL A 120 35.91 27.34 39.76
N PHE A 121 35.75 26.29 38.96
CA PHE A 121 34.48 25.59 38.83
C PHE A 121 34.51 24.31 39.66
N TYR A 122 33.39 23.99 40.30
CA TYR A 122 33.28 22.81 41.15
C TYR A 122 32.04 22.03 40.78
N GLY A 123 32.15 20.70 40.84
CA GLY A 123 30.99 19.86 40.68
C GLY A 123 30.09 19.91 41.89
N THR A 124 28.82 19.57 41.65
CA THR A 124 27.81 19.51 42.70
C THR A 124 27.34 18.07 42.85
N ALA A 125 26.44 17.84 43.80
CA ALA A 125 25.77 16.55 43.86
C ALA A 125 25.07 16.25 42.54
N LEU A 126 24.49 17.26 41.91
CA LEU A 126 23.82 17.05 40.63
C LEU A 126 24.82 16.67 39.54
N SER A 127 25.81 17.53 39.29
CA SER A 127 26.75 17.26 38.20
C SER A 127 27.51 15.97 38.43
N ASN A 128 27.88 15.69 39.69
CA ASN A 128 28.54 14.42 40.01
C ASN A 128 27.63 13.23 39.68
N GLY A 129 26.34 13.36 39.97
CA GLY A 129 25.41 12.29 39.63
C GLY A 129 25.23 12.12 38.13
N LEU A 130 25.25 13.22 37.38
CA LEU A 130 25.09 13.18 35.93
C LEU A 130 26.31 12.58 35.22
N ALA A 131 27.44 12.43 35.91
CA ALA A 131 28.63 11.82 35.32
C ALA A 131 28.45 10.33 35.11
N ALA A 132 27.57 9.68 35.86
CA ALA A 132 27.34 8.24 35.73
C ALA A 132 26.85 7.90 34.33
N GLU A 133 27.25 6.74 33.83
CA GLU A 133 26.98 6.38 32.44
C GLU A 133 25.49 6.36 32.14
N ASN A 134 24.65 5.86 33.07
CA ASN A 134 23.24 5.75 32.74
C ASN A 134 22.59 7.11 32.60
N TYR A 135 23.10 8.14 33.30
CA TYR A 135 22.59 9.49 33.08
C TYR A 135 23.19 10.11 31.82
N GLN A 136 24.46 9.82 31.53
CA GLN A 136 25.05 10.27 30.29
C GLN A 136 24.23 9.81 29.09
N GLN A 137 23.81 8.55 29.11
CA GLN A 137 23.05 8.02 27.98
C GLN A 137 21.61 8.53 27.98
N SER A 138 21.03 8.77 29.16
CA SER A 138 19.73 9.44 29.23
C SER A 138 19.78 10.80 28.56
N ILE A 139 20.79 11.61 28.91
CA ILE A 139 20.96 12.93 28.31
C ILE A 139 21.05 12.82 26.79
N ARG A 140 21.86 11.86 26.31
CA ARG A 140 21.99 11.67 24.86
C ARG A 140 20.65 11.32 24.23
N PHE A 141 19.93 10.37 24.83
CA PHE A 141 18.62 9.99 24.31
C PHE A 141 17.68 11.19 24.29
N CYS A 142 17.64 11.96 25.39
CA CYS A 142 16.65 13.02 25.52
C CYS A 142 16.89 14.16 24.54
N HIS A 143 18.14 14.56 24.34
CA HIS A 143 18.41 15.68 23.43
C HIS A 143 18.37 15.26 21.97
N ASP A 144 18.73 14.01 21.66
CA ASP A 144 18.76 13.54 20.28
C ASP A 144 17.42 13.01 19.79
N VAL A 145 16.63 12.39 20.66
CA VAL A 145 15.45 11.64 20.25
C VAL A 145 14.16 12.33 20.70
N SER A 146 14.07 12.70 21.97
CA SER A 146 12.84 13.28 22.51
C SER A 146 12.71 14.75 22.16
N ARG A 147 13.82 15.49 22.25
CA ARG A 147 13.84 16.92 21.95
C ARG A 147 13.22 17.27 20.60
N PRO A 148 13.60 16.64 19.48
CA PRO A 148 12.93 16.97 18.22
C PRO A 148 11.46 16.58 18.19
N SER A 149 11.05 15.54 18.93
CA SER A 149 9.65 15.17 18.95
C SER A 149 8.80 16.29 19.52
N PHE A 150 9.16 16.80 20.70
CA PHE A 150 8.47 17.97 21.25
C PHE A 150 8.56 19.15 20.30
N GLY A 151 9.73 19.37 19.70
CA GLY A 151 9.91 20.48 18.78
C GLY A 151 9.00 20.43 17.57
N ALA A 152 8.50 19.25 17.22
CA ALA A 152 7.57 19.10 16.10
C ALA A 152 6.11 19.17 16.51
N PHE A 153 5.81 19.37 17.80
CA PHE A 153 4.41 19.45 18.23
C PHE A 153 3.62 20.52 17.50
N PRO A 154 4.08 21.78 17.39
CA PRO A 154 3.26 22.79 16.70
C PRO A 154 2.92 22.43 15.26
N SER A 155 3.92 22.08 14.46
CA SER A 155 3.67 21.78 13.05
C SER A 155 2.87 20.48 12.88
N PHE A 156 3.16 19.48 13.70
CA PHE A 156 2.47 18.20 13.52
C PHE A 156 0.97 18.32 13.79
N PHE A 157 0.61 18.95 14.90
CA PHE A 157 -0.82 19.03 15.23
C PHE A 157 -1.55 20.06 14.40
N LYS A 158 -0.86 21.12 13.98
CA LYS A 158 -1.39 22.00 12.94
C LYS A 158 -1.78 21.18 11.72
N GLY A 159 -0.89 20.28 11.29
CA GLY A 159 -1.14 19.53 10.06
C GLY A 159 -2.18 18.44 10.22
N ASN A 160 -2.15 17.71 11.34
CA ASN A 160 -3.07 16.58 11.47
C ASN A 160 -4.47 16.98 11.90
N GLY A 161 -4.71 18.27 12.14
CA GLY A 161 -6.03 18.76 12.52
C GLY A 161 -6.23 18.98 14.00
N TYR A 162 -5.16 18.99 14.80
CA TYR A 162 -5.25 19.07 16.26
C TYR A 162 -6.07 17.91 16.81
N LYS A 163 -5.74 16.70 16.33
CA LYS A 163 -6.44 15.49 16.73
C LYS A 163 -5.47 14.57 17.46
N THR A 164 -6.03 13.78 18.38
CA THR A 164 -5.26 12.72 19.00
C THR A 164 -4.79 11.75 17.93
N PRO A 165 -3.52 11.29 17.96
CA PRO A 165 -3.08 10.24 17.04
C PRO A 165 -4.02 9.04 17.07
N ALA A 166 -4.63 8.72 15.93
CA ALA A 166 -5.66 7.69 15.87
C ALA A 166 -5.11 6.33 16.26
N LEU A 167 -4.10 5.85 15.52
CA LEU A 167 -3.45 4.60 15.88
C LEU A 167 -2.42 4.79 17.00
N GLY A 168 -1.90 6.00 17.16
CA GLY A 168 -0.91 6.28 18.19
C GLY A 168 0.50 5.89 17.77
N THR A 169 0.69 4.62 17.40
CA THR A 169 2.04 4.10 17.17
C THR A 169 2.67 4.67 15.91
N THR A 170 1.91 4.79 14.82
CA THR A 170 2.47 5.16 13.52
C THR A 170 2.08 6.55 13.04
N ASP A 171 1.19 7.24 13.75
CA ASP A 171 0.68 8.53 13.27
C ASP A 171 0.89 9.63 14.30
N GLY A 172 2.12 9.83 14.76
CA GLY A 172 2.39 10.75 15.84
C GLY A 172 3.52 11.73 15.56
N PRO A 173 3.78 12.64 16.50
CA PRO A 173 4.87 13.61 16.30
C PRO A 173 6.25 12.97 16.25
N PHE A 174 6.44 11.81 16.89
CA PHE A 174 7.73 11.14 16.76
C PHE A 174 8.04 10.82 15.31
N GLN A 175 7.08 10.23 14.59
CA GLN A 175 7.29 9.89 13.20
C GLN A 175 7.49 11.14 12.35
N SER A 176 6.84 12.24 12.72
CA SER A 176 6.99 13.47 11.96
C SER A 176 8.36 14.10 12.21
N ALA A 177 8.82 14.11 13.46
CA ALA A 177 10.11 14.71 13.78
C ALA A 177 11.26 13.91 13.16
N HIS A 178 11.19 12.58 13.23
CA HIS A 178 12.29 11.74 12.79
C HIS A 178 12.11 11.22 11.38
N LYS A 179 11.11 11.71 10.66
CA LYS A 179 10.97 11.48 9.22
C LYS A 179 10.91 9.98 8.90
N VAL A 180 10.02 9.27 9.59
CA VAL A 180 9.83 7.84 9.40
C VAL A 180 8.34 7.54 9.49
N ASP A 181 7.98 6.30 9.14
CA ASP A 181 6.61 5.83 9.29
C ASP A 181 6.58 4.48 9.99
N ILE A 182 7.56 4.20 10.83
CA ILE A 182 7.58 3.00 11.65
C ILE A 182 7.35 3.40 13.11
N SER A 183 7.07 2.41 13.93
CA SER A 183 6.83 2.64 15.35
C SER A 183 8.11 3.07 16.06
N PHE A 184 7.92 3.74 17.21
CA PHE A 184 9.07 4.08 18.05
C PHE A 184 9.86 2.84 18.48
N PRO A 185 9.24 1.75 18.95
CA PRO A 185 10.04 0.55 19.25
C PRO A 185 10.84 0.02 18.06
N GLN A 186 10.25 0.04 16.86
CA GLN A 186 11.00 -0.36 15.67
C GLN A 186 12.10 0.63 15.34
N TRP A 187 11.82 1.93 15.48
CA TRP A 187 12.85 2.95 15.26
C TRP A 187 14.05 2.71 16.17
N LEU A 188 13.79 2.35 17.43
CA LEU A 188 14.87 2.08 18.38
C LEU A 188 15.78 0.97 17.87
N VAL A 189 15.18 -0.14 17.43
CA VAL A 189 15.96 -1.28 16.95
C VAL A 189 16.74 -0.89 15.70
N GLY A 190 16.15 -0.05 14.86
CA GLY A 190 16.78 0.34 13.61
C GLY A 190 17.77 1.50 13.71
N ASN A 191 18.00 2.06 14.88
CA ASN A 191 18.84 3.24 15.04
C ASN A 191 19.75 3.11 16.25
N PRO A 192 20.73 2.20 16.21
CA PRO A 192 21.72 2.14 17.27
C PRO A 192 22.48 3.45 17.36
N PRO A 193 22.96 3.82 18.55
CA PRO A 193 22.91 3.09 19.83
C PRO A 193 21.72 3.44 20.70
N TYR A 194 20.62 3.95 20.14
CA TYR A 194 19.58 4.54 20.97
C TYR A 194 18.71 3.50 21.68
N LEU A 195 18.60 2.28 21.15
CA LEU A 195 17.92 1.23 21.92
C LEU A 195 18.61 1.02 23.25
N GLN A 196 19.94 0.83 23.23
CA GLN A 196 20.66 0.59 24.47
C GLN A 196 20.77 1.85 25.32
N TYR A 197 20.83 3.03 24.71
CA TYR A 197 20.68 4.27 25.47
C TYR A 197 19.37 4.27 26.24
N PHE A 198 18.27 3.95 25.55
CA PHE A 198 16.96 3.84 26.21
C PHE A 198 17.01 2.85 27.37
N ASN A 199 17.67 1.71 27.18
CA ASN A 199 17.67 0.68 28.23
C ASN A 199 18.43 1.14 29.46
N SER A 200 19.52 1.88 29.28
CA SER A 200 20.19 2.52 30.42
C SER A 200 19.29 3.60 31.02
N TYR A 201 18.65 4.38 30.15
CA TYR A 201 17.75 5.45 30.55
C TYR A 201 16.67 4.96 31.51
N MET A 202 16.20 3.72 31.36
CA MET A 202 15.13 3.28 32.25
C MET A 202 15.60 3.03 33.67
N SER A 203 16.91 3.02 33.93
CA SER A 203 17.39 2.97 35.29
C SER A 203 17.53 4.36 35.90
N ALA A 204 17.37 5.41 35.11
CA ALA A 204 17.57 6.77 35.58
C ALA A 204 16.30 7.61 35.66
N TYR A 205 15.29 7.34 34.82
CA TYR A 205 14.23 8.33 34.61
C TYR A 205 13.44 8.65 35.87
N ARG A 206 13.44 7.76 36.87
CA ARG A 206 12.83 8.07 38.16
C ARG A 206 13.70 7.57 39.32
N ALA A 207 15.00 7.44 39.11
CA ALA A 207 15.91 7.00 40.15
C ALA A 207 16.00 8.02 41.28
N GLY A 208 16.27 7.53 42.48
CA GLY A 208 16.33 8.39 43.64
C GLY A 208 14.99 8.74 44.24
N LYS A 209 13.93 8.05 43.83
CA LYS A 209 12.60 8.25 44.36
C LYS A 209 12.12 6.98 45.05
N PRO A 210 11.22 7.10 46.02
CA PRO A 210 10.69 5.91 46.70
C PRO A 210 10.10 4.92 45.71
N ASN A 211 10.46 3.65 45.89
CA ASN A 211 9.96 2.57 45.04
C ASN A 211 8.64 2.06 45.58
N TRP A 212 7.89 1.38 44.71
CA TRP A 212 6.61 0.81 45.09
C TRP A 212 6.71 -0.08 46.32
N CYS A 213 7.86 -0.73 46.51
CA CYS A 213 8.01 -1.71 47.58
C CYS A 213 8.66 -1.14 48.83
N ASP A 214 9.01 0.14 48.84
CA ASP A 214 9.67 0.76 50.00
C ASP A 214 8.72 0.80 51.19
N ASN A 215 9.29 1.06 52.37
CA ASN A 215 8.51 1.13 53.59
C ASN A 215 7.50 2.28 53.52
N GLY A 216 6.26 2.00 53.89
CA GLY A 216 5.21 3.00 53.83
C GLY A 216 4.55 3.16 52.48
N PHE A 217 4.92 2.34 51.49
CA PHE A 217 4.26 2.34 50.19
C PHE A 217 3.42 1.07 50.08
N TYR A 218 3.86 0.10 49.26
CA TYR A 218 3.07 -1.13 49.16
C TYR A 218 3.52 -2.13 50.23
N PRO A 219 2.59 -2.74 50.97
CA PRO A 219 2.97 -3.70 52.04
C PRO A 219 3.37 -5.06 51.48
N VAL A 220 4.57 -5.09 50.86
CA VAL A 220 5.06 -6.31 50.21
C VAL A 220 5.04 -7.50 51.17
N ALA A 221 5.49 -7.29 52.40
CA ALA A 221 5.63 -8.41 53.32
C ALA A 221 4.29 -9.06 53.64
N ASP A 222 3.29 -8.24 53.99
CA ASP A 222 2.00 -8.80 54.38
C ASP A 222 1.24 -9.37 53.20
N ARG A 223 1.34 -8.73 52.03
CA ARG A 223 0.57 -9.17 50.87
C ARG A 223 1.23 -10.30 50.09
N LEU A 224 2.57 -10.29 49.98
CA LEU A 224 3.28 -11.25 49.14
C LEU A 224 4.03 -12.31 49.94
N LEU A 225 4.95 -11.90 50.83
CA LEU A 225 5.75 -12.88 51.58
C LEU A 225 4.88 -13.69 52.52
N ASN A 226 4.05 -13.02 53.31
CA ASN A 226 3.03 -13.70 54.10
C ASN A 226 2.07 -14.44 53.17
N GLY A 227 1.98 -15.76 53.34
CA GLY A 227 1.16 -16.61 52.51
C GLY A 227 1.85 -17.17 51.28
N PHE A 228 3.11 -16.83 51.04
CA PHE A 228 3.84 -17.43 49.94
C PHE A 228 3.83 -18.94 50.09
N ASP A 229 3.54 -19.65 49.00
CA ASP A 229 3.26 -21.09 49.04
C ASP A 229 4.02 -21.75 47.90
N ALA A 230 5.19 -22.33 48.22
CA ALA A 230 6.00 -22.96 47.18
C ALA A 230 5.31 -24.18 46.57
N SER A 231 4.31 -24.75 47.25
CA SER A 231 3.56 -25.86 46.66
C SER A 231 2.64 -25.39 45.55
N VAL A 232 2.28 -24.09 45.54
CA VAL A 232 1.55 -23.53 44.40
C VAL A 232 2.51 -23.24 43.26
N SER A 233 3.62 -22.56 43.56
CA SER A 233 4.65 -22.18 42.61
C SER A 233 5.87 -21.72 43.41
N ASP A 234 7.06 -21.95 42.87
CA ASP A 234 8.28 -21.51 43.52
C ASP A 234 8.72 -20.13 43.08
N VAL A 235 7.86 -19.39 42.37
CA VAL A 235 8.18 -18.05 41.88
C VAL A 235 7.47 -17.02 42.75
N LEU A 236 8.25 -16.09 43.31
CA LEU A 236 7.70 -15.03 44.14
C LEU A 236 7.21 -13.85 43.31
N LEU A 237 7.97 -13.43 42.30
CA LEU A 237 7.61 -12.25 41.53
C LEU A 237 8.15 -12.34 40.12
N VAL A 238 7.28 -12.04 39.14
CA VAL A 238 7.68 -11.84 37.75
C VAL A 238 7.57 -10.35 37.46
N ASP A 239 8.66 -9.76 36.96
CA ASP A 239 8.65 -8.36 36.50
C ASP A 239 8.44 -8.41 34.99
N VAL A 240 7.21 -8.10 34.56
CA VAL A 240 6.82 -8.18 33.16
C VAL A 240 7.18 -6.85 32.49
N GLY A 241 8.18 -6.87 31.63
CA GLY A 241 8.68 -5.65 31.00
C GLY A 241 9.62 -4.85 31.88
N GLY A 242 10.46 -5.52 32.66
CA GLY A 242 11.35 -4.90 33.62
C GLY A 242 12.66 -4.39 33.07
N GLY A 243 12.81 -4.31 31.76
CA GLY A 243 14.04 -3.78 31.19
C GLY A 243 15.23 -4.64 31.55
N ARG A 244 16.32 -3.97 31.93
CA ARG A 244 17.55 -4.64 32.35
C ARG A 244 17.49 -5.15 33.78
N GLY A 245 16.35 -5.02 34.45
CA GLY A 245 16.14 -5.64 35.74
C GLY A 245 16.43 -4.79 36.95
N HIS A 246 16.60 -3.47 36.79
CA HIS A 246 16.93 -2.62 37.93
C HIS A 246 15.85 -2.69 39.00
N ASP A 247 14.57 -2.71 38.60
CA ASP A 247 13.47 -2.75 39.57
C ASP A 247 13.44 -4.07 40.31
N ILE A 248 13.56 -5.18 39.59
CA ILE A 248 13.49 -6.49 40.23
C ILE A 248 14.73 -6.73 41.09
N ALA A 249 15.86 -6.12 40.72
CA ALA A 249 17.06 -6.20 41.55
C ALA A 249 16.88 -5.43 42.86
N THR A 250 16.30 -4.23 42.79
CA THR A 250 15.96 -3.48 44.00
C THR A 250 15.07 -4.30 44.92
N PHE A 251 14.06 -4.97 44.34
CA PHE A 251 13.15 -5.79 45.13
C PHE A 251 13.89 -6.91 45.84
N GLY A 252 14.72 -7.65 45.10
CA GLY A 252 15.43 -8.78 45.70
C GLY A 252 16.30 -8.39 46.87
N SER A 253 16.95 -7.22 46.77
CA SER A 253 17.87 -6.81 47.83
C SER A 253 17.12 -6.38 49.09
N GLN A 254 15.94 -5.77 48.95
CA GLN A 254 15.19 -5.33 50.13
C GLN A 254 14.51 -6.48 50.87
N PHE A 255 14.28 -7.62 50.23
CA PHE A 255 13.46 -8.67 50.82
C PHE A 255 14.20 -10.01 50.89
N SER A 256 15.52 -9.97 50.97
CA SER A 256 16.30 -11.18 51.11
C SER A 256 16.34 -11.62 52.58
N PRO A 257 16.50 -12.93 52.84
CA PRO A 257 16.57 -14.05 51.89
C PRO A 257 15.22 -14.34 51.24
N LEU A 258 15.19 -14.42 49.91
CA LEU A 258 13.95 -14.55 49.18
C LEU A 258 13.37 -15.96 49.33
N PRO A 259 12.05 -16.09 49.51
CA PRO A 259 11.45 -17.42 49.65
C PRO A 259 11.14 -18.10 48.33
N GLY A 260 11.19 -17.37 47.22
CA GLY A 260 10.93 -17.93 45.90
C GLY A 260 11.69 -17.16 44.84
N ARG A 261 11.51 -17.60 43.60
CA ARG A 261 12.28 -17.07 42.47
C ARG A 261 11.77 -15.71 42.03
N LEU A 262 12.69 -14.88 41.53
CA LEU A 262 12.39 -13.64 40.83
C LEU A 262 12.70 -13.83 39.35
N VAL A 263 11.73 -13.56 38.48
CA VAL A 263 11.88 -13.76 37.05
C VAL A 263 11.66 -12.43 36.33
N LEU A 264 12.65 -12.01 35.56
CA LEU A 264 12.57 -10.83 34.70
C LEU A 264 12.13 -11.26 33.30
N GLN A 265 11.30 -10.44 32.66
CA GLN A 265 10.85 -10.71 31.30
C GLN A 265 10.90 -9.42 30.48
N ASP A 266 11.55 -9.49 29.32
CA ASP A 266 11.56 -8.36 28.38
C ASP A 266 11.87 -8.92 26.99
N ARG A 267 12.09 -8.02 26.04
CA ARG A 267 12.51 -8.42 24.70
C ARG A 267 13.94 -8.96 24.72
N GLU A 268 14.24 -9.89 23.82
CA GLU A 268 15.55 -10.53 23.81
C GLU A 268 16.67 -9.51 23.61
N GLN A 269 16.42 -8.47 22.80
CA GLN A 269 17.41 -7.43 22.56
C GLN A 269 17.67 -6.58 23.80
N VAL A 270 16.78 -6.64 24.79
CA VAL A 270 17.01 -5.99 26.07
C VAL A 270 17.70 -6.94 27.05
N ILE A 271 17.15 -8.15 27.17
CA ILE A 271 17.70 -9.16 28.08
C ILE A 271 19.17 -9.44 27.78
N ASN A 272 19.53 -9.56 26.50
CA ASN A 272 20.91 -9.89 26.16
C ASN A 272 21.86 -8.71 26.26
N SER A 273 21.38 -7.55 26.71
CA SER A 273 22.22 -6.40 27.01
C SER A 273 22.56 -6.28 28.49
N ILE A 274 22.07 -7.18 29.32
CA ILE A 274 22.34 -7.13 30.76
C ILE A 274 23.75 -7.65 31.02
N PRO A 275 24.58 -6.89 31.74
CA PRO A 275 25.94 -7.38 32.05
C PRO A 275 25.89 -8.66 32.88
N ALA A 276 26.69 -9.64 32.49
CA ALA A 276 26.76 -10.89 33.23
C ALA A 276 27.20 -10.63 34.66
N ASP A 277 26.49 -11.24 35.62
CA ASP A 277 26.70 -10.95 37.03
C ASP A 277 26.33 -12.17 37.84
N GLU A 278 27.32 -12.76 38.53
CA GLU A 278 27.07 -13.95 39.33
C GLU A 278 26.37 -13.66 40.65
N SER A 279 26.27 -12.40 41.06
CA SER A 279 25.57 -12.02 42.28
C SER A 279 24.11 -11.63 42.03
N ARG A 280 23.68 -11.61 40.77
CA ARG A 280 22.31 -11.28 40.43
C ARG A 280 21.33 -12.23 41.12
N GLN A 281 20.19 -11.70 41.55
CA GLN A 281 19.19 -12.48 42.28
C GLN A 281 17.97 -12.85 41.42
N PHE A 282 17.94 -12.46 40.15
CA PHE A 282 16.81 -12.74 39.29
C PHE A 282 17.26 -13.56 38.08
N GLU A 283 16.28 -14.21 37.45
CA GLU A 283 16.50 -14.96 36.23
C GLU A 283 16.03 -14.10 35.06
N ALA A 284 16.92 -13.89 34.08
CA ALA A 284 16.64 -13.00 32.97
C ALA A 284 16.12 -13.83 31.79
N THR A 285 14.85 -13.60 31.41
CA THR A 285 14.19 -14.37 30.37
C THR A 285 13.55 -13.45 29.32
N THR A 286 13.41 -13.97 28.12
CA THR A 286 12.73 -13.31 27.02
C THR A 286 11.25 -13.69 27.04
N HIS A 287 10.37 -12.70 26.94
CA HIS A 287 8.94 -12.97 26.84
C HIS A 287 8.24 -11.75 26.25
N ASP A 288 7.34 -12.01 25.29
CA ASP A 288 6.55 -10.98 24.62
C ASP A 288 5.26 -10.73 25.40
N ILE A 289 5.04 -9.49 25.83
CA ILE A 289 3.85 -9.16 26.62
C ILE A 289 2.55 -9.36 25.85
N PHE A 290 2.62 -9.55 24.53
CA PHE A 290 1.43 -9.80 23.74
C PHE A 290 1.19 -11.29 23.49
N THR A 291 1.93 -12.16 24.18
CA THR A 291 1.65 -13.58 24.25
C THR A 291 1.28 -13.96 25.68
N THR A 292 0.61 -15.11 25.81
CA THR A 292 0.20 -15.60 27.13
C THR A 292 1.40 -15.73 28.06
N GLN A 293 1.22 -15.25 29.29
CA GLN A 293 2.24 -15.30 30.33
C GLN A 293 2.69 -16.73 30.58
N PRO A 294 3.97 -17.08 30.34
CA PRO A 294 4.40 -18.48 30.44
C PRO A 294 4.62 -18.97 31.86
N VAL A 295 5.05 -18.10 32.77
CA VAL A 295 5.24 -18.48 34.17
C VAL A 295 3.87 -18.58 34.83
N LYS A 296 3.57 -19.74 35.41
CA LYS A 296 2.22 -20.07 35.87
C LYS A 296 2.15 -20.02 37.40
N HIS A 297 1.12 -19.34 37.91
CA HIS A 297 0.69 -19.42 39.31
C HIS A 297 1.68 -18.74 40.27
N ALA A 298 2.40 -17.72 39.81
CA ALA A 298 3.35 -17.02 40.67
C ALA A 298 2.62 -16.16 41.70
N ARG A 299 3.33 -15.80 42.75
CA ARG A 299 2.73 -15.00 43.82
C ARG A 299 2.42 -13.58 43.34
N ALA A 300 3.19 -13.06 42.40
CA ALA A 300 3.02 -11.70 41.94
C ALA A 300 3.49 -11.58 40.50
N TYR A 301 2.74 -10.81 39.72
CA TYR A 301 3.10 -10.41 38.36
C TYR A 301 3.12 -8.88 38.36
N TYR A 302 4.31 -8.31 38.18
CA TYR A 302 4.51 -6.88 38.38
C TYR A 302 4.82 -6.21 37.04
N MET A 303 4.26 -5.01 36.86
CA MET A 303 4.47 -4.21 35.66
C MET A 303 4.73 -2.76 36.06
N HIS A 304 5.77 -2.16 35.50
CA HIS A 304 6.12 -0.77 35.76
C HIS A 304 6.33 -0.06 34.44
N SER A 305 5.55 1.01 34.20
CA SER A 305 5.68 1.83 33.00
C SER A 305 5.61 0.98 31.72
N VAL A 306 4.62 0.10 31.64
CA VAL A 306 4.52 -0.74 30.45
C VAL A 306 3.22 -0.42 29.70
N PRO A 307 2.01 -0.81 30.16
CA PRO A 307 0.82 -0.53 29.35
C PRO A 307 0.49 0.96 29.21
N HIS A 308 1.16 1.86 29.93
CA HIS A 308 0.92 3.28 29.68
C HIS A 308 1.40 3.72 28.31
N GLY A 309 2.25 2.93 27.66
CA GLY A 309 2.73 3.25 26.33
C GLY A 309 1.88 2.76 25.20
N PHE A 310 0.73 2.15 25.51
CA PHE A 310 -0.09 1.50 24.50
C PHE A 310 -1.53 1.99 24.59
N GLY A 311 -2.23 1.91 23.46
CA GLY A 311 -3.64 2.25 23.43
C GLY A 311 -4.49 1.24 24.20
N ASP A 312 -5.78 1.54 24.29
CA ASP A 312 -6.67 0.75 25.15
C ASP A 312 -6.71 -0.71 24.74
N GLU A 313 -6.87 -0.99 23.44
CA GLU A 313 -7.02 -2.37 22.99
C GLU A 313 -5.75 -3.18 23.26
N ASP A 314 -4.58 -2.57 23.07
CA ASP A 314 -3.34 -3.27 23.39
C ASP A 314 -3.17 -3.45 24.89
N ALA A 315 -3.38 -2.37 25.66
CA ALA A 315 -3.22 -2.46 27.10
C ALA A 315 -4.13 -3.53 27.72
N VAL A 316 -5.33 -3.71 27.15
CA VAL A 316 -6.20 -4.80 27.62
C VAL A 316 -5.54 -6.15 27.36
N LYS A 317 -5.00 -6.34 26.16
CA LYS A 317 -4.31 -7.58 25.84
C LYS A 317 -3.12 -7.82 26.77
N ILE A 318 -2.39 -6.76 27.11
CA ILE A 318 -1.22 -6.89 27.98
C ILE A 318 -1.62 -7.42 29.35
N MET A 319 -2.66 -6.81 29.93
CA MET A 319 -3.19 -7.29 31.21
C MET A 319 -3.88 -8.64 31.08
N ALA A 320 -4.65 -8.84 30.01
CA ALA A 320 -5.39 -10.09 29.82
C ALA A 320 -4.46 -11.28 29.66
N ASN A 321 -3.28 -11.07 29.07
CA ASN A 321 -2.36 -12.19 28.85
C ASN A 321 -1.79 -12.74 30.15
N LEU A 322 -1.95 -12.02 31.28
CA LEU A 322 -1.61 -12.58 32.59
C LEU A 322 -2.70 -13.50 33.13
N VAL A 323 -3.95 -13.31 32.69
CA VAL A 323 -5.08 -14.00 33.31
C VAL A 323 -4.93 -15.52 33.29
N PRO A 324 -4.58 -16.16 32.16
CA PRO A 324 -4.47 -17.63 32.18
C PRO A 324 -3.42 -18.17 33.15
N ALA A 325 -2.47 -17.35 33.58
CA ALA A 325 -1.39 -17.79 34.47
C ALA A 325 -1.70 -17.59 35.95
N LEU A 326 -2.75 -16.84 36.29
CA LEU A 326 -3.01 -16.46 37.67
C LEU A 326 -3.65 -17.61 38.44
N ALA A 327 -3.14 -17.86 39.65
CA ALA A 327 -3.75 -18.84 40.55
C ALA A 327 -4.81 -18.15 41.40
N LYS A 328 -6.06 -18.55 41.22
CA LYS A 328 -7.18 -17.92 41.91
C LYS A 328 -6.96 -17.90 43.43
N GLY A 329 -7.15 -16.73 44.03
CA GLY A 329 -6.94 -16.56 45.45
C GLY A 329 -5.49 -16.51 45.89
N TYR A 330 -4.55 -16.47 44.95
CA TYR A 330 -3.14 -16.52 45.32
C TYR A 330 -2.33 -15.49 44.53
N SER A 331 -2.47 -15.48 43.21
CA SER A 331 -1.63 -14.63 42.37
C SER A 331 -2.07 -13.16 42.47
N ARG A 332 -1.12 -12.28 42.76
CA ARG A 332 -1.34 -10.84 42.77
C ARG A 332 -0.86 -10.23 41.46
N VAL A 333 -1.62 -9.29 40.91
CA VAL A 333 -1.20 -8.48 39.77
C VAL A 333 -0.88 -7.09 40.30
N LEU A 334 0.35 -6.64 40.08
CA LEU A 334 0.84 -5.37 40.61
C LEU A 334 1.21 -4.45 39.45
N LEU A 335 0.36 -3.45 39.20
CA LEU A 335 0.56 -2.52 38.09
C LEU A 335 1.05 -1.19 38.66
N ASN A 336 2.27 -0.81 38.32
CA ASN A 336 2.96 0.33 38.92
C ASN A 336 2.97 1.43 37.87
N GLU A 337 1.91 2.24 37.85
CA GLU A 337 1.73 3.24 36.82
C GLU A 337 1.16 4.52 37.42
N ILE A 338 1.35 5.62 36.68
CA ILE A 338 0.76 6.90 37.04
C ILE A 338 -0.76 6.80 36.95
N VAL A 339 -1.44 7.33 37.96
CA VAL A 339 -2.89 7.44 37.98
C VAL A 339 -3.20 8.93 37.96
N VAL A 340 -3.56 9.45 36.78
CA VAL A 340 -3.80 10.88 36.62
C VAL A 340 -5.01 11.29 37.45
N ASP A 341 -4.85 12.35 38.25
CA ASP A 341 -5.93 13.00 38.97
C ASP A 341 -6.28 14.25 38.17
N GLU A 342 -7.31 14.17 37.34
CA GLU A 342 -7.61 15.32 36.50
C GLU A 342 -8.30 16.44 37.27
N GLU A 343 -8.59 16.25 38.54
CA GLU A 343 -8.93 17.37 39.42
C GLU A 343 -7.71 18.03 40.06
N ARG A 344 -6.52 17.48 39.84
CA ARG A 344 -5.29 18.06 40.38
C ARG A 344 -4.14 17.76 39.43
N PRO A 345 -3.91 18.63 38.44
CA PRO A 345 -2.78 18.44 37.53
C PRO A 345 -1.45 18.64 38.26
N VAL A 346 -0.53 17.68 38.08
CA VAL A 346 0.79 17.75 38.68
C VAL A 346 1.84 17.42 37.64
N MET A 347 3.00 18.08 37.75
CA MET A 347 4.09 17.92 36.80
C MET A 347 4.48 16.46 36.59
N SER A 348 4.46 15.65 37.66
CA SER A 348 4.90 14.28 37.55
C SER A 348 4.08 13.49 36.54
N ALA A 349 2.78 13.78 36.44
CA ALA A 349 1.90 13.11 35.50
C ALA A 349 1.89 13.79 34.13
N THR A 350 1.92 15.13 34.10
CA THR A 350 1.92 15.83 32.81
C THR A 350 3.24 15.60 32.07
N ASN A 351 4.36 15.54 32.80
CA ASN A 351 5.63 15.16 32.19
C ASN A 351 5.50 13.87 31.40
N MET A 352 5.09 12.80 32.08
CA MET A 352 5.12 11.48 31.47
C MET A 352 3.99 11.32 30.47
N ASP A 353 2.86 12.00 30.69
CA ASP A 353 1.80 12.01 29.70
C ASP A 353 2.30 12.54 28.35
N LEU A 354 2.99 13.68 28.37
CA LEU A 354 3.49 14.27 27.13
C LEU A 354 4.64 13.46 26.55
N ILE A 355 5.51 12.92 27.41
CA ILE A 355 6.51 11.96 26.94
C ILE A 355 5.83 10.79 26.24
N MET A 356 4.69 10.34 26.77
CA MET A 356 4.01 9.22 26.16
C MET A 356 3.48 9.62 24.79
N LEU A 357 3.01 10.87 24.66
CA LEU A 357 2.49 11.38 23.40
C LEU A 357 3.59 11.56 22.36
N ALA A 358 4.77 12.04 22.79
CA ALA A 358 5.84 12.39 21.86
C ALA A 358 6.65 11.19 21.38
N HIS A 359 6.50 10.02 22.00
CA HIS A 359 7.21 8.82 21.59
C HIS A 359 6.27 7.73 21.09
N MET A 360 5.24 7.41 21.85
CA MET A 360 4.38 6.27 21.60
C MET A 360 3.01 6.66 21.04
N GLY A 361 2.69 7.95 21.04
CA GLY A 361 1.36 8.42 20.70
C GLY A 361 0.35 8.02 21.75
N ALA A 362 0.83 7.61 22.92
CA ALA A 362 0.00 7.07 23.99
C ALA A 362 -0.24 8.15 25.06
N LYS A 363 -0.76 7.74 26.22
CA LYS A 363 -1.16 8.69 27.26
C LYS A 363 -1.14 8.02 28.62
N GLU A 364 -1.12 8.86 29.67
CA GLU A 364 -1.39 8.39 31.01
C GLU A 364 -2.90 8.36 31.27
N ARG A 365 -3.30 7.62 32.30
CA ARG A 365 -4.70 7.29 32.50
C ARG A 365 -5.17 7.64 33.90
N THR A 366 -6.47 7.93 34.01
CA THR A 366 -7.13 8.15 35.28
C THR A 366 -7.44 6.82 35.95
N GLU A 367 -7.91 6.89 37.20
CA GLU A 367 -8.32 5.66 37.89
C GLU A 367 -9.50 5.02 37.19
N ALA A 368 -10.41 5.83 36.63
CA ALA A 368 -11.52 5.28 35.86
C ALA A 368 -11.02 4.55 34.61
N ASP A 369 -10.08 5.15 33.88
CA ASP A 369 -9.50 4.50 32.70
C ASP A 369 -8.90 3.16 33.06
N TRP A 370 -8.08 3.11 34.12
CA TRP A 370 -7.39 1.87 34.49
C TRP A 370 -8.37 0.80 34.92
N ARG A 371 -9.38 1.17 35.72
CA ARG A 371 -10.39 0.21 36.13
C ARG A 371 -11.12 -0.37 34.92
N SER A 372 -11.36 0.46 33.90
CA SER A 372 -12.07 -0.03 32.72
C SER A 372 -11.19 -0.98 31.90
N ILE A 373 -9.89 -0.69 31.79
CA ILE A 373 -8.98 -1.61 31.10
C ILE A 373 -8.87 -2.92 31.87
N LEU A 374 -8.68 -2.83 33.19
CA LEU A 374 -8.52 -4.04 34.00
C LEU A 374 -9.78 -4.90 33.95
N THR A 375 -10.95 -4.28 34.06
CA THR A 375 -12.20 -5.04 33.96
C THR A 375 -12.33 -5.73 32.62
N ARG A 376 -11.93 -5.04 31.54
CA ARG A 376 -11.99 -5.65 30.21
C ARG A 376 -11.00 -6.80 30.07
N ALA A 377 -9.89 -6.75 30.80
CA ALA A 377 -8.92 -7.83 30.79
C ALA A 377 -9.32 -9.01 31.67
N GLY A 378 -10.45 -8.92 32.37
CA GLY A 378 -10.86 -9.97 33.29
C GLY A 378 -10.25 -9.86 34.65
N LEU A 379 -9.90 -8.65 35.10
CA LEU A 379 -9.30 -8.41 36.40
C LEU A 379 -10.16 -7.43 37.19
N LYS A 380 -9.99 -7.42 38.51
CA LYS A 380 -10.65 -6.44 39.36
C LYS A 380 -9.64 -5.89 40.38
N VAL A 381 -9.82 -4.62 40.74
CA VAL A 381 -8.87 -3.89 41.57
C VAL A 381 -9.12 -4.23 43.04
N VAL A 382 -8.06 -4.66 43.73
CA VAL A 382 -8.15 -4.91 45.16
C VAL A 382 -8.00 -3.60 45.93
N ASN A 383 -6.94 -2.84 45.63
CA ASN A 383 -6.61 -1.60 46.30
C ASN A 383 -5.65 -0.82 45.42
N ILE A 384 -5.56 0.48 45.67
CA ILE A 384 -4.61 1.35 44.98
C ILE A 384 -3.76 2.05 46.03
N TYR A 385 -2.45 1.96 45.89
CA TYR A 385 -1.52 2.53 46.85
C TYR A 385 -0.78 3.70 46.20
N SER A 386 -0.55 4.75 46.98
CA SER A 386 0.18 5.90 46.51
C SER A 386 1.15 6.35 47.60
N TYR A 387 2.04 7.28 47.24
CA TYR A 387 3.07 7.73 48.16
C TYR A 387 3.31 9.20 47.89
N PRO A 388 3.44 10.03 48.93
CA PRO A 388 3.66 11.47 48.71
C PRO A 388 4.90 11.72 47.88
N GLY A 389 4.73 12.54 46.84
CA GLY A 389 5.84 12.91 45.98
C GLY A 389 6.22 11.91 44.91
N VAL A 390 5.65 10.71 44.91
CA VAL A 390 5.99 9.68 43.93
C VAL A 390 4.97 9.73 42.81
N ALA A 391 5.45 9.80 41.57
CA ALA A 391 4.57 9.95 40.42
C ALA A 391 3.60 8.78 40.29
N GLU A 392 4.08 7.55 40.45
CA GLU A 392 3.30 6.36 40.17
C GLU A 392 2.51 5.91 41.40
N SER A 393 1.40 5.23 41.14
CA SER A 393 0.67 4.48 42.15
C SER A 393 0.99 3.01 42.00
N LEU A 394 0.51 2.22 42.96
CA LEU A 394 0.59 0.76 42.90
C LEU A 394 -0.84 0.22 42.94
N ILE A 395 -1.33 -0.27 41.81
CA ILE A 395 -2.66 -0.89 41.73
C ILE A 395 -2.50 -2.39 41.95
N GLU A 396 -3.14 -2.93 42.97
CA GLU A 396 -3.20 -4.38 43.14
C GLU A 396 -4.50 -4.89 42.53
N ALA A 397 -4.39 -5.88 41.66
CA ALA A 397 -5.55 -6.47 41.00
C ALA A 397 -5.53 -7.98 41.20
N GLU A 398 -6.65 -8.60 40.84
CA GLU A 398 -6.84 -10.03 41.03
C GLU A 398 -7.78 -10.52 39.94
N LEU A 399 -7.80 -11.83 39.73
CA LEU A 399 -8.76 -12.44 38.81
C LEU A 399 -10.17 -11.98 39.10
N ALA A 400 -10.90 -11.60 38.06
CA ALA A 400 -12.28 -11.19 38.21
C ALA A 400 -13.15 -12.38 38.62
N ALA B 6 26.04 25.81 49.98
CA ALA B 6 24.79 26.27 50.58
C ALA B 6 23.81 25.12 50.73
N SER B 7 23.53 24.74 51.98
CA SER B 7 22.58 23.69 52.27
C SER B 7 21.15 24.17 52.02
N PRO B 8 20.20 23.25 51.86
CA PRO B 8 18.79 23.67 51.75
C PRO B 8 18.31 24.50 52.94
N ALA B 9 18.75 24.16 54.15
CA ALA B 9 18.38 24.96 55.32
C ALA B 9 18.95 26.37 55.22
N SER B 10 20.16 26.51 54.67
CA SER B 10 20.76 27.82 54.48
C SER B 10 20.02 28.64 53.43
N ILE B 11 19.60 28.01 52.33
CA ILE B 11 18.87 28.72 51.29
C ILE B 11 17.48 29.11 51.78
N ILE B 12 16.82 28.24 52.54
CA ILE B 12 15.50 28.55 53.08
C ILE B 12 15.54 29.83 53.91
N GLN B 13 16.62 30.03 54.66
CA GLN B 13 16.78 31.28 55.40
C GLN B 13 17.03 32.46 54.47
N GLU B 14 17.88 32.29 53.46
CA GLU B 14 18.18 33.40 52.56
C GLU B 14 16.98 33.75 51.69
N LEU B 15 16.11 32.77 51.43
CA LEU B 15 14.85 33.08 50.75
C LEU B 15 13.93 33.89 51.66
N ALA B 16 13.82 33.48 52.93
CA ALA B 16 12.98 34.20 53.87
C ALA B 16 13.47 35.62 54.10
N SER B 17 14.78 35.85 54.03
CA SER B 17 15.30 37.21 54.15
C SER B 17 15.07 38.02 52.89
N ALA B 18 15.14 37.38 51.72
CA ALA B 18 14.82 38.07 50.47
C ALA B 18 13.34 38.39 50.38
N ALA B 19 12.48 37.53 50.93
CA ALA B 19 11.05 37.81 50.94
C ALA B 19 10.74 39.08 51.73
N LYS B 20 11.41 39.27 52.87
CA LYS B 20 11.20 40.47 53.68
C LYS B 20 11.59 41.74 52.92
N GLN B 21 12.70 41.68 52.17
CA GLN B 21 13.12 42.83 51.37
C GLN B 21 12.15 43.08 50.23
N TYR B 22 11.63 42.01 49.62
CA TYR B 22 10.58 42.15 48.62
C TYR B 22 9.33 42.79 49.22
N GLU B 23 9.01 42.45 50.47
CA GLU B 23 7.88 43.07 51.15
C GLU B 23 8.17 44.53 51.46
N ASN B 24 9.43 44.85 51.78
CA ASN B 24 9.89 46.23 51.95
C ASN B 24 10.03 46.96 50.62
N ASN B 25 9.80 46.29 49.50
CA ASN B 25 9.77 46.90 48.17
C ASN B 25 11.14 47.43 47.75
N GLU B 26 12.21 46.82 48.23
CA GLU B 26 13.55 47.22 47.86
C GLU B 26 13.85 46.85 46.41
N SER B 27 14.71 47.64 45.77
CA SER B 27 15.00 47.44 44.35
C SER B 27 15.71 46.11 44.13
N GLY B 28 15.24 45.36 43.14
CA GLY B 28 15.83 44.07 42.81
C GLY B 28 15.52 42.95 43.76
N ALA B 29 14.69 43.19 44.80
CA ALA B 29 14.39 42.11 45.75
C ALA B 29 13.48 41.06 45.13
N ARG B 30 12.61 41.46 44.19
CA ARG B 30 11.83 40.48 43.44
C ARG B 30 12.75 39.54 42.67
N GLU B 31 13.74 40.10 41.97
CA GLU B 31 14.68 39.28 41.22
C GLU B 31 15.54 38.42 42.13
N ALA B 32 15.94 38.96 43.29
CA ALA B 32 16.69 38.17 44.25
C ALA B 32 15.84 37.03 44.82
N LEU B 33 14.55 37.30 45.07
CA LEU B 33 13.66 36.25 45.57
C LEU B 33 13.50 35.13 44.56
N ILE B 34 13.48 35.48 43.27
CA ILE B 34 13.40 34.46 42.21
C ILE B 34 14.66 33.60 42.20
N ALA B 35 15.83 34.24 42.32
CA ALA B 35 17.09 33.49 42.24
C ALA B 35 17.30 32.59 43.46
N GLN B 36 16.81 33.02 44.63
CA GLN B 36 16.85 32.15 45.79
C GLN B 36 15.92 30.95 45.62
N SER B 37 14.75 31.18 45.04
CA SER B 37 13.83 30.08 44.77
C SER B 37 14.44 29.07 43.80
N ARG B 38 15.23 29.55 42.83
CA ARG B 38 15.86 28.63 41.88
C ARG B 38 17.00 27.86 42.53
N ALA B 39 17.77 28.53 43.39
CA ALA B 39 18.82 27.84 44.12
C ALA B 39 18.26 26.79 45.06
N LEU B 40 17.07 27.04 45.63
CA LEU B 40 16.45 26.06 46.52
C LEU B 40 16.00 24.82 45.74
N ILE B 41 15.47 25.02 44.54
CA ILE B 41 15.06 23.89 43.70
C ILE B 41 16.25 23.00 43.39
N ALA B 42 17.39 23.61 43.02
CA ALA B 42 18.55 22.82 42.64
C ALA B 42 19.17 22.11 43.83
N SER B 43 19.06 22.68 45.03
CA SER B 43 19.59 22.02 46.22
C SER B 43 18.72 20.86 46.68
N LEU B 44 17.55 20.66 46.08
CA LEU B 44 16.59 19.65 46.50
C LEU B 44 16.33 18.57 45.46
N GLU B 45 16.30 18.92 44.17
CA GLU B 45 15.98 17.95 43.14
C GLU B 45 17.04 16.86 43.08
N VAL B 46 16.58 15.61 42.99
CA VAL B 46 17.46 14.48 42.72
C VAL B 46 17.77 14.53 41.23
N PRO B 47 18.83 13.87 40.74
CA PRO B 47 19.17 13.99 39.31
C PRO B 47 18.05 13.59 38.36
N SER B 48 17.23 12.58 38.70
CA SER B 48 16.18 12.16 37.78
C SER B 48 15.16 13.28 37.58
N GLU B 49 14.85 14.04 38.64
CA GLU B 49 13.93 15.15 38.51
C GLU B 49 14.52 16.28 37.67
N PHE B 50 15.83 16.49 37.76
CA PHE B 50 16.47 17.47 36.90
C PHE B 50 16.37 17.05 35.44
N ILE B 51 16.50 15.75 35.17
CA ILE B 51 16.37 15.25 33.80
C ILE B 51 14.96 15.48 33.29
N GLN B 52 13.96 15.14 34.10
CA GLN B 52 12.57 15.30 33.68
C GLN B 52 12.20 16.76 33.48
N HIS B 53 12.69 17.66 34.35
CA HIS B 53 12.36 19.07 34.16
C HIS B 53 13.08 19.66 32.95
N THR B 54 14.36 19.33 32.76
CA THR B 54 15.14 19.96 31.70
C THR B 54 14.74 19.44 30.32
N PHE B 55 14.54 18.12 30.19
CA PHE B 55 14.34 17.51 28.88
C PHE B 55 12.91 17.05 28.61
N TRP B 56 12.04 17.00 29.61
CA TRP B 56 10.62 16.71 29.39
C TRP B 56 9.76 17.95 29.58
N SER B 57 9.78 18.55 30.77
CA SER B 57 8.82 19.59 31.10
C SER B 57 9.04 20.84 30.26
N GLN B 58 10.29 21.31 30.17
CA GLN B 58 10.54 22.57 29.48
C GLN B 58 10.37 22.46 27.97
N PRO B 59 10.90 21.43 27.28
CA PRO B 59 10.63 21.35 25.84
C PRO B 59 9.15 21.22 25.52
N ALA B 60 8.40 20.51 26.36
CA ALA B 60 6.96 20.41 26.15
C ALA B 60 6.26 21.74 26.41
N LEU B 61 6.71 22.47 27.43
CA LEU B 61 6.19 23.83 27.66
C LEU B 61 6.45 24.72 26.46
N SER B 62 7.68 24.72 25.95
CA SER B 62 8.01 25.51 24.76
C SER B 62 7.08 25.17 23.60
N ALA B 63 6.88 23.87 23.36
CA ALA B 63 6.06 23.43 22.23
C ALA B 63 4.61 23.86 22.39
N ILE B 64 4.04 23.67 23.60
CA ILE B 64 2.63 24.01 23.81
C ILE B 64 2.42 25.52 23.71
N VAL B 65 3.29 26.31 24.35
CA VAL B 65 3.16 27.77 24.30
C VAL B 65 3.25 28.26 22.85
N ARG B 66 4.17 27.68 22.07
CA ARG B 66 4.21 27.97 20.64
C ARG B 66 2.89 27.60 19.97
N LEU B 67 2.39 26.39 20.23
CA LEU B 67 1.11 25.97 19.67
C LEU B 67 -0.03 26.88 20.12
N ALA B 68 0.08 27.47 21.31
CA ALA B 68 -0.92 28.42 21.78
C ALA B 68 -1.08 29.60 20.81
N THR B 69 0.03 30.11 20.26
CA THR B 69 -0.10 31.24 19.34
C THR B 69 -0.81 30.86 18.03
N ASP B 70 -0.88 29.57 17.68
CA ASP B 70 -1.58 29.18 16.47
C ASP B 70 -3.09 29.12 16.65
N VAL B 71 -3.57 28.88 17.87
CA VAL B 71 -4.98 28.60 18.12
C VAL B 71 -5.64 29.61 19.05
N ASN B 72 -4.97 30.74 19.33
CA ASN B 72 -5.60 31.87 20.03
C ASN B 72 -5.91 31.54 21.50
N LEU B 73 -5.15 30.61 22.10
CA LEU B 73 -5.49 30.12 23.43
C LEU B 73 -5.44 31.21 24.49
N PHE B 74 -4.35 31.98 24.51
CA PHE B 74 -4.19 33.00 25.55
C PHE B 74 -5.14 34.17 25.35
N GLN B 75 -5.57 34.43 24.11
CA GLN B 75 -6.56 35.46 23.86
C GLN B 75 -7.96 35.02 24.32
N TYR B 76 -8.30 33.74 24.15
CA TYR B 76 -9.59 33.26 24.64
C TYR B 76 -9.65 33.29 26.16
N LEU B 77 -8.57 32.90 26.84
CA LEU B 77 -8.58 32.93 28.30
C LEU B 77 -8.56 34.35 28.84
N LYS B 78 -7.91 35.28 28.14
CA LYS B 78 -7.97 36.69 28.53
C LYS B 78 -9.39 37.21 28.42
N ASP B 79 -10.06 36.95 27.29
CA ASP B 79 -11.43 37.42 27.09
C ASP B 79 -12.42 36.74 28.03
N ALA B 80 -12.12 35.52 28.49
CA ALA B 80 -12.99 34.84 29.43
C ALA B 80 -12.88 35.40 30.84
N GLN B 81 -11.80 36.10 31.15
CA GLN B 81 -11.61 36.80 32.42
C GLN B 81 -11.83 35.89 33.63
N GLU B 82 -12.45 36.42 34.68
CA GLU B 82 -12.66 35.64 35.90
C GLU B 82 -13.61 34.47 35.70
N GLU B 83 -14.23 34.35 34.52
CA GLU B 83 -15.15 33.25 34.24
C GLU B 83 -14.43 31.99 33.78
N GLY B 84 -13.38 32.15 32.98
CA GLY B 84 -12.66 31.00 32.48
C GLY B 84 -13.46 30.20 31.45
N LEU B 85 -12.87 29.05 31.08
CA LEU B 85 -13.47 28.16 30.10
C LEU B 85 -13.05 26.73 30.39
N ASN B 86 -14.00 25.80 30.37
CA ASN B 86 -13.65 24.41 30.57
C ASN B 86 -13.02 23.83 29.30
N ALA B 87 -12.58 22.58 29.37
CA ALA B 87 -11.88 21.97 28.24
C ALA B 87 -12.78 21.89 27.02
N GLU B 88 -14.06 21.57 27.20
CA GLU B 88 -14.98 21.48 26.07
C GLU B 88 -15.13 22.82 25.37
N ALA B 89 -15.32 23.89 26.14
CA ALA B 89 -15.47 25.22 25.53
C ALA B 89 -14.21 25.62 24.77
N LEU B 90 -13.05 25.56 25.44
CA LEU B 90 -11.80 25.97 24.79
C LEU B 90 -11.46 25.07 23.61
N ALA B 91 -11.78 23.77 23.69
CA ALA B 91 -11.58 22.91 22.54
C ALA B 91 -12.48 23.32 21.38
N SER B 92 -13.68 23.79 21.69
CA SER B 92 -14.60 24.23 20.64
C SER B 92 -14.10 25.51 19.97
N LYS B 93 -13.59 26.45 20.77
CA LYS B 93 -13.09 27.70 20.19
C LYS B 93 -11.79 27.47 19.41
N THR B 94 -10.88 26.68 19.96
CA THR B 94 -9.58 26.46 19.34
C THR B 94 -9.61 25.47 18.17
N GLY B 95 -10.72 24.75 17.98
CA GLY B 95 -10.77 23.73 16.95
C GLY B 95 -9.94 22.51 17.26
N MET B 96 -9.72 22.21 18.54
CA MET B 96 -8.88 21.12 18.98
C MET B 96 -9.71 19.96 19.51
N ASP B 97 -9.16 18.76 19.35
CA ASP B 97 -9.71 17.59 20.04
C ASP B 97 -9.71 17.84 21.54
N VAL B 98 -10.82 17.52 22.20
CA VAL B 98 -10.98 17.89 23.61
C VAL B 98 -9.93 17.20 24.47
N SER B 99 -9.68 15.91 24.22
CA SER B 99 -8.71 15.17 25.03
C SER B 99 -7.30 15.70 24.80
N LEU B 100 -6.95 15.97 23.54
CA LEU B 100 -5.68 16.62 23.24
C LEU B 100 -5.54 17.94 24.00
N PHE B 101 -6.53 18.82 23.83
CA PHE B 101 -6.47 20.12 24.49
C PHE B 101 -6.30 19.98 25.99
N ALA B 102 -7.13 19.16 26.63
CA ALA B 102 -7.09 19.02 28.07
C ALA B 102 -5.70 18.59 28.52
N ARG B 103 -5.11 17.61 27.84
CA ARG B 103 -3.78 17.12 28.19
C ARG B 103 -2.73 18.21 28.07
N LEU B 104 -2.80 19.02 26.99
CA LEU B 104 -1.83 20.09 26.81
C LEU B 104 -2.04 21.21 27.82
N ALA B 105 -3.30 21.61 28.03
CA ALA B 105 -3.62 22.63 29.01
C ALA B 105 -3.27 22.18 30.43
N ARG B 106 -3.34 20.88 30.71
N ARG B 106 -3.35 20.88 30.71
CA ARG B 106 -3.00 20.40 32.04
CA ARG B 106 -2.99 20.39 32.03
C ARG B 106 -1.50 20.54 32.30
C ARG B 106 -1.50 20.58 32.30
N HIS B 107 -0.67 20.43 31.26
CA HIS B 107 0.75 20.74 31.44
C HIS B 107 0.96 22.22 31.73
N LEU B 108 0.19 23.09 31.05
CA LEU B 108 0.26 24.52 31.34
C LEU B 108 -0.11 24.81 32.79
N VAL B 109 -1.17 24.19 33.29
CA VAL B 109 -1.52 24.28 34.70
C VAL B 109 -0.33 23.86 35.56
N ALA B 110 0.22 22.68 35.29
CA ALA B 110 1.31 22.14 36.08
C ALA B 110 2.54 23.04 36.04
N MET B 111 2.79 23.71 34.91
CA MET B 111 3.92 24.62 34.74
C MET B 111 3.64 26.02 35.25
N ASN B 112 2.45 26.27 35.79
CA ASN B 112 2.08 27.55 36.39
C ASN B 112 1.88 28.65 35.36
N VAL B 113 1.45 28.32 34.14
CA VAL B 113 1.20 29.31 33.10
C VAL B 113 -0.27 29.71 33.05
N ILE B 114 -1.16 28.75 33.29
CA ILE B 114 -2.58 29.00 33.51
C ILE B 114 -2.97 28.24 34.77
N THR B 115 -4.19 28.49 35.26
CA THR B 115 -4.69 27.81 36.44
C THR B 115 -5.95 27.03 36.10
N SER B 116 -6.30 26.11 36.99
CA SER B 116 -7.53 25.34 36.85
C SER B 116 -8.21 25.19 38.21
N ARG B 117 -9.52 25.00 38.17
CA ARG B 117 -10.33 24.84 39.38
C ARG B 117 -11.65 24.19 38.96
N ASN B 118 -11.90 22.97 39.43
CA ASN B 118 -13.15 22.27 39.16
C ASN B 118 -13.42 22.15 37.66
N GLY B 119 -12.39 21.77 36.92
CA GLY B 119 -12.48 21.55 35.49
C GLY B 119 -12.38 22.80 34.63
N VAL B 120 -12.38 23.99 35.22
CA VAL B 120 -12.35 25.25 34.48
C VAL B 120 -10.92 25.75 34.40
N PHE B 121 -10.55 26.33 33.27
CA PHE B 121 -9.23 26.92 33.06
C PHE B 121 -9.34 28.44 33.10
N TYR B 122 -8.33 29.09 33.67
CA TYR B 122 -8.36 30.53 33.92
C TYR B 122 -7.04 31.16 33.49
N GLY B 123 -7.13 32.33 32.90
CA GLY B 123 -5.93 33.08 32.58
C GLY B 123 -5.20 33.54 33.82
N THR B 124 -3.91 33.81 33.64
CA THR B 124 -3.06 34.43 34.64
C THR B 124 -2.56 35.76 34.10
N ALA B 125 -1.95 36.55 34.97
CA ALA B 125 -1.26 37.75 34.50
C ALA B 125 -0.23 37.39 33.43
N LEU B 126 0.46 36.26 33.61
CA LEU B 126 1.41 35.78 32.60
C LEU B 126 0.70 35.45 31.29
N SER B 127 -0.32 34.58 31.34
CA SER B 127 -0.99 34.17 30.12
C SER B 127 -1.74 35.34 29.47
N ASN B 128 -2.35 36.21 30.28
CA ASN B 128 -2.93 37.43 29.74
C ASN B 128 -1.88 38.29 29.07
N GLY B 129 -0.69 38.40 29.69
CA GLY B 129 0.38 39.16 29.07
C GLY B 129 0.89 38.54 27.80
N LEU B 130 0.94 37.20 27.75
CA LEU B 130 1.41 36.50 26.56
C LEU B 130 0.40 36.56 25.41
N ALA B 131 -0.82 37.06 25.65
CA ALA B 131 -1.81 37.21 24.60
C ALA B 131 -1.55 38.43 23.71
N ALA B 132 -0.72 39.37 24.15
CA ALA B 132 -0.40 40.53 23.33
C ALA B 132 0.37 40.10 22.08
N GLU B 133 0.18 40.87 21.00
CA GLU B 133 0.74 40.48 19.71
C GLU B 133 2.27 40.53 19.71
N ASN B 134 2.89 41.41 20.50
CA ASN B 134 4.35 41.43 20.50
C ASN B 134 4.92 40.19 21.19
N TYR B 135 4.21 39.64 22.18
CA TYR B 135 4.63 38.38 22.79
C TYR B 135 4.28 37.18 21.92
N GLN B 136 3.16 37.23 21.21
CA GLN B 136 2.84 36.19 20.26
C GLN B 136 3.96 36.02 19.24
N GLN B 137 4.45 37.14 18.69
CA GLN B 137 5.50 37.09 17.68
C GLN B 137 6.86 36.77 18.30
N SER B 138 7.07 37.12 19.57
CA SER B 138 8.29 36.70 20.26
C SER B 138 8.34 35.19 20.42
N ILE B 139 7.22 34.58 20.83
CA ILE B 139 7.15 33.14 21.00
C ILE B 139 7.41 32.44 19.67
N ARG B 140 6.82 32.95 18.58
CA ARG B 140 7.04 32.36 17.26
C ARG B 140 8.50 32.46 16.83
N PHE B 141 9.10 33.64 16.97
CA PHE B 141 10.52 33.78 16.65
C PHE B 141 11.36 32.80 17.48
N CYS B 142 11.13 32.76 18.79
CA CYS B 142 11.97 31.95 19.67
C CYS B 142 11.87 30.47 19.33
N HIS B 143 10.67 29.97 19.04
CA HIS B 143 10.53 28.53 18.82
C HIS B 143 10.92 28.11 17.40
N ASP B 144 10.66 28.95 16.39
CA ASP B 144 10.98 28.61 15.01
C ASP B 144 12.41 28.95 14.61
N VAL B 145 13.05 29.92 15.27
CA VAL B 145 14.35 30.45 14.85
C VAL B 145 15.45 30.13 15.84
N SER B 146 15.29 30.55 17.11
CA SER B 146 16.34 30.39 18.10
C SER B 146 16.49 28.94 18.57
N ARG B 147 15.37 28.28 18.85
CA ARG B 147 15.40 26.91 19.39
C ARG B 147 16.23 25.95 18.54
N PRO B 148 16.09 25.87 17.22
CA PRO B 148 16.97 24.96 16.46
C PRO B 148 18.44 25.33 16.54
N SER B 149 18.76 26.62 16.67
CA SER B 149 20.16 27.01 16.82
C SER B 149 20.76 26.46 18.11
N PHE B 150 20.00 26.53 19.21
CA PHE B 150 20.46 25.92 20.45
C PHE B 150 20.55 24.40 20.32
N GLY B 151 19.60 23.78 19.63
CA GLY B 151 19.64 22.34 19.45
C GLY B 151 20.87 21.87 18.69
N ALA B 152 21.48 22.76 17.91
CA ALA B 152 22.63 22.43 17.10
C ALA B 152 23.96 22.71 17.79
N PHE B 153 23.97 23.31 18.98
CA PHE B 153 25.22 23.54 19.70
C PHE B 153 26.08 22.29 19.81
N PRO B 154 25.57 21.13 20.26
CA PRO B 154 26.47 19.97 20.44
C PRO B 154 27.09 19.46 19.15
N SER B 155 26.32 19.35 18.07
CA SER B 155 26.87 18.85 16.82
C SER B 155 27.76 19.89 16.16
N PHE B 156 27.35 21.16 16.18
CA PHE B 156 28.17 22.20 15.56
C PHE B 156 29.54 22.29 16.22
N PHE B 157 29.56 22.39 17.56
CA PHE B 157 30.82 22.61 18.25
C PHE B 157 31.69 21.35 18.26
N LYS B 158 31.08 20.16 18.25
CA LYS B 158 31.86 18.97 17.95
C LYS B 158 32.47 19.05 16.56
N GLY B 159 31.72 19.60 15.60
CA GLY B 159 32.18 19.64 14.23
C GLY B 159 33.22 20.69 13.93
N ASN B 160 33.25 21.79 14.70
CA ASN B 160 34.22 22.86 14.48
C ASN B 160 35.42 22.77 15.43
N GLY B 161 35.58 21.67 16.16
CA GLY B 161 36.69 21.53 17.07
C GLY B 161 36.52 22.24 18.39
N TYR B 162 35.29 22.52 18.79
CA TYR B 162 34.98 23.28 20.00
C TYR B 162 35.71 24.63 20.01
N LYS B 163 35.59 25.31 18.87
CA LYS B 163 36.19 26.62 18.65
C LYS B 163 35.10 27.69 18.74
N THR B 164 35.46 28.83 19.32
CA THR B 164 34.59 29.98 19.21
C THR B 164 34.51 30.40 17.74
N PRO B 165 33.32 30.63 17.20
CA PRO B 165 33.21 31.02 15.79
C PRO B 165 34.13 32.19 15.44
N ALA B 166 34.90 32.01 14.35
CA ALA B 166 35.97 32.94 14.04
C ALA B 166 35.43 34.30 13.63
N LEU B 167 34.64 34.35 12.56
CA LEU B 167 34.05 35.62 12.11
C LEU B 167 32.73 35.92 12.81
N GLY B 168 32.10 34.91 13.42
CA GLY B 168 30.84 35.13 14.09
C GLY B 168 29.68 35.26 13.14
N THR B 169 29.83 36.10 12.12
CA THR B 169 28.70 36.45 11.26
C THR B 169 28.23 35.26 10.43
N THR B 170 29.16 34.40 9.97
CA THR B 170 28.78 33.38 9.00
C THR B 170 29.31 31.98 9.29
N ASP B 171 29.82 31.71 10.48
CA ASP B 171 30.41 30.40 10.79
C ASP B 171 30.02 29.97 12.20
N GLY B 172 28.72 29.94 12.48
CA GLY B 172 28.25 29.65 13.81
C GLY B 172 27.14 28.61 13.85
N PRO B 173 26.53 28.44 15.02
CA PRO B 173 25.43 27.47 15.12
C PRO B 173 24.18 27.89 14.38
N PHE B 174 23.91 29.19 14.24
CA PHE B 174 22.72 29.62 13.50
C PHE B 174 22.73 29.12 12.06
N GLN B 175 23.86 29.28 11.38
CA GLN B 175 23.95 28.89 9.98
C GLN B 175 23.84 27.38 9.79
N SER B 176 24.36 26.61 10.74
CA SER B 176 24.28 25.16 10.65
C SER B 176 22.87 24.66 10.93
N ALA B 177 22.18 25.29 11.89
CA ALA B 177 20.83 24.85 12.24
C ALA B 177 19.84 25.13 11.10
N HIS B 178 19.94 26.31 10.49
CA HIS B 178 18.98 26.74 9.47
C HIS B 178 19.50 26.49 8.06
N LYS B 179 20.61 25.76 7.91
CA LYS B 179 21.12 25.28 6.63
C LYS B 179 21.32 26.43 5.65
N VAL B 180 22.11 27.42 6.08
CA VAL B 180 22.43 28.59 5.26
C VAL B 180 23.90 28.96 5.45
N ASP B 181 24.41 29.75 4.50
CA ASP B 181 25.74 30.34 4.61
C ASP B 181 25.69 31.86 4.58
N ILE B 182 24.59 32.43 5.07
CA ILE B 182 24.42 33.87 5.16
C ILE B 182 24.27 34.25 6.62
N SER B 183 24.58 35.51 6.91
CA SER B 183 24.52 36.01 8.28
C SER B 183 23.07 36.08 8.77
N PHE B 184 22.91 36.17 10.08
CA PHE B 184 21.58 36.23 10.68
C PHE B 184 20.77 37.44 10.23
N PRO B 185 21.33 38.67 10.16
CA PRO B 185 20.53 39.77 9.61
C PRO B 185 20.08 39.54 8.18
N GLN B 186 20.98 39.02 7.33
CA GLN B 186 20.59 38.69 5.95
C GLN B 186 19.54 37.59 5.93
N TRP B 187 19.65 36.60 6.83
CA TRP B 187 18.62 35.58 6.95
C TRP B 187 17.27 36.21 7.28
N LEU B 188 17.26 37.18 8.20
CA LEU B 188 16.02 37.85 8.59
C LEU B 188 15.33 38.48 7.38
N VAL B 189 16.10 39.24 6.60
CA VAL B 189 15.55 39.90 5.41
C VAL B 189 15.09 38.88 4.38
N GLY B 190 15.75 37.73 4.32
CA GLY B 190 15.39 36.73 3.32
C GLY B 190 14.32 35.75 3.71
N ASN B 191 13.88 35.77 4.98
CA ASN B 191 12.94 34.77 5.49
C ASN B 191 11.79 35.46 6.23
N PRO B 192 10.93 36.18 5.52
CA PRO B 192 9.70 36.66 6.16
C PRO B 192 8.87 35.50 6.65
N PRO B 193 8.07 35.69 7.71
CA PRO B 193 7.82 36.95 8.42
C PRO B 193 8.76 37.24 9.58
N TYR B 194 9.97 36.66 9.60
CA TYR B 194 10.77 36.67 10.83
C TYR B 194 11.52 37.97 11.06
N LEU B 195 11.79 38.78 10.03
CA LEU B 195 12.24 40.14 10.29
C LEU B 195 11.22 40.91 11.11
N GLN B 196 9.95 40.83 10.71
CA GLN B 196 8.90 41.55 11.41
C GLN B 196 8.66 40.98 12.80
N TYR B 197 8.72 39.65 12.96
CA TYR B 197 8.63 39.06 14.30
C TYR B 197 9.76 39.55 15.19
N PHE B 198 10.98 39.62 14.65
CA PHE B 198 12.10 40.15 15.42
C PHE B 198 11.85 41.59 15.84
N ASN B 199 11.34 42.43 14.93
CA ASN B 199 11.04 43.82 15.27
C ASN B 199 10.01 43.91 16.38
N SER B 200 8.98 43.06 16.36
CA SER B 200 8.03 43.01 17.48
C SER B 200 8.70 42.48 18.73
N TYR B 201 9.49 41.42 18.58
CA TYR B 201 10.26 40.80 19.67
C TYR B 201 11.11 41.81 20.42
N MET B 202 11.62 42.85 19.73
CA MET B 202 12.55 43.72 20.44
C MET B 202 11.83 44.59 21.46
N SER B 203 10.54 44.81 21.28
CA SER B 203 9.73 45.52 22.27
C SER B 203 9.30 44.64 23.44
N ALA B 204 9.73 43.38 23.46
CA ALA B 204 9.28 42.43 24.46
C ALA B 204 10.39 41.75 25.26
N TYR B 205 11.61 41.68 24.75
CA TYR B 205 12.61 40.80 25.35
C TYR B 205 13.01 41.23 26.76
N ARG B 206 12.90 42.51 27.10
CA ARG B 206 13.25 42.94 28.45
C ARG B 206 12.18 43.86 29.03
N ALA B 207 10.94 43.73 28.55
CA ALA B 207 9.86 44.61 28.98
C ALA B 207 9.45 44.31 30.42
N GLY B 208 8.93 45.34 31.10
CA GLY B 208 8.53 45.23 32.49
C GLY B 208 9.65 45.36 33.49
N LYS B 209 10.85 45.68 33.05
CA LYS B 209 12.00 45.90 33.90
C LYS B 209 12.37 47.38 33.86
N PRO B 210 13.00 47.90 34.91
CA PRO B 210 13.38 49.32 34.89
C PRO B 210 14.25 49.65 33.68
N ASN B 211 13.98 50.82 33.09
CA ASN B 211 14.74 51.33 31.96
C ASN B 211 15.94 52.12 32.44
N TRP B 212 16.95 52.21 31.58
CA TRP B 212 18.16 52.98 31.89
C TRP B 212 17.82 54.37 32.41
N CYS B 213 16.74 54.98 31.92
CA CYS B 213 16.40 56.35 32.24
C CYS B 213 15.42 56.46 33.40
N ASP B 214 14.98 55.34 33.98
CA ASP B 214 14.05 55.40 35.09
C ASP B 214 14.69 56.07 36.31
N ASN B 215 13.85 56.41 37.28
CA ASN B 215 14.35 57.04 38.50
C ASN B 215 15.25 56.06 39.26
N GLY B 216 16.33 56.60 39.82
CA GLY B 216 17.31 55.80 40.51
C GLY B 216 18.33 55.13 39.62
N PHE B 217 18.18 55.21 38.30
CA PHE B 217 19.11 54.58 37.38
C PHE B 217 20.04 55.65 36.79
N TYR B 218 19.91 55.97 35.50
CA TYR B 218 20.81 57.00 34.97
C TYR B 218 20.22 58.39 35.20
N PRO B 219 21.00 59.33 35.76
CA PRO B 219 20.46 60.67 36.04
C PRO B 219 20.25 61.50 34.79
N VAL B 220 19.19 61.19 34.04
CA VAL B 220 18.91 61.86 32.78
C VAL B 220 18.80 63.37 32.98
N ALA B 221 18.02 63.80 33.98
CA ALA B 221 17.74 65.22 34.13
C ALA B 221 19.00 66.01 34.44
N ASP B 222 19.87 65.48 35.28
CA ASP B 222 21.09 66.23 35.62
C ASP B 222 22.11 66.20 34.50
N ARG B 223 22.30 65.05 33.86
CA ARG B 223 23.35 64.91 32.86
C ARG B 223 22.94 65.42 31.47
N LEU B 224 21.66 65.32 31.11
CA LEU B 224 21.21 65.63 29.75
C LEU B 224 20.38 66.90 29.69
N LEU B 225 19.29 66.99 30.44
CA LEU B 225 18.41 68.16 30.36
C LEU B 225 19.12 69.40 30.90
N ASN B 226 19.69 69.29 32.10
CA ASN B 226 20.47 70.38 32.68
C ASN B 226 21.68 70.68 31.79
N GLY B 227 21.68 71.86 31.18
CA GLY B 227 22.74 72.25 30.27
C GLY B 227 22.45 71.99 28.80
N PHE B 228 21.31 71.38 28.47
CA PHE B 228 20.91 71.25 27.07
C PHE B 228 20.90 72.63 26.42
N ASP B 229 21.38 72.71 25.18
CA ASP B 229 21.65 74.00 24.56
C ASP B 229 21.25 73.92 23.09
N ALA B 230 20.13 74.56 22.74
CA ALA B 230 19.63 74.54 21.36
C ALA B 230 20.52 75.30 20.40
N SER B 231 21.40 76.18 20.90
CA SER B 231 22.37 76.84 20.04
C SER B 231 23.45 75.88 19.57
N VAL B 232 23.71 74.80 20.32
CA VAL B 232 24.63 73.78 19.85
C VAL B 232 23.92 72.80 18.92
N SER B 233 22.68 72.45 19.23
CA SER B 233 21.90 71.49 18.45
C SER B 233 20.52 71.41 19.08
N ASP B 234 19.49 71.32 18.23
CA ASP B 234 18.12 71.18 18.71
C ASP B 234 17.72 69.72 18.93
N VAL B 235 18.67 68.79 18.83
CA VAL B 235 18.40 67.37 19.06
C VAL B 235 18.82 67.04 20.49
N LEU B 236 17.89 66.48 21.25
CA LEU B 236 18.18 66.08 22.63
C LEU B 236 18.80 64.70 22.70
N LEU B 237 18.20 63.73 22.01
CA LEU B 237 18.68 62.35 22.07
C LEU B 237 18.44 61.66 20.73
N VAL B 238 19.43 60.88 20.30
CA VAL B 238 19.34 60.01 19.14
C VAL B 238 19.47 58.57 19.62
N ASP B 239 18.53 57.71 19.20
CA ASP B 239 18.59 56.27 19.54
C ASP B 239 19.14 55.53 18.32
N VAL B 240 20.42 55.16 18.39
CA VAL B 240 21.11 54.54 17.26
C VAL B 240 20.83 53.04 17.28
N GLY B 241 20.09 52.55 16.31
CA GLY B 241 19.62 51.17 16.31
C GLY B 241 18.42 50.93 17.21
N GLY B 242 17.55 51.91 17.36
CA GLY B 242 16.45 51.83 18.30
C GLY B 242 15.25 51.02 17.87
N GLY B 243 15.32 50.31 16.75
CA GLY B 243 14.21 49.47 16.33
C GLY B 243 13.00 50.31 15.94
N ARG B 244 11.81 49.79 16.28
CA ARG B 244 10.57 50.50 15.98
C ARG B 244 10.36 51.74 16.84
N GLY B 245 11.20 51.98 17.84
CA GLY B 245 11.12 53.18 18.64
C GLY B 245 10.62 53.00 20.06
N HIS B 246 10.37 51.77 20.51
CA HIS B 246 9.81 51.55 21.86
C HIS B 246 10.64 52.24 22.93
N ASP B 247 11.97 52.22 22.80
CA ASP B 247 12.83 52.79 23.83
C ASP B 247 12.75 54.32 23.82
N ILE B 248 12.91 54.94 22.65
CA ILE B 248 12.85 56.40 22.57
C ILE B 248 11.45 56.91 22.88
N ALA B 249 10.42 56.10 22.63
CA ALA B 249 9.06 56.51 22.99
C ALA B 249 8.90 56.62 24.49
N THR B 250 9.45 55.65 25.24
CA THR B 250 9.41 55.70 26.70
C THR B 250 10.13 56.93 27.23
N PHE B 251 11.34 57.19 26.72
CA PHE B 251 12.11 58.36 27.13
C PHE B 251 11.29 59.65 26.96
N GLY B 252 10.68 59.83 25.79
CA GLY B 252 9.87 61.02 25.56
C GLY B 252 8.73 61.17 26.56
N SER B 253 8.05 60.06 26.87
CA SER B 253 6.95 60.11 27.82
C SER B 253 7.43 60.48 29.21
N GLN B 254 8.63 60.04 29.60
CA GLN B 254 9.14 60.32 30.94
C GLN B 254 9.61 61.75 31.13
N PHE B 255 10.05 62.43 30.08
CA PHE B 255 10.77 63.68 30.25
C PHE B 255 10.15 64.79 29.42
N SER B 256 8.82 64.82 29.34
CA SER B 256 8.10 65.88 28.65
C SER B 256 7.73 66.99 29.63
N PRO B 257 7.56 68.23 29.13
CA PRO B 257 7.81 68.72 27.76
C PRO B 257 9.27 68.60 27.37
N LEU B 258 9.57 68.13 26.16
CA LEU B 258 10.95 67.89 25.76
C LEU B 258 11.60 69.20 25.31
N PRO B 259 12.85 69.45 25.71
CA PRO B 259 13.53 70.69 25.30
C PRO B 259 14.15 70.62 23.92
N GLY B 260 14.25 69.42 23.32
CA GLY B 260 14.79 69.26 22.00
C GLY B 260 14.26 67.98 21.37
N ARG B 261 14.71 67.72 20.14
CA ARG B 261 14.17 66.66 19.32
C ARG B 261 14.64 65.27 19.76
N LEU B 262 13.83 64.27 19.45
CA LEU B 262 14.17 62.85 19.61
C LEU B 262 14.25 62.22 18.22
N VAL B 263 15.39 61.61 17.91
CA VAL B 263 15.64 61.03 16.58
C VAL B 263 15.87 59.53 16.73
N LEU B 264 15.00 58.73 16.11
CA LEU B 264 15.20 57.29 16.02
C LEU B 264 15.96 56.97 14.74
N GLN B 265 16.98 56.10 14.85
CA GLN B 265 17.72 55.62 13.69
C GLN B 265 17.69 54.10 13.69
N ASP B 266 17.40 53.52 12.53
CA ASP B 266 17.51 52.08 12.31
C ASP B 266 17.57 51.84 10.80
N ARG B 267 17.60 50.57 10.42
CA ARG B 267 17.60 50.22 9.00
C ARG B 267 16.24 50.48 8.38
N GLU B 268 16.25 50.76 7.06
CA GLU B 268 15.06 51.22 6.36
C GLU B 268 13.91 50.20 6.46
N GLN B 269 14.21 48.91 6.35
CA GLN B 269 13.15 47.89 6.45
C GLN B 269 12.50 47.89 7.82
N VAL B 270 13.26 48.22 8.86
CA VAL B 270 12.69 48.32 10.21
C VAL B 270 11.87 49.59 10.34
N ILE B 271 12.44 50.73 9.90
CA ILE B 271 11.77 52.03 10.02
C ILE B 271 10.44 52.03 9.28
N ASN B 272 10.37 51.36 8.13
CA ASN B 272 9.10 51.32 7.37
C ASN B 272 8.00 50.58 8.09
N SER B 273 8.35 49.75 9.08
CA SER B 273 7.37 48.93 9.78
C SER B 273 6.70 49.64 10.94
N ILE B 274 7.13 50.85 11.26
CA ILE B 274 6.59 51.59 12.41
C ILE B 274 5.17 52.06 12.10
N PRO B 275 4.18 51.68 12.91
CA PRO B 275 2.82 52.16 12.69
C PRO B 275 2.76 53.67 12.78
N ALA B 276 2.03 54.28 11.85
CA ALA B 276 1.86 55.72 11.85
C ALA B 276 1.08 56.16 13.08
N ASP B 277 1.56 57.20 13.75
CA ASP B 277 0.91 57.70 14.96
C ASP B 277 1.19 59.19 15.06
N GLU B 278 0.13 60.00 15.09
CA GLU B 278 0.28 61.45 15.19
C GLU B 278 0.63 61.92 16.60
N SER B 279 0.52 61.04 17.61
CA SER B 279 0.98 61.35 18.95
C SER B 279 2.47 61.10 19.13
N ARG B 280 3.14 60.50 18.14
CA ARG B 280 4.55 60.16 18.22
C ARG B 280 5.40 61.38 18.61
N GLN B 281 6.38 61.14 19.46
CA GLN B 281 7.28 62.19 19.92
C GLN B 281 8.67 62.10 19.32
N PHE B 282 8.93 61.13 18.45
CA PHE B 282 10.24 60.95 17.86
C PHE B 282 10.13 60.99 16.33
N GLU B 283 11.25 61.29 15.69
CA GLU B 283 11.36 61.30 14.24
C GLU B 283 12.04 60.00 13.80
N ALA B 284 11.35 59.19 13.01
CA ALA B 284 11.85 57.89 12.60
C ALA B 284 12.70 58.06 11.34
N THR B 285 13.99 57.75 11.43
CA THR B 285 14.94 58.01 10.36
C THR B 285 15.76 56.77 10.05
N THR B 286 16.24 56.71 8.80
CA THR B 286 17.08 55.63 8.31
C THR B 286 18.55 56.00 8.52
N HIS B 287 19.29 55.14 9.21
CA HIS B 287 20.74 55.32 9.32
C HIS B 287 21.41 53.98 9.58
N ASP B 288 22.50 53.72 8.87
CA ASP B 288 23.29 52.50 9.00
C ASP B 288 24.45 52.81 9.94
N ILE B 289 24.53 52.11 11.08
CA ILE B 289 25.55 52.35 12.08
C ILE B 289 26.98 52.16 11.57
N PHE B 290 27.15 51.58 10.39
CA PHE B 290 28.49 51.42 9.82
C PHE B 290 28.87 52.57 8.90
N THR B 291 28.11 53.66 8.92
CA THR B 291 28.50 54.92 8.30
C THR B 291 28.59 55.98 9.38
N THR B 292 29.28 57.08 9.06
CA THR B 292 29.45 58.16 10.03
C THR B 292 28.09 58.72 10.44
N GLN B 293 27.95 59.01 11.73
CA GLN B 293 26.71 59.51 12.32
C GLN B 293 26.33 60.85 11.69
N PRO B 294 25.14 60.96 11.08
CA PRO B 294 24.80 62.21 10.37
C PRO B 294 24.25 63.32 11.25
N VAL B 295 23.66 63.00 12.40
CA VAL B 295 23.15 64.03 13.31
C VAL B 295 24.32 64.55 14.14
N LYS B 296 24.58 65.86 14.06
CA LYS B 296 25.79 66.45 14.61
C LYS B 296 25.50 67.20 15.90
N HIS B 297 26.35 66.98 16.91
CA HIS B 297 26.41 67.75 18.16
C HIS B 297 25.16 67.60 19.02
N ALA B 298 24.42 66.51 18.87
CA ALA B 298 23.27 66.27 19.73
C ALA B 298 23.73 66.12 21.19
N ARG B 299 22.79 66.35 22.11
CA ARG B 299 23.11 66.23 23.53
C ARG B 299 23.39 64.79 23.95
N ALA B 300 22.82 63.81 23.25
CA ALA B 300 22.97 62.42 23.67
C ALA B 300 22.83 61.49 22.48
N TYR B 301 23.73 60.50 22.41
CA TYR B 301 23.66 59.42 21.42
C TYR B 301 23.52 58.11 22.18
N TYR B 302 22.42 57.40 21.95
CA TYR B 302 22.03 56.26 22.75
C TYR B 302 22.04 54.98 21.90
N MET B 303 22.57 53.90 22.46
CA MET B 303 22.50 52.58 21.86
C MET B 303 22.07 51.57 22.93
N HIS B 304 21.19 50.65 22.55
CA HIS B 304 20.74 49.61 23.45
C HIS B 304 20.75 48.29 22.68
N SER B 305 21.53 47.33 23.16
CA SER B 305 21.62 46.00 22.55
C SER B 305 21.97 46.08 21.07
N VAL B 306 23.02 46.85 20.75
CA VAL B 306 23.43 46.92 19.35
C VAL B 306 24.86 46.39 19.19
N PRO B 307 25.93 47.05 19.67
CA PRO B 307 27.28 46.51 19.41
C PRO B 307 27.54 45.15 20.04
N HIS B 308 26.70 44.70 20.99
CA HIS B 308 26.87 43.37 21.58
C HIS B 308 26.64 42.25 20.57
N GLY B 309 26.04 42.55 19.43
CA GLY B 309 25.86 41.56 18.40
C GLY B 309 26.98 41.47 17.39
N PHE B 310 28.08 42.20 17.60
CA PHE B 310 29.15 42.32 16.62
C PHE B 310 30.50 42.06 17.28
N GLY B 311 31.45 41.61 16.46
CA GLY B 311 32.81 41.39 16.92
C GLY B 311 33.54 42.69 17.20
N ASP B 312 34.77 42.55 17.71
CA ASP B 312 35.53 43.70 18.20
C ASP B 312 35.71 44.77 17.13
N GLU B 313 36.08 44.36 15.91
CA GLU B 313 36.31 45.36 14.87
C GLU B 313 35.02 46.11 14.49
N ASP B 314 33.91 45.38 14.35
CA ASP B 314 32.63 46.04 14.08
C ASP B 314 32.17 46.86 15.27
N ALA B 315 32.39 46.35 16.49
CA ALA B 315 32.01 47.10 17.68
C ALA B 315 32.85 48.36 17.82
N VAL B 316 34.11 48.34 17.37
CA VAL B 316 34.92 49.55 17.40
C VAL B 316 34.44 50.53 16.33
N LYS B 317 34.09 50.03 15.14
CA LYS B 317 33.57 50.90 14.09
C LYS B 317 32.26 51.55 14.51
N ILE B 318 31.34 50.75 15.04
CA ILE B 318 30.02 51.25 15.44
C ILE B 318 30.17 52.42 16.39
N MET B 319 31.10 52.32 17.33
CA MET B 319 31.26 53.38 18.31
C MET B 319 32.07 54.54 17.71
N ALA B 320 33.07 54.24 16.89
CA ALA B 320 33.89 55.27 16.28
C ALA B 320 33.11 56.12 15.29
N ASN B 321 32.06 55.56 14.68
CA ASN B 321 31.25 56.32 13.74
C ASN B 321 30.42 57.42 14.42
N LEU B 322 30.31 57.39 15.75
CA LEU B 322 29.72 58.52 16.48
C LEU B 322 30.70 59.67 16.65
N VAL B 323 32.00 59.37 16.68
CA VAL B 323 33.00 60.37 17.08
C VAL B 323 32.92 61.65 16.26
N PRO B 324 32.86 61.62 14.91
CA PRO B 324 32.85 62.88 14.15
C PRO B 324 31.67 63.78 14.43
N ALA B 325 30.60 63.28 15.04
CA ALA B 325 29.42 64.07 15.33
C ALA B 325 29.37 64.61 16.75
N LEU B 326 30.27 64.19 17.62
CA LEU B 326 30.24 64.59 19.02
C LEU B 326 30.78 66.02 19.18
N ALA B 327 30.02 66.85 19.89
CA ALA B 327 30.49 68.18 20.28
C ALA B 327 31.26 68.05 21.59
N LYS B 328 32.55 68.41 21.56
CA LYS B 328 33.39 68.33 22.74
C LYS B 328 32.77 69.08 23.91
N GLY B 329 32.74 68.42 25.07
CA GLY B 329 32.17 69.03 26.26
C GLY B 329 30.66 69.17 26.25
N TYR B 330 29.96 68.44 25.38
CA TYR B 330 28.51 68.58 25.31
C TYR B 330 27.81 67.24 25.06
N SER B 331 28.20 66.55 23.98
CA SER B 331 27.52 65.32 23.58
C SER B 331 27.89 64.16 24.50
N ARG B 332 26.87 63.48 25.02
CA ARG B 332 27.04 62.26 25.80
C ARG B 332 26.87 61.06 24.89
N VAL B 333 27.69 60.04 25.10
CA VAL B 333 27.52 58.74 24.45
C VAL B 333 26.98 57.79 25.51
N LEU B 334 25.81 57.23 25.26
CA LEU B 334 25.09 56.42 26.25
C LEU B 334 24.95 55.00 25.71
N LEU B 335 25.77 54.08 26.25
CA LEU B 335 25.77 52.68 25.79
C LEU B 335 25.04 51.83 26.83
N ASN B 336 23.87 51.31 26.43
CA ASN B 336 22.97 50.55 27.30
C ASN B 336 23.18 49.08 26.99
N GLU B 337 24.12 48.45 27.70
CA GLU B 337 24.54 47.10 27.37
C GLU B 337 24.87 46.34 28.64
N ILE B 338 24.78 45.01 28.54
CA ILE B 338 25.19 44.14 29.64
C ILE B 338 26.70 44.25 29.84
N VAL B 339 27.12 44.28 31.10
CA VAL B 339 28.52 44.25 31.49
C VAL B 339 28.73 42.97 32.31
N VAL B 340 29.41 41.99 31.70
CA VAL B 340 29.61 40.70 32.35
C VAL B 340 30.56 40.85 33.53
N ASP B 341 30.09 40.45 34.71
CA ASP B 341 30.94 40.30 35.89
C ASP B 341 31.29 38.82 35.94
N GLU B 342 32.39 38.45 35.30
CA GLU B 342 32.66 37.04 35.07
C GLU B 342 33.14 36.30 36.31
N GLU B 343 33.41 37.01 37.41
CA GLU B 343 33.56 36.36 38.70
C GLU B 343 32.24 36.11 39.40
N ARG B 344 31.16 36.73 38.93
CA ARG B 344 29.82 36.52 39.49
C ARG B 344 28.86 36.30 38.33
N PRO B 345 28.77 35.06 37.83
CA PRO B 345 27.88 34.80 36.69
C PRO B 345 26.42 34.77 37.10
N VAL B 346 25.58 35.42 36.30
CA VAL B 346 24.13 35.46 36.53
C VAL B 346 23.42 35.20 35.21
N MET B 347 22.15 34.77 35.32
CA MET B 347 21.43 34.26 34.16
C MET B 347 21.11 35.37 33.17
N SER B 348 20.92 36.60 33.65
CA SER B 348 20.58 37.70 32.75
C SER B 348 21.69 37.92 31.73
N ALA B 349 22.95 37.71 32.14
CA ALA B 349 24.09 37.87 31.25
C ALA B 349 24.32 36.63 30.40
N THR B 350 24.24 35.43 31.00
CA THR B 350 24.52 34.22 30.24
C THR B 350 23.43 33.97 29.19
N ASN B 351 22.16 34.23 29.54
CA ASN B 351 21.08 34.11 28.55
C ASN B 351 21.40 34.90 27.30
N MET B 352 21.74 36.19 27.45
CA MET B 352 22.02 37.04 26.29
C MET B 352 23.31 36.62 25.59
N ASP B 353 24.34 36.26 26.37
CA ASP B 353 25.59 35.80 25.77
C ASP B 353 25.37 34.60 24.87
N LEU B 354 24.57 33.63 25.32
CA LEU B 354 24.30 32.43 24.52
C LEU B 354 23.38 32.75 23.34
N ILE B 355 22.37 33.61 23.56
CA ILE B 355 21.56 34.13 22.47
C ILE B 355 22.44 34.86 21.46
N MET B 356 23.50 35.53 21.93
CA MET B 356 24.38 36.20 20.99
C MET B 356 25.19 35.17 20.19
N LEU B 357 25.61 34.10 20.87
CA LEU B 357 26.33 33.02 20.21
C LEU B 357 25.43 32.26 19.26
N ALA B 358 24.16 32.07 19.64
CA ALA B 358 23.24 31.28 18.83
C ALA B 358 22.76 32.01 17.58
N HIS B 359 22.81 33.34 17.54
CA HIS B 359 22.32 34.10 16.40
C HIS B 359 23.42 34.81 15.62
N MET B 360 24.25 35.62 16.28
CA MET B 360 25.26 36.42 15.61
C MET B 360 26.68 35.91 15.80
N GLY B 361 26.87 34.76 16.45
CA GLY B 361 28.20 34.31 16.77
C GLY B 361 28.99 35.31 17.60
N ALA B 362 28.31 36.16 18.37
CA ALA B 362 28.91 37.24 19.14
C ALA B 362 28.91 36.88 20.62
N LYS B 363 29.23 37.87 21.47
CA LYS B 363 29.35 37.62 22.90
C LYS B 363 29.04 38.90 23.67
N GLU B 364 28.70 38.72 24.94
CA GLU B 364 28.62 39.84 25.88
C GLU B 364 30.00 40.11 26.46
N ARG B 365 30.17 41.31 27.00
CA ARG B 365 31.49 41.79 27.36
C ARG B 365 31.59 42.21 28.81
N THR B 366 32.81 42.09 29.35
CA THR B 366 33.17 42.62 30.66
C THR B 366 33.43 44.11 30.55
N GLU B 367 33.53 44.77 31.72
CA GLU B 367 33.86 46.19 31.73
C GLU B 367 35.20 46.45 31.04
N ALA B 368 36.15 45.54 31.21
CA ALA B 368 37.45 45.70 30.55
C ALA B 368 37.33 45.63 29.03
N ASP B 369 36.53 44.69 28.51
CA ASP B 369 36.36 44.59 27.05
C ASP B 369 35.71 45.86 26.50
N TRP B 370 34.64 46.33 27.15
CA TRP B 370 33.98 47.56 26.72
C TRP B 370 34.94 48.74 26.76
N ARG B 371 35.69 48.88 27.85
CA ARG B 371 36.66 49.97 27.97
C ARG B 371 37.66 49.94 26.83
N SER B 372 38.01 48.74 26.35
CA SER B 372 38.99 48.60 25.29
C SER B 372 38.40 48.97 23.93
N ILE B 373 37.18 48.49 23.64
CA ILE B 373 36.50 48.87 22.41
C ILE B 373 36.24 50.37 22.37
N LEU B 374 35.82 50.95 23.49
CA LEU B 374 35.57 52.39 23.53
C LEU B 374 36.85 53.17 23.28
N THR B 375 37.92 52.82 24.01
CA THR B 375 39.18 53.55 23.84
C THR B 375 39.69 53.44 22.41
N ARG B 376 39.59 52.26 21.80
CA ARG B 376 39.98 52.11 20.40
C ARG B 376 39.09 52.93 19.47
N ALA B 377 37.84 53.16 19.86
CA ALA B 377 36.93 53.97 19.05
C ALA B 377 37.21 55.46 19.17
N GLY B 378 38.06 55.88 20.10
CA GLY B 378 38.27 57.28 20.36
C GLY B 378 37.40 57.86 21.44
N LEU B 379 36.83 57.01 22.29
CA LEU B 379 35.97 57.43 23.38
C LEU B 379 36.60 57.03 24.71
N LYS B 380 36.13 57.64 25.79
CA LYS B 380 36.57 57.27 27.12
C LYS B 380 35.38 57.29 28.05
N VAL B 381 35.44 56.44 29.07
CA VAL B 381 34.32 56.25 29.99
C VAL B 381 34.26 57.41 30.98
N VAL B 382 33.06 57.92 31.20
CA VAL B 382 32.82 58.89 32.26
C VAL B 382 32.38 58.19 33.54
N ASN B 383 31.38 57.32 33.43
CA ASN B 383 30.81 56.60 34.56
C ASN B 383 30.00 55.44 34.02
N ILE B 384 29.87 54.38 34.83
CA ILE B 384 29.00 53.26 34.54
C ILE B 384 27.91 53.19 35.60
N TYR B 385 26.67 53.03 35.15
CA TYR B 385 25.50 52.99 36.03
C TYR B 385 24.82 51.64 35.92
N SER B 386 24.34 51.13 37.05
CA SER B 386 23.65 49.84 37.09
C SER B 386 22.49 49.93 38.07
N TYR B 387 21.58 48.96 37.97
CA TYR B 387 20.38 48.95 38.78
C TYR B 387 20.10 47.50 39.17
N PRO B 388 19.80 47.22 40.43
CA PRO B 388 19.58 45.83 40.86
C PRO B 388 18.43 45.18 40.11
N GLY B 389 18.66 43.97 39.62
CA GLY B 389 17.66 43.19 38.94
C GLY B 389 17.65 43.34 37.44
N VAL B 390 18.15 44.46 36.90
CA VAL B 390 18.15 44.69 35.46
C VAL B 390 19.44 44.14 34.86
N ALA B 391 19.34 43.59 33.65
CA ALA B 391 20.46 42.90 33.04
C ALA B 391 21.55 43.87 32.60
N GLU B 392 21.17 44.99 32.00
CA GLU B 392 22.09 45.90 31.33
C GLU B 392 22.60 46.98 32.28
N SER B 393 23.79 47.47 31.97
CA SER B 393 24.31 48.69 32.57
C SER B 393 24.19 49.84 31.58
N LEU B 394 24.45 51.05 32.06
CA LEU B 394 24.47 52.24 31.22
C LEU B 394 25.86 52.85 31.35
N ILE B 395 26.63 52.80 30.28
CA ILE B 395 28.00 53.33 30.26
C ILE B 395 27.95 54.70 29.60
N GLU B 396 28.23 55.74 30.36
CA GLU B 396 28.38 57.07 29.78
C GLU B 396 29.80 57.25 29.26
N ALA B 397 29.92 57.73 28.02
CA ALA B 397 31.22 57.93 27.41
C ALA B 397 31.27 59.32 26.79
N GLU B 398 32.50 59.77 26.52
CA GLU B 398 32.75 61.08 25.94
C GLU B 398 33.95 60.97 25.01
N LEU B 399 34.14 62.01 24.20
CA LEU B 399 35.33 62.12 23.37
C LEU B 399 36.58 61.92 24.22
N ALA B 400 37.45 61.01 23.77
CA ALA B 400 38.72 60.76 24.44
C ALA B 400 39.58 62.03 24.48
N ALA C 6 20.66 -51.16 -16.23
CA ALA C 6 20.54 -52.35 -15.40
C ALA C 6 19.30 -53.15 -15.75
N SER C 7 19.49 -54.45 -15.92
CA SER C 7 18.39 -55.32 -16.33
C SER C 7 17.44 -55.56 -15.17
N PRO C 8 16.17 -55.84 -15.46
CA PRO C 8 15.26 -56.31 -14.39
C PRO C 8 15.77 -57.57 -13.71
N ALA C 9 16.38 -58.48 -14.48
CA ALA C 9 16.99 -59.67 -13.89
C ALA C 9 18.08 -59.30 -12.90
N SER C 10 18.78 -58.19 -13.14
CA SER C 10 19.84 -57.78 -12.22
C SER C 10 19.25 -57.21 -10.93
N ILE C 11 18.21 -56.38 -11.04
CA ILE C 11 17.61 -55.79 -9.85
C ILE C 11 16.92 -56.85 -9.02
N ILE C 12 16.32 -57.86 -9.68
CA ILE C 12 15.72 -58.97 -8.96
C ILE C 12 16.75 -59.65 -8.07
N GLN C 13 17.96 -59.86 -8.61
CA GLN C 13 19.04 -60.47 -7.83
C GLN C 13 19.50 -59.55 -6.72
N GLU C 14 19.66 -58.25 -7.03
CA GLU C 14 20.08 -57.30 -6.00
C GLU C 14 19.04 -57.19 -4.90
N LEU C 15 17.75 -57.23 -5.26
CA LEU C 15 16.69 -57.17 -4.26
C LEU C 15 16.68 -58.42 -3.39
N ALA C 16 16.93 -59.58 -3.99
CA ALA C 16 17.00 -60.80 -3.18
C ALA C 16 18.19 -60.77 -2.24
N SER C 17 19.28 -60.09 -2.61
CA SER C 17 20.41 -59.93 -1.70
C SER C 17 20.05 -59.00 -0.56
N ALA C 18 19.40 -57.88 -0.86
CA ALA C 18 18.98 -56.96 0.19
C ALA C 18 17.94 -57.59 1.11
N ALA C 19 17.21 -58.59 0.62
CA ALA C 19 16.19 -59.24 1.47
C ALA C 19 16.85 -60.05 2.57
N LYS C 20 17.94 -60.76 2.28
CA LYS C 20 18.64 -61.49 3.32
C LYS C 20 19.25 -60.54 4.34
N GLN C 21 19.86 -59.44 3.87
CA GLN C 21 20.36 -58.41 4.77
C GLN C 21 19.24 -57.88 5.66
N TYR C 22 18.04 -57.73 5.10
CA TYR C 22 16.89 -57.30 5.89
C TYR C 22 16.50 -58.34 6.92
N GLU C 23 16.52 -59.61 6.54
CA GLU C 23 16.17 -60.67 7.47
C GLU C 23 17.31 -61.04 8.41
N ASN C 24 18.52 -60.50 8.18
CA ASN C 24 19.59 -60.52 9.16
C ASN C 24 19.56 -59.31 10.08
N ASN C 25 18.54 -58.45 9.94
CA ASN C 25 18.36 -57.28 10.79
C ASN C 25 19.52 -56.28 10.69
N GLU C 26 20.12 -56.19 9.50
CA GLU C 26 21.26 -55.29 9.32
C GLU C 26 20.78 -53.86 9.12
N SER C 27 21.62 -52.91 9.51
CA SER C 27 21.23 -51.51 9.47
C SER C 27 21.07 -51.03 8.05
N GLY C 28 20.00 -50.26 7.81
CA GLY C 28 19.71 -49.72 6.49
C GLY C 28 19.17 -50.72 5.49
N ALA C 29 19.07 -52.00 5.85
CA ALA C 29 18.63 -53.01 4.89
C ALA C 29 17.15 -52.86 4.54
N ARG C 30 16.33 -52.43 5.49
CA ARG C 30 14.93 -52.11 5.18
C ARG C 30 14.85 -51.05 4.09
N GLU C 31 15.53 -49.92 4.29
CA GLU C 31 15.53 -48.84 3.30
C GLU C 31 16.15 -49.29 1.98
N ALA C 32 17.23 -50.08 2.05
CA ALA C 32 17.86 -50.57 0.83
C ALA C 32 16.94 -51.50 0.05
N LEU C 33 16.17 -52.32 0.77
CA LEU C 33 15.20 -53.19 0.10
C LEU C 33 14.07 -52.39 -0.52
N ILE C 34 13.76 -51.21 0.04
CA ILE C 34 12.72 -50.36 -0.53
C ILE C 34 13.23 -49.70 -1.82
N ALA C 35 14.49 -49.29 -1.85
CA ALA C 35 15.03 -48.67 -3.06
C ALA C 35 15.21 -49.69 -4.18
N GLN C 36 15.57 -50.93 -3.83
CA GLN C 36 15.67 -51.97 -4.86
C GLN C 36 14.32 -52.29 -5.46
N SER C 37 13.25 -52.25 -4.64
CA SER C 37 11.92 -52.51 -5.16
C SER C 37 11.46 -51.40 -6.08
N ARG C 38 11.74 -50.13 -5.71
CA ARG C 38 11.38 -49.01 -6.57
C ARG C 38 12.15 -49.06 -7.87
N ALA C 39 13.44 -49.42 -7.81
CA ALA C 39 14.22 -49.55 -9.04
C ALA C 39 13.66 -50.67 -9.91
N LEU C 40 13.17 -51.76 -9.29
CA LEU C 40 12.56 -52.83 -10.06
C LEU C 40 11.30 -52.35 -10.78
N ILE C 41 10.48 -51.55 -10.10
CA ILE C 41 9.26 -51.03 -10.71
C ILE C 41 9.60 -50.19 -11.94
N ALA C 42 10.53 -49.26 -11.79
CA ALA C 42 10.87 -48.36 -12.89
C ALA C 42 11.48 -49.11 -14.07
N SER C 43 12.22 -50.18 -13.81
CA SER C 43 12.81 -50.96 -14.89
C SER C 43 11.77 -51.80 -15.63
N LEU C 44 10.59 -52.01 -15.04
CA LEU C 44 9.56 -52.85 -15.65
C LEU C 44 8.42 -52.06 -16.26
N GLU C 45 8.07 -50.92 -15.68
CA GLU C 45 6.92 -50.14 -16.16
C GLU C 45 7.14 -49.67 -17.59
N VAL C 46 6.06 -49.65 -18.37
CA VAL C 46 6.03 -48.98 -19.66
C VAL C 46 5.60 -47.53 -19.43
N PRO C 47 5.94 -46.59 -20.31
CA PRO C 47 5.66 -45.17 -20.01
C PRO C 47 4.21 -44.83 -19.73
N SER C 48 3.25 -45.59 -20.28
CA SER C 48 1.85 -45.29 -19.96
C SER C 48 1.54 -45.62 -18.50
N GLU C 49 2.11 -46.71 -17.99
CA GLU C 49 1.94 -47.05 -16.58
C GLU C 49 2.64 -46.04 -15.68
N PHE C 50 3.75 -45.46 -16.13
CA PHE C 50 4.38 -44.40 -15.35
C PHE C 50 3.52 -43.14 -15.33
N ILE C 51 2.92 -42.80 -16.47
CA ILE C 51 2.01 -41.66 -16.53
C ILE C 51 0.83 -41.86 -15.58
N GLN C 52 0.20 -43.04 -15.63
CA GLN C 52 -0.94 -43.31 -14.76
C GLN C 52 -0.55 -43.26 -13.28
N HIS C 53 0.53 -43.94 -12.90
CA HIS C 53 0.92 -43.92 -11.49
C HIS C 53 1.28 -42.52 -11.03
N THR C 54 2.07 -41.80 -11.83
CA THR C 54 2.55 -40.48 -11.41
C THR C 54 1.42 -39.45 -11.38
N PHE C 55 0.57 -39.44 -12.40
CA PHE C 55 -0.41 -38.38 -12.56
C PHE C 55 -1.85 -38.78 -12.24
N TRP C 56 -2.13 -40.07 -12.03
CA TRP C 56 -3.47 -40.52 -11.64
C TRP C 56 -3.42 -41.07 -10.22
N SER C 57 -2.74 -42.19 -10.01
CA SER C 57 -2.83 -42.90 -8.74
C SER C 57 -2.35 -42.04 -7.58
N GLN C 58 -1.29 -41.27 -7.78
CA GLN C 58 -0.70 -40.54 -6.68
C GLN C 58 -1.47 -39.26 -6.34
N PRO C 59 -1.87 -38.43 -7.30
CA PRO C 59 -2.75 -37.30 -6.94
C PRO C 59 -4.05 -37.76 -6.31
N ALA C 60 -4.60 -38.89 -6.80
CA ALA C 60 -5.82 -39.42 -6.22
C ALA C 60 -5.58 -39.95 -4.81
N LEU C 61 -4.43 -40.58 -4.57
CA LEU C 61 -4.11 -41.06 -3.23
C LEU C 61 -3.96 -39.90 -2.24
N SER C 62 -3.22 -38.85 -2.64
CA SER C 62 -3.04 -37.70 -1.76
C SER C 62 -4.37 -37.01 -1.44
N ALA C 63 -5.31 -37.00 -2.39
CA ALA C 63 -6.60 -36.36 -2.16
C ALA C 63 -7.45 -37.18 -1.21
N ILE C 64 -7.45 -38.51 -1.37
CA ILE C 64 -8.26 -39.36 -0.51
C ILE C 64 -7.65 -39.43 0.89
N VAL C 65 -6.31 -39.40 1.00
CA VAL C 65 -5.68 -39.35 2.31
C VAL C 65 -6.07 -38.06 3.03
N ARG C 66 -6.08 -36.95 2.29
CA ARG C 66 -6.49 -35.67 2.88
C ARG C 66 -7.97 -35.68 3.26
N LEU C 67 -8.82 -36.29 2.42
CA LEU C 67 -10.24 -36.37 2.75
C LEU C 67 -10.48 -37.22 3.99
N ALA C 68 -9.67 -38.26 4.19
CA ALA C 68 -9.85 -39.14 5.33
C ALA C 68 -9.66 -38.42 6.66
N THR C 69 -8.82 -37.38 6.67
CA THR C 69 -8.67 -36.58 7.89
C THR C 69 -9.88 -35.72 8.18
N ASP C 70 -10.80 -35.57 7.23
CA ASP C 70 -12.03 -34.82 7.47
C ASP C 70 -13.17 -35.69 7.97
N VAL C 71 -13.15 -36.99 7.69
CA VAL C 71 -14.25 -37.87 8.06
C VAL C 71 -13.83 -38.94 9.06
N ASN C 72 -12.63 -38.82 9.63
CA ASN C 72 -12.17 -39.70 10.73
C ASN C 72 -12.01 -41.15 10.27
N LEU C 73 -11.63 -41.37 9.00
CA LEU C 73 -11.66 -42.71 8.42
C LEU C 73 -10.62 -43.63 9.09
N PHE C 74 -9.38 -43.16 9.24
CA PHE C 74 -8.35 -44.02 9.81
C PHE C 74 -8.62 -44.33 11.27
N GLN C 75 -9.22 -43.40 12.00
CA GLN C 75 -9.58 -43.68 13.39
C GLN C 75 -10.66 -44.74 13.48
N TYR C 76 -11.65 -44.71 12.58
CA TYR C 76 -12.68 -45.74 12.58
C TYR C 76 -12.09 -47.11 12.28
N LEU C 77 -11.24 -47.21 11.25
CA LEU C 77 -10.61 -48.49 10.96
C LEU C 77 -9.66 -48.92 12.07
N LYS C 78 -9.01 -47.95 12.73
CA LYS C 78 -8.16 -48.28 13.86
C LYS C 78 -8.98 -48.88 15.00
N ASP C 79 -10.11 -48.25 15.32
CA ASP C 79 -10.96 -48.76 16.40
C ASP C 79 -11.52 -50.13 16.06
N ALA C 80 -11.83 -50.35 14.78
CA ALA C 80 -12.47 -51.60 14.37
C ALA C 80 -11.56 -52.81 14.57
N GLN C 81 -10.24 -52.60 14.58
CA GLN C 81 -9.25 -53.66 14.76
C GLN C 81 -9.55 -54.89 13.89
N GLU C 82 -9.39 -56.08 14.45
CA GLU C 82 -9.42 -57.30 13.64
C GLU C 82 -10.78 -57.55 13.00
N GLU C 83 -11.85 -56.94 13.52
CA GLU C 83 -13.15 -57.11 12.89
C GLU C 83 -13.23 -56.37 11.57
N GLY C 84 -12.65 -55.18 11.52
CA GLY C 84 -12.77 -54.35 10.35
C GLY C 84 -14.17 -53.77 10.22
N LEU C 85 -14.45 -53.24 9.03
CA LEU C 85 -15.73 -52.61 8.73
C LEU C 85 -16.02 -52.85 7.25
N ASN C 86 -17.30 -53.03 6.93
CA ASN C 86 -17.68 -53.07 5.52
C ASN C 86 -17.98 -51.65 5.03
N ALA C 87 -18.31 -51.54 3.75
CA ALA C 87 -18.56 -50.22 3.18
C ALA C 87 -19.78 -49.57 3.81
N GLU C 88 -20.80 -50.37 4.12
CA GLU C 88 -22.02 -49.82 4.70
C GLU C 88 -21.76 -49.19 6.06
N ALA C 89 -20.99 -49.88 6.91
CA ALA C 89 -20.72 -49.36 8.25
C ALA C 89 -19.77 -48.17 8.21
N LEU C 90 -18.84 -48.14 7.26
CA LEU C 90 -17.94 -47.01 7.15
C LEU C 90 -18.61 -45.80 6.53
N ALA C 91 -19.52 -46.02 5.59
CA ALA C 91 -20.23 -44.90 4.97
C ALA C 91 -21.14 -44.20 5.99
N SER C 92 -21.76 -44.98 6.88
CA SER C 92 -22.63 -44.40 7.90
C SER C 92 -21.84 -43.72 9.02
N LYS C 93 -20.65 -44.23 9.33
CA LYS C 93 -19.82 -43.61 10.36
C LYS C 93 -19.24 -42.29 9.87
N THR C 94 -18.73 -42.28 8.64
CA THR C 94 -18.06 -41.10 8.10
C THR C 94 -19.04 -40.10 7.50
N GLY C 95 -20.29 -40.51 7.26
CA GLY C 95 -21.29 -39.62 6.73
C GLY C 95 -21.23 -39.41 5.23
N MET C 96 -20.84 -40.43 4.48
CA MET C 96 -20.73 -40.33 3.03
C MET C 96 -21.68 -41.30 2.36
N ASP C 97 -21.97 -41.01 1.10
CA ASP C 97 -22.75 -41.94 0.28
C ASP C 97 -21.99 -43.25 0.14
N VAL C 98 -22.74 -44.35 0.08
CA VAL C 98 -22.12 -45.69 0.13
C VAL C 98 -21.23 -45.92 -1.09
N SER C 99 -21.73 -45.61 -2.28
CA SER C 99 -20.95 -45.86 -3.48
C SER C 99 -19.71 -44.97 -3.52
N LEU C 100 -19.84 -43.71 -3.11
CA LEU C 100 -18.69 -42.81 -3.11
C LEU C 100 -17.62 -43.31 -2.16
N PHE C 101 -18.01 -43.70 -0.94
CA PHE C 101 -17.01 -44.18 0.00
C PHE C 101 -16.29 -45.42 -0.54
N ALA C 102 -17.04 -46.37 -1.10
CA ALA C 102 -16.44 -47.62 -1.56
C ALA C 102 -15.44 -47.36 -2.69
N ARG C 103 -15.73 -46.40 -3.56
CA ARG C 103 -14.81 -46.10 -4.67
C ARG C 103 -13.48 -45.55 -4.15
N LEU C 104 -13.53 -44.62 -3.20
CA LEU C 104 -12.29 -44.06 -2.68
C LEU C 104 -11.55 -45.07 -1.81
N ALA C 105 -12.28 -45.86 -1.02
CA ALA C 105 -11.64 -46.88 -0.20
C ALA C 105 -10.98 -47.95 -1.06
N ARG C 106 -11.62 -48.32 -2.18
CA ARG C 106 -11.03 -49.32 -3.07
C ARG C 106 -9.71 -48.84 -3.66
N HIS C 107 -9.53 -47.53 -3.82
CA HIS C 107 -8.23 -47.03 -4.24
C HIS C 107 -7.20 -47.10 -3.12
N LEU C 108 -7.62 -46.88 -1.86
CA LEU C 108 -6.70 -47.05 -0.74
C LEU C 108 -6.23 -48.50 -0.62
N VAL C 109 -7.12 -49.45 -0.92
CA VAL C 109 -6.74 -50.86 -0.98
C VAL C 109 -5.74 -51.06 -2.13
N ALA C 110 -6.07 -50.52 -3.30
CA ALA C 110 -5.20 -50.64 -4.47
C ALA C 110 -3.84 -49.98 -4.27
N MET C 111 -3.74 -49.01 -3.36
CA MET C 111 -2.46 -48.40 -3.01
C MET C 111 -1.84 -49.00 -1.75
N ASN C 112 -2.37 -50.12 -1.26
CA ASN C 112 -1.80 -50.82 -0.11
C ASN C 112 -1.78 -49.96 1.14
N VAL C 113 -2.74 -49.03 1.27
CA VAL C 113 -2.82 -48.22 2.48
C VAL C 113 -3.72 -48.89 3.52
N ILE C 114 -4.83 -49.48 3.07
CA ILE C 114 -5.66 -50.37 3.87
C ILE C 114 -5.83 -51.66 3.07
N THR C 115 -6.40 -52.67 3.71
CA THR C 115 -6.66 -53.95 3.06
C THR C 115 -8.16 -54.25 3.05
N SER C 116 -8.53 -55.23 2.24
CA SER C 116 -9.93 -55.60 2.05
C SER C 116 -10.03 -57.11 1.86
N ARG C 117 -10.97 -57.74 2.55
CA ARG C 117 -11.25 -59.16 2.39
C ARG C 117 -12.74 -59.39 2.47
N ASN C 118 -13.31 -59.96 1.41
CA ASN C 118 -14.73 -60.31 1.35
C ASN C 118 -15.63 -59.11 1.63
N GLY C 119 -15.29 -57.97 1.04
CA GLY C 119 -16.08 -56.76 1.21
C GLY C 119 -15.94 -56.06 2.54
N VAL C 120 -15.01 -56.49 3.40
CA VAL C 120 -14.77 -55.86 4.68
C VAL C 120 -13.42 -55.16 4.61
N PHE C 121 -13.37 -53.91 5.09
CA PHE C 121 -12.16 -53.12 5.07
C PHE C 121 -11.44 -53.24 6.40
N TYR C 122 -10.11 -53.26 6.36
CA TYR C 122 -9.28 -53.44 7.54
C TYR C 122 -8.20 -52.37 7.59
N GLY C 123 -7.87 -51.94 8.80
CA GLY C 123 -6.74 -51.04 8.97
C GLY C 123 -5.42 -51.77 8.80
N THR C 124 -4.38 -50.99 8.52
CA THR C 124 -3.03 -51.51 8.44
C THR C 124 -2.19 -50.82 9.52
N ALA C 125 -1.00 -51.35 9.76
CA ALA C 125 -0.05 -50.63 10.61
C ALA C 125 0.16 -49.22 10.11
N LEU C 126 0.12 -49.04 8.79
CA LEU C 126 0.22 -47.69 8.21
C LEU C 126 -0.98 -46.84 8.59
N SER C 127 -2.18 -47.23 8.16
CA SER C 127 -3.36 -46.41 8.42
C SER C 127 -3.61 -46.21 9.91
N ASN C 128 -3.26 -47.20 10.73
CA ASN C 128 -3.42 -47.04 12.18
C ASN C 128 -2.51 -45.95 12.73
N GLY C 129 -1.32 -45.79 12.13
CA GLY C 129 -0.45 -44.69 12.51
C GLY C 129 -0.84 -43.36 11.93
N LEU C 130 -1.47 -43.34 10.75
CA LEU C 130 -2.01 -42.11 10.18
C LEU C 130 -3.23 -41.62 10.93
N ALA C 131 -3.80 -42.43 11.82
CA ALA C 131 -4.90 -41.97 12.66
C ALA C 131 -4.43 -40.97 13.72
N ALA C 132 -3.15 -41.01 14.08
CA ALA C 132 -2.65 -40.15 15.15
C ALA C 132 -2.75 -38.67 14.76
N GLU C 133 -2.96 -37.83 15.78
CA GLU C 133 -3.23 -36.41 15.52
C GLU C 133 -2.07 -35.74 14.80
N ASN C 134 -0.83 -36.13 15.12
CA ASN C 134 0.30 -35.47 14.47
C ASN C 134 0.42 -35.86 13.00
N TYR C 135 0.05 -37.09 12.64
CA TYR C 135 0.01 -37.43 11.22
C TYR C 135 -1.22 -36.85 10.53
N GLN C 136 -2.34 -36.75 11.25
CA GLN C 136 -3.52 -36.07 10.71
C GLN C 136 -3.18 -34.65 10.27
N GLN C 137 -2.52 -33.90 11.15
CA GLN C 137 -2.20 -32.51 10.85
C GLN C 137 -1.05 -32.38 9.87
N SER C 138 -0.15 -33.37 9.81
CA SER C 138 0.84 -33.42 8.76
C SER C 138 0.19 -33.56 7.40
N ILE C 139 -0.83 -34.42 7.30
CA ILE C 139 -1.54 -34.63 6.03
C ILE C 139 -2.22 -33.34 5.58
N ARG C 140 -2.88 -32.64 6.51
CA ARG C 140 -3.55 -31.40 6.14
C ARG C 140 -2.54 -30.35 5.69
N PHE C 141 -1.43 -30.21 6.41
CA PHE C 141 -0.40 -29.26 6.00
C PHE C 141 0.12 -29.58 4.60
N CYS C 142 0.43 -30.85 4.34
CA CYS C 142 1.04 -31.22 3.07
C CYS C 142 0.10 -30.97 1.91
N HIS C 143 -1.17 -31.34 2.04
CA HIS C 143 -2.10 -31.17 0.93
C HIS C 143 -2.58 -29.74 0.79
N ASP C 144 -2.73 -29.00 1.90
CA ASP C 144 -3.28 -27.65 1.83
C ASP C 144 -2.20 -26.62 1.53
N VAL C 145 -0.99 -26.82 2.04
CA VAL C 145 0.09 -25.84 1.97
C VAL C 145 1.16 -26.25 0.96
N SER C 146 1.74 -27.45 1.14
CA SER C 146 2.90 -27.85 0.34
C SER C 146 2.51 -28.18 -1.09
N ARG C 147 1.40 -28.91 -1.27
CA ARG C 147 1.01 -29.37 -2.61
C ARG C 147 0.83 -28.24 -3.60
N PRO C 148 0.12 -27.14 -3.30
CA PRO C 148 0.01 -26.05 -4.28
C PRO C 148 1.35 -25.42 -4.66
N SER C 149 2.33 -25.43 -3.76
CA SER C 149 3.64 -24.88 -4.10
C SER C 149 4.35 -25.74 -5.14
N PHE C 150 4.31 -27.07 -4.97
CA PHE C 150 4.86 -27.95 -5.99
C PHE C 150 4.11 -27.80 -7.31
N GLY C 151 2.79 -27.62 -7.25
CA GLY C 151 2.03 -27.40 -8.47
C GLY C 151 2.46 -26.15 -9.21
N ALA C 152 3.03 -25.18 -8.50
CA ALA C 152 3.43 -23.92 -9.10
C ALA C 152 4.81 -23.97 -9.74
N PHE C 153 5.59 -25.03 -9.51
CA PHE C 153 6.96 -25.10 -10.03
C PHE C 153 7.05 -24.84 -11.53
N PRO C 154 6.29 -25.52 -12.40
CA PRO C 154 6.47 -25.27 -13.84
C PRO C 154 6.20 -23.83 -14.24
N SER C 155 5.13 -23.23 -13.72
CA SER C 155 4.75 -21.88 -14.15
C SER C 155 5.52 -20.79 -13.41
N PHE C 156 5.95 -21.06 -12.17
CA PHE C 156 6.76 -20.07 -11.47
C PHE C 156 8.16 -19.98 -12.06
N PHE C 157 8.77 -21.12 -12.37
CA PHE C 157 10.13 -21.11 -12.89
C PHE C 157 10.19 -20.73 -14.36
N LYS C 158 9.09 -20.88 -15.10
CA LYS C 158 9.04 -20.27 -16.42
C LYS C 158 8.92 -18.75 -16.31
N GLY C 159 8.12 -18.28 -15.35
CA GLY C 159 7.91 -16.84 -15.22
C GLY C 159 9.17 -16.08 -14.85
N ASN C 160 10.04 -16.67 -14.02
CA ASN C 160 11.24 -15.99 -13.55
C ASN C 160 12.48 -16.33 -14.37
N GLY C 161 12.33 -17.00 -15.51
CA GLY C 161 13.48 -17.34 -16.33
C GLY C 161 14.29 -18.53 -15.84
N TYR C 162 13.66 -19.44 -15.08
CA TYR C 162 14.30 -20.67 -14.58
C TYR C 162 15.57 -20.36 -13.77
N LYS C 163 15.38 -19.54 -12.75
CA LYS C 163 16.47 -19.07 -11.91
C LYS C 163 16.22 -19.49 -10.46
N THR C 164 17.30 -19.77 -9.75
CA THR C 164 17.21 -20.00 -8.32
C THR C 164 16.68 -18.74 -7.65
N PRO C 165 15.75 -18.86 -6.70
CA PRO C 165 15.25 -17.66 -6.00
C PRO C 165 16.39 -16.88 -5.35
N ALA C 166 16.53 -15.62 -5.74
CA ALA C 166 17.70 -14.83 -5.38
C ALA C 166 17.73 -14.53 -3.89
N LEU C 167 16.70 -13.87 -3.37
CA LEU C 167 16.62 -13.62 -1.94
C LEU C 167 16.23 -14.88 -1.17
N GLY C 168 15.42 -15.75 -1.77
CA GLY C 168 15.01 -16.98 -1.14
C GLY C 168 13.82 -16.79 -0.22
N THR C 169 13.87 -15.76 0.62
CA THR C 169 12.84 -15.60 1.65
C THR C 169 11.47 -15.30 1.03
N THR C 170 11.42 -14.44 0.01
CA THR C 170 10.15 -13.95 -0.50
C THR C 170 10.00 -14.05 -2.01
N ASP C 171 10.95 -14.65 -2.73
CA ASP C 171 10.89 -14.67 -4.18
C ASP C 171 10.90 -16.08 -4.73
N GLY C 172 10.09 -16.96 -4.16
CA GLY C 172 10.09 -18.36 -4.54
C GLY C 172 8.71 -18.86 -4.94
N PRO C 173 8.63 -20.17 -5.20
CA PRO C 173 7.34 -20.73 -5.63
C PRO C 173 6.26 -20.68 -4.56
N PHE C 174 6.62 -20.65 -3.27
CA PHE C 174 5.60 -20.58 -2.22
C PHE C 174 4.80 -19.29 -2.32
N GLN C 175 5.45 -18.19 -2.70
CA GLN C 175 4.78 -16.90 -2.74
C GLN C 175 3.78 -16.83 -3.87
N SER C 176 4.11 -17.45 -5.01
CA SER C 176 3.23 -17.40 -6.17
C SER C 176 2.03 -18.32 -6.01
N ALA C 177 2.25 -19.51 -5.43
CA ALA C 177 1.18 -20.48 -5.28
C ALA C 177 0.16 -20.07 -4.22
N HIS C 178 0.56 -19.21 -3.28
CA HIS C 178 -0.33 -18.78 -2.22
C HIS C 178 -0.72 -17.31 -2.34
N LYS C 179 -0.27 -16.63 -3.40
CA LYS C 179 -0.69 -15.26 -3.71
C LYS C 179 -0.31 -14.28 -2.59
N VAL C 180 0.88 -14.46 -2.03
CA VAL C 180 1.39 -13.56 -0.99
C VAL C 180 2.78 -13.08 -1.39
N ASP C 181 3.20 -11.98 -0.78
CA ASP C 181 4.57 -11.48 -0.94
C ASP C 181 5.34 -11.51 0.38
N ILE C 182 4.89 -12.32 1.33
CA ILE C 182 5.54 -12.45 2.61
C ILE C 182 6.29 -13.78 2.66
N SER C 183 7.17 -13.92 3.65
CA SER C 183 7.93 -15.14 3.81
C SER C 183 7.03 -16.27 4.32
N PHE C 184 7.53 -17.51 4.17
CA PHE C 184 6.82 -18.67 4.69
C PHE C 184 6.60 -18.62 6.20
N PRO C 185 7.59 -18.27 7.04
CA PRO C 185 7.30 -18.17 8.48
C PRO C 185 6.28 -17.11 8.83
N GLN C 186 6.31 -15.96 8.13
CA GLN C 186 5.26 -14.96 8.31
C GLN C 186 3.90 -15.46 7.84
N TRP C 187 3.89 -16.31 6.81
CA TRP C 187 2.62 -16.86 6.33
C TRP C 187 2.00 -17.80 7.35
N LEU C 188 2.82 -18.62 8.02
CA LEU C 188 2.30 -19.53 9.03
C LEU C 188 1.63 -18.77 10.16
N VAL C 189 2.26 -17.67 10.62
CA VAL C 189 1.66 -16.86 11.66
C VAL C 189 0.38 -16.20 11.17
N GLY C 190 0.36 -15.77 9.91
CA GLY C 190 -0.81 -15.12 9.37
C GLY C 190 -1.99 -16.04 9.09
N ASN C 191 -1.76 -17.35 9.01
CA ASN C 191 -2.77 -18.30 8.55
C ASN C 191 -2.93 -19.45 9.53
N PRO C 192 -3.65 -19.25 10.63
CA PRO C 192 -4.06 -20.39 11.45
C PRO C 192 -4.99 -21.29 10.67
N PRO C 193 -4.99 -22.60 10.95
CA PRO C 193 -4.23 -23.32 11.99
C PRO C 193 -2.92 -23.88 11.47
N TYR C 194 -2.28 -23.26 10.48
CA TYR C 194 -1.19 -23.93 9.79
C TYR C 194 0.15 -23.81 10.51
N LEU C 195 0.31 -22.84 11.41
CA LEU C 195 1.48 -22.90 12.29
C LEU C 195 1.37 -24.06 13.28
N GLN C 196 0.17 -24.29 13.82
CA GLN C 196 -0.05 -25.41 14.71
C GLN C 196 0.14 -26.75 13.99
N TYR C 197 -0.38 -26.85 12.76
CA TYR C 197 -0.17 -28.07 11.97
C TYR C 197 1.31 -28.29 11.72
N PHE C 198 2.05 -27.23 11.38
CA PHE C 198 3.49 -27.33 11.17
C PHE C 198 4.20 -27.81 12.42
N ASN C 199 3.78 -27.31 13.59
CA ASN C 199 4.43 -27.71 14.84
C ASN C 199 4.20 -29.18 15.14
N SER C 200 2.99 -29.69 14.86
CA SER C 200 2.74 -31.12 14.99
C SER C 200 3.47 -31.91 13.91
N TYR C 201 3.59 -31.32 12.72
CA TYR C 201 4.24 -31.94 11.58
C TYR C 201 5.69 -32.30 11.87
N MET C 202 6.40 -31.49 12.67
CA MET C 202 7.81 -31.78 12.88
C MET C 202 8.05 -32.97 13.79
N SER C 203 7.06 -33.36 14.60
CA SER C 203 7.17 -34.61 15.33
C SER C 203 6.86 -35.82 14.45
N ALA C 204 6.57 -35.60 13.17
CA ALA C 204 6.17 -36.68 12.29
C ALA C 204 7.00 -36.82 11.02
N TYR C 205 7.69 -35.77 10.56
CA TYR C 205 8.28 -35.81 9.22
C TYR C 205 9.37 -36.87 9.08
N ARG C 206 10.10 -37.16 10.17
CA ARG C 206 11.14 -38.18 10.11
C ARG C 206 11.01 -39.22 11.22
N ALA C 207 9.86 -39.27 11.89
CA ALA C 207 9.67 -40.20 12.99
C ALA C 207 9.73 -41.64 12.52
N GLY C 208 10.19 -42.52 13.41
CA GLY C 208 10.39 -43.91 13.09
C GLY C 208 11.75 -44.23 12.51
N LYS C 209 12.53 -43.27 12.25
CA LYS C 209 13.89 -43.50 11.81
C LYS C 209 14.87 -43.28 12.96
N PRO C 210 15.99 -44.00 12.95
CA PRO C 210 16.98 -43.85 14.03
C PRO C 210 17.40 -42.41 14.22
N ASN C 211 17.38 -41.96 15.47
CA ASN C 211 17.80 -40.62 15.83
C ASN C 211 19.33 -40.53 15.87
N TRP C 212 19.83 -39.31 15.81
CA TRP C 212 21.27 -39.05 15.88
C TRP C 212 21.89 -39.65 17.14
N CYS C 213 21.12 -39.78 18.21
CA CYS C 213 21.63 -40.24 19.50
C CYS C 213 21.39 -41.72 19.74
N ASP C 214 20.92 -42.47 18.74
CA ASP C 214 20.72 -43.90 18.93
C ASP C 214 22.06 -44.63 18.83
N ASN C 215 22.07 -45.87 19.32
CA ASN C 215 23.28 -46.67 19.35
C ASN C 215 23.80 -46.94 17.94
N GLY C 216 25.11 -46.78 17.77
CA GLY C 216 25.73 -46.89 16.47
C GLY C 216 25.76 -45.61 15.66
N PHE C 217 25.03 -44.59 16.08
CA PHE C 217 25.03 -43.29 15.41
C PHE C 217 26.06 -42.37 16.06
N TYR C 218 25.62 -41.28 16.67
CA TYR C 218 26.61 -40.40 17.29
C TYR C 218 26.92 -40.87 18.70
N PRO C 219 28.20 -40.95 19.11
CA PRO C 219 28.58 -41.41 20.47
C PRO C 219 28.33 -40.39 21.58
N VAL C 220 27.07 -40.31 22.03
CA VAL C 220 26.66 -39.34 23.03
C VAL C 220 27.45 -39.53 24.31
N ALA C 221 27.46 -40.76 24.82
CA ALA C 221 28.09 -41.01 26.13
C ALA C 221 29.59 -40.75 26.08
N ASP C 222 30.24 -41.11 24.97
CA ASP C 222 31.69 -40.94 24.90
C ASP C 222 32.09 -39.48 24.76
N ARG C 223 31.32 -38.70 23.99
CA ARG C 223 31.69 -37.33 23.67
C ARG C 223 31.07 -36.30 24.59
N LEU C 224 29.88 -36.55 25.11
CA LEU C 224 29.14 -35.57 25.90
C LEU C 224 29.10 -35.91 27.39
N LEU C 225 28.73 -37.14 27.73
CA LEU C 225 28.58 -37.50 29.14
C LEU C 225 29.94 -37.68 29.81
N ASN C 226 30.91 -38.23 29.09
CA ASN C 226 32.19 -38.63 29.67
C ASN C 226 32.80 -37.50 30.51
N GLY C 227 33.15 -36.39 29.89
CA GLY C 227 33.76 -35.29 30.61
C GLY C 227 32.81 -34.17 30.98
N PHE C 228 31.55 -34.51 31.26
CA PHE C 228 30.60 -33.48 31.66
C PHE C 228 31.03 -32.85 32.97
N ASP C 229 31.06 -31.52 33.00
CA ASP C 229 31.61 -30.76 34.12
C ASP C 229 30.56 -29.73 34.55
N ALA C 230 29.86 -30.02 35.63
CA ALA C 230 28.88 -29.07 36.16
C ALA C 230 29.53 -27.79 36.64
N SER C 231 30.84 -27.81 36.94
CA SER C 231 31.52 -26.58 37.35
C SER C 231 31.72 -25.64 36.17
N VAL C 232 31.75 -26.17 34.95
CA VAL C 232 31.75 -25.30 33.77
C VAL C 232 30.35 -24.78 33.49
N SER C 233 29.34 -25.65 33.64
CA SER C 233 27.95 -25.31 33.42
C SER C 233 27.06 -26.49 33.78
N ASP C 234 25.93 -26.25 34.42
CA ASP C 234 25.00 -27.33 34.75
C ASP C 234 24.07 -27.70 33.61
N VAL C 235 24.34 -27.24 32.38
CA VAL C 235 23.53 -27.55 31.22
C VAL C 235 24.21 -28.63 30.39
N LEU C 236 23.49 -29.71 30.11
CA LEU C 236 24.02 -30.79 29.28
C LEU C 236 23.83 -30.51 27.80
N LEU C 237 22.60 -30.22 27.38
CA LEU C 237 22.34 -30.04 25.95
C LEU C 237 21.28 -28.97 25.76
N VAL C 238 21.49 -28.16 24.72
CA VAL C 238 20.56 -27.11 24.31
C VAL C 238 20.09 -27.46 22.90
N ASP C 239 18.78 -27.60 22.73
CA ASP C 239 18.19 -27.85 21.42
C ASP C 239 17.75 -26.50 20.84
N VAL C 240 18.55 -25.96 19.92
CA VAL C 240 18.30 -24.66 19.31
C VAL C 240 17.35 -24.83 18.14
N GLY C 241 16.15 -24.27 18.26
CA GLY C 241 15.13 -24.46 17.25
C GLY C 241 14.45 -25.81 17.29
N GLY C 242 14.26 -26.38 18.47
CA GLY C 242 13.80 -27.74 18.61
C GLY C 242 12.31 -27.95 18.53
N GLY C 243 11.54 -26.93 18.16
CA GLY C 243 10.10 -27.11 18.07
C GLY C 243 9.47 -27.28 19.43
N ARG C 244 8.52 -28.20 19.53
CA ARG C 244 7.83 -28.51 20.77
C ARG C 244 8.62 -29.47 21.66
N GLY C 245 9.83 -29.85 21.26
CA GLY C 245 10.71 -30.61 22.11
C GLY C 245 10.72 -32.11 21.90
N HIS C 246 10.17 -32.60 20.79
CA HIS C 246 10.13 -34.04 20.55
C HIS C 246 11.52 -34.66 20.50
N ASP C 247 12.52 -33.93 19.96
CA ASP C 247 13.87 -34.47 19.89
C ASP C 247 14.57 -34.45 21.24
N ILE C 248 14.46 -33.33 21.98
CA ILE C 248 15.19 -33.27 23.23
C ILE C 248 14.54 -34.17 24.27
N ALA C 249 13.23 -34.44 24.14
CA ALA C 249 12.59 -35.40 25.03
C ALA C 249 13.13 -36.81 24.79
N THR C 250 13.39 -37.16 23.52
CA THR C 250 13.98 -38.47 23.22
C THR C 250 15.38 -38.58 23.80
N PHE C 251 16.17 -37.51 23.72
CA PHE C 251 17.50 -37.50 24.32
C PHE C 251 17.41 -37.72 25.82
N GLY C 252 16.49 -37.03 26.49
CA GLY C 252 16.35 -37.19 27.92
C GLY C 252 15.93 -38.59 28.31
N SER C 253 15.01 -39.19 27.54
CA SER C 253 14.57 -40.54 27.80
C SER C 253 15.66 -41.58 27.55
N GLN C 254 16.64 -41.27 26.70
CA GLN C 254 17.68 -42.23 26.36
C GLN C 254 18.88 -42.16 27.29
N PHE C 255 19.11 -41.03 27.97
CA PHE C 255 20.36 -40.83 28.70
C PHE C 255 20.10 -40.37 30.12
N SER C 256 19.08 -40.96 30.79
CA SER C 256 18.71 -40.77 32.19
C SER C 256 19.45 -41.77 33.08
N PRO C 257 19.77 -41.40 34.33
CA PRO C 257 19.60 -40.08 34.96
C PRO C 257 20.50 -39.03 34.32
N LEU C 258 19.95 -37.86 34.00
CA LEU C 258 20.70 -36.85 33.26
C LEU C 258 21.66 -36.14 34.20
N PRO C 259 22.95 -36.06 33.86
CA PRO C 259 23.89 -35.32 34.72
C PRO C 259 23.70 -33.82 34.65
N GLY C 260 23.05 -33.30 33.60
CA GLY C 260 22.86 -31.87 33.45
C GLY C 260 21.49 -31.56 32.87
N ARG C 261 21.21 -30.26 32.78
CA ARG C 261 19.91 -29.79 32.35
C ARG C 261 19.75 -29.90 30.83
N LEU C 262 18.50 -30.04 30.40
CA LEU C 262 18.13 -29.99 29.00
C LEU C 262 17.31 -28.73 28.75
N VAL C 263 17.76 -27.92 27.78
CA VAL C 263 17.16 -26.63 27.49
C VAL C 263 16.66 -26.64 26.05
N LEU C 264 15.38 -26.39 25.86
CA LEU C 264 14.77 -26.25 24.55
C LEU C 264 14.61 -24.78 24.20
N GLN C 265 15.00 -24.40 22.99
CA GLN C 265 14.84 -23.04 22.50
C GLN C 265 14.07 -23.05 21.19
N ASP C 266 13.11 -22.14 21.07
CA ASP C 266 12.37 -21.94 19.82
C ASP C 266 11.64 -20.61 19.94
N ARG C 267 10.81 -20.30 18.94
CA ARG C 267 10.00 -19.09 19.00
C ARG C 267 8.87 -19.25 20.02
N GLU C 268 8.46 -18.12 20.61
CA GLU C 268 7.50 -18.17 21.71
C GLU C 268 6.18 -18.79 21.28
N GLN C 269 5.75 -18.56 20.03
CA GLN C 269 4.49 -19.11 19.57
C GLN C 269 4.55 -20.62 19.46
N VAL C 270 5.74 -21.18 19.22
CA VAL C 270 5.91 -22.63 19.24
C VAL C 270 6.04 -23.12 20.67
N ILE C 271 6.78 -22.38 21.50
CA ILE C 271 7.03 -22.79 22.89
C ILE C 271 5.75 -22.84 23.69
N ASN C 272 4.90 -21.81 23.54
CA ASN C 272 3.67 -21.75 24.33
C ASN C 272 2.60 -22.71 23.85
N SER C 273 2.83 -23.43 22.75
CA SER C 273 1.90 -24.46 22.29
C SER C 273 2.22 -25.84 22.86
N ILE C 274 3.30 -25.97 23.60
CA ILE C 274 3.72 -27.25 24.18
C ILE C 274 2.77 -27.64 25.31
N PRO C 275 2.10 -28.80 25.21
CA PRO C 275 1.20 -29.23 26.29
C PRO C 275 1.94 -29.37 27.61
N ALA C 276 1.20 -29.14 28.69
CA ALA C 276 1.80 -29.19 30.01
C ALA C 276 2.21 -30.63 30.36
N ASP C 277 3.26 -30.74 31.18
CA ASP C 277 3.77 -32.03 31.63
C ASP C 277 4.72 -31.83 32.80
N GLU C 278 4.34 -32.35 33.98
CA GLU C 278 5.25 -32.27 35.13
C GLU C 278 6.43 -33.21 34.96
N SER C 279 6.25 -34.33 34.26
CA SER C 279 7.32 -35.29 34.01
C SER C 279 8.24 -34.88 32.86
N ARG C 280 7.99 -33.73 32.25
CA ARG C 280 8.89 -33.18 31.23
C ARG C 280 10.31 -33.09 31.78
N GLN C 281 11.28 -33.44 30.94
CA GLN C 281 12.68 -33.45 31.34
C GLN C 281 13.47 -32.27 30.79
N PHE C 282 12.84 -31.38 30.05
CA PHE C 282 13.54 -30.23 29.47
C PHE C 282 12.90 -28.93 29.93
N GLU C 283 13.66 -27.85 29.81
CA GLU C 283 13.21 -26.50 30.07
C GLU C 283 12.83 -25.84 28.76
N ALA C 284 11.58 -25.42 28.64
CA ALA C 284 11.09 -24.78 27.42
C ALA C 284 11.31 -23.28 27.52
N THR C 285 12.12 -22.72 26.62
CA THR C 285 12.47 -21.31 26.67
C THR C 285 12.33 -20.67 25.28
N THR C 286 12.23 -19.35 25.27
CA THR C 286 12.07 -18.55 24.07
C THR C 286 13.43 -17.96 23.67
N HIS C 287 13.87 -18.24 22.44
CA HIS C 287 15.12 -17.68 21.94
C HIS C 287 15.07 -17.55 20.43
N ASP C 288 15.49 -16.39 19.95
CA ASP C 288 15.63 -16.11 18.51
C ASP C 288 17.03 -16.54 18.05
N ILE C 289 17.08 -17.48 17.10
CA ILE C 289 18.37 -17.99 16.62
C ILE C 289 19.21 -16.93 15.94
N PHE C 290 18.65 -15.75 15.66
CA PHE C 290 19.40 -14.65 15.08
C PHE C 290 19.91 -13.68 16.13
N THR C 291 19.88 -14.05 17.41
CA THR C 291 20.54 -13.32 18.47
C THR C 291 21.58 -14.22 19.13
N THR C 292 22.50 -13.59 19.86
CA THR C 292 23.56 -14.32 20.54
C THR C 292 22.97 -15.35 21.50
N GLN C 293 23.58 -16.53 21.52
CA GLN C 293 23.12 -17.64 22.33
C GLN C 293 23.22 -17.29 23.82
N PRO C 294 22.11 -17.35 24.58
CA PRO C 294 22.16 -16.90 25.97
C PRO C 294 22.60 -17.96 26.99
N VAL C 295 22.50 -19.24 26.66
CA VAL C 295 22.95 -20.28 27.58
C VAL C 295 24.45 -20.46 27.39
N LYS C 296 25.24 -20.12 28.40
CA LYS C 296 26.68 -20.00 28.30
C LYS C 296 27.37 -21.30 28.73
N HIS C 297 28.31 -21.77 27.89
CA HIS C 297 29.27 -22.82 28.22
C HIS C 297 28.62 -24.19 28.40
N ALA C 298 27.50 -24.44 27.74
CA ALA C 298 26.86 -25.74 27.83
C ALA C 298 27.75 -26.81 27.20
N ARG C 299 27.48 -28.07 27.56
CA ARG C 299 28.28 -29.17 27.01
C ARG C 299 28.00 -29.34 25.52
N ALA C 300 26.76 -29.15 25.10
CA ALA C 300 26.37 -29.38 23.72
C ALA C 300 25.29 -28.39 23.31
N TYR C 301 25.46 -27.82 22.11
CA TYR C 301 24.42 -27.06 21.42
C TYR C 301 24.05 -27.83 20.16
N TYR C 302 22.78 -28.18 20.05
CA TYR C 302 22.31 -29.12 19.05
C TYR C 302 21.29 -28.45 18.15
N MET C 303 21.26 -28.86 16.89
CA MET C 303 20.48 -28.14 15.89
C MET C 303 20.09 -29.12 14.80
N HIS C 304 18.79 -29.27 14.57
CA HIS C 304 18.22 -30.28 13.67
C HIS C 304 17.27 -29.58 12.70
N SER C 305 17.60 -29.63 11.42
CA SER C 305 16.75 -29.08 10.35
C SER C 305 16.43 -27.60 10.59
N VAL C 306 17.44 -26.82 10.93
CA VAL C 306 17.22 -25.39 11.15
C VAL C 306 18.00 -24.57 10.13
N PRO C 307 19.35 -24.60 10.08
CA PRO C 307 20.05 -23.82 9.04
C PRO C 307 19.74 -24.26 7.61
N HIS C 308 19.31 -25.51 7.40
CA HIS C 308 19.01 -25.98 6.06
C HIS C 308 17.86 -25.21 5.40
N GLY C 309 17.11 -24.41 6.15
CA GLY C 309 16.06 -23.57 5.62
C GLY C 309 16.48 -22.15 5.31
N PHE C 310 17.77 -21.82 5.37
CA PHE C 310 18.24 -20.45 5.24
C PHE C 310 19.36 -20.37 4.23
N GLY C 311 19.44 -19.22 3.55
CA GLY C 311 20.54 -18.93 2.67
C GLY C 311 21.85 -18.81 3.43
N ASP C 312 22.94 -18.69 2.66
CA ASP C 312 24.29 -18.79 3.22
C ASP C 312 24.53 -17.76 4.31
N GLU C 313 24.23 -16.48 4.04
CA GLU C 313 24.47 -15.42 5.02
C GLU C 313 23.68 -15.64 6.31
N ASP C 314 22.44 -16.12 6.18
CA ASP C 314 21.65 -16.38 7.39
C ASP C 314 22.15 -17.62 8.12
N ALA C 315 22.56 -18.66 7.39
CA ALA C 315 23.11 -19.84 8.03
C ALA C 315 24.44 -19.56 8.72
N VAL C 316 25.24 -18.64 8.18
CA VAL C 316 26.48 -18.26 8.86
C VAL C 316 26.17 -17.58 10.18
N LYS C 317 25.16 -16.70 10.21
CA LYS C 317 24.83 -15.98 11.43
C LYS C 317 24.21 -16.89 12.47
N ILE C 318 23.37 -17.86 12.04
CA ILE C 318 22.78 -18.81 12.99
C ILE C 318 23.88 -19.58 13.70
N MET C 319 24.88 -20.04 12.94
CA MET C 319 25.99 -20.77 13.53
C MET C 319 26.90 -19.85 14.33
N ALA C 320 27.12 -18.62 13.84
CA ALA C 320 28.03 -17.70 14.51
C ALA C 320 27.46 -17.20 15.83
N ASN C 321 26.14 -17.18 15.98
CA ASN C 321 25.55 -16.70 17.22
C ASN C 321 25.76 -17.67 18.37
N LEU C 322 26.13 -18.92 18.07
CA LEU C 322 26.53 -19.87 19.11
C LEU C 322 27.95 -19.61 19.61
N VAL C 323 28.81 -19.04 18.76
CA VAL C 323 30.24 -18.95 19.07
C VAL C 323 30.52 -18.24 20.39
N PRO C 324 29.90 -17.10 20.71
CA PRO C 324 30.26 -16.43 21.98
C PRO C 324 29.87 -17.22 23.23
N ALA C 325 29.02 -18.23 23.12
CA ALA C 325 28.60 -19.03 24.27
C ALA C 325 29.43 -20.29 24.44
N LEU C 326 30.35 -20.59 23.53
CA LEU C 326 31.08 -21.84 23.57
C LEU C 326 32.25 -21.77 24.55
N ALA C 327 32.38 -22.77 25.40
CA ALA C 327 33.55 -22.93 26.26
C ALA C 327 34.61 -23.71 25.49
N LYS C 328 35.79 -23.11 25.35
CA LYS C 328 36.87 -23.73 24.58
C LYS C 328 37.29 -25.05 25.20
N GLY C 329 37.45 -26.07 24.36
CA GLY C 329 37.79 -27.40 24.81
C GLY C 329 36.67 -28.17 25.48
N TYR C 330 35.47 -27.58 25.60
CA TYR C 330 34.39 -28.21 26.35
C TYR C 330 33.09 -28.26 25.56
N SER C 331 32.68 -27.15 24.96
CA SER C 331 31.38 -27.08 24.32
C SER C 331 31.43 -27.69 22.92
N ARG C 332 30.49 -28.60 22.64
CA ARG C 332 30.32 -29.23 21.34
C ARG C 332 29.18 -28.55 20.59
N VAL C 333 29.38 -28.34 19.30
CA VAL C 333 28.30 -27.97 18.38
C VAL C 333 27.91 -29.23 17.62
N LEU C 334 26.62 -29.57 17.63
CA LEU C 334 26.10 -30.79 17.01
C LEU C 334 25.05 -30.39 15.99
N LEU C 335 25.41 -30.48 14.71
CA LEU C 335 24.53 -30.06 13.63
C LEU C 335 23.94 -31.30 12.95
N ASN C 336 22.65 -31.52 13.15
CA ASN C 336 21.91 -32.67 12.61
C ASN C 336 21.20 -32.24 11.33
N GLU C 337 21.88 -32.41 10.20
CA GLU C 337 21.34 -32.01 8.90
C GLU C 337 21.68 -33.05 7.85
N ILE C 338 20.99 -32.95 6.71
CA ILE C 338 21.33 -33.75 5.54
C ILE C 338 22.66 -33.25 4.97
N VAL C 339 23.48 -34.18 4.51
CA VAL C 339 24.72 -33.88 3.81
C VAL C 339 24.61 -34.48 2.42
N VAL C 340 24.51 -33.62 1.41
CA VAL C 340 24.20 -34.05 0.05
C VAL C 340 25.46 -34.57 -0.63
N ASP C 341 25.36 -35.77 -1.19
CA ASP C 341 26.35 -36.32 -2.11
C ASP C 341 25.74 -36.16 -3.50
N GLU C 342 26.03 -35.02 -4.16
CA GLU C 342 25.35 -34.72 -5.41
C GLU C 342 25.71 -35.68 -6.54
N GLU C 343 26.78 -36.45 -6.40
CA GLU C 343 27.07 -37.50 -7.37
C GLU C 343 26.26 -38.76 -7.13
N ARG C 344 25.71 -38.94 -5.92
CA ARG C 344 24.88 -40.08 -5.58
C ARG C 344 23.54 -39.55 -5.08
N PRO C 345 22.62 -39.19 -5.99
CA PRO C 345 21.31 -38.70 -5.57
C PRO C 345 20.51 -39.80 -4.89
N VAL C 346 19.96 -39.49 -3.71
CA VAL C 346 19.04 -40.37 -3.04
C VAL C 346 17.77 -39.59 -2.71
N MET C 347 16.68 -40.33 -2.55
CA MET C 347 15.36 -39.72 -2.32
C MET C 347 15.33 -38.90 -1.03
N SER C 348 15.97 -39.38 0.04
CA SER C 348 15.88 -38.68 1.31
C SER C 348 16.48 -37.28 1.23
N ALA C 349 17.44 -37.08 0.35
CA ALA C 349 18.09 -35.78 0.19
C ALA C 349 17.32 -34.87 -0.77
N THR C 350 16.99 -35.36 -1.97
CA THR C 350 16.28 -34.53 -2.93
C THR C 350 14.88 -34.19 -2.45
N ASN C 351 14.27 -35.05 -1.64
CA ASN C 351 12.93 -34.78 -1.12
C ASN C 351 12.92 -33.53 -0.27
N MET C 352 13.78 -33.48 0.75
CA MET C 352 13.85 -32.31 1.60
C MET C 352 14.40 -31.10 0.86
N ASP C 353 15.27 -31.33 -0.13
CA ASP C 353 15.83 -30.23 -0.90
C ASP C 353 14.75 -29.49 -1.69
N LEU C 354 13.82 -30.23 -2.29
CA LEU C 354 12.73 -29.60 -3.03
C LEU C 354 11.62 -29.11 -2.11
N ILE C 355 11.50 -29.70 -0.91
CA ILE C 355 10.64 -29.12 0.12
C ILE C 355 11.20 -27.79 0.60
N MET C 356 12.53 -27.70 0.68
CA MET C 356 13.15 -26.44 1.09
C MET C 356 12.91 -25.37 0.02
N LEU C 357 13.06 -25.76 -1.25
CA LEU C 357 12.76 -24.86 -2.35
C LEU C 357 11.29 -24.44 -2.34
N ALA C 358 10.39 -25.38 -2.03
CA ALA C 358 8.96 -25.10 -2.11
C ALA C 358 8.45 -24.22 -0.98
N HIS C 359 9.07 -24.25 0.20
CA HIS C 359 8.60 -23.46 1.33
C HIS C 359 9.51 -22.29 1.66
N MET C 360 10.81 -22.55 1.85
CA MET C 360 11.74 -21.51 2.24
C MET C 360 12.56 -20.96 1.08
N GLY C 361 12.45 -21.56 -0.09
CA GLY C 361 13.31 -21.14 -1.19
C GLY C 361 14.78 -21.40 -0.93
N ALA C 362 15.09 -22.45 -0.16
CA ALA C 362 16.47 -22.76 0.19
C ALA C 362 16.85 -24.13 -0.35
N LYS C 363 17.93 -24.72 0.19
CA LYS C 363 18.52 -25.91 -0.41
C LYS C 363 19.21 -26.74 0.65
N GLU C 364 19.36 -28.03 0.35
CA GLU C 364 20.21 -28.89 1.17
C GLU C 364 21.66 -28.75 0.72
N ARG C 365 22.58 -29.03 1.64
CA ARG C 365 23.97 -28.66 1.46
C ARG C 365 24.88 -29.88 1.44
N THR C 366 25.87 -29.83 0.53
CA THR C 366 26.95 -30.81 0.50
C THR C 366 27.89 -30.58 1.68
N GLU C 367 28.75 -31.57 1.93
CA GLU C 367 29.72 -31.44 3.01
C GLU C 367 30.64 -30.23 2.78
N ALA C 368 31.00 -29.98 1.51
CA ALA C 368 31.80 -28.80 1.21
C ALA C 368 31.02 -27.52 1.52
N ASP C 369 29.72 -27.51 1.19
CA ASP C 369 28.87 -26.36 1.50
C ASP C 369 28.85 -26.10 3.01
N TRP C 370 28.58 -27.14 3.81
CA TRP C 370 28.50 -26.97 5.26
C TRP C 370 29.84 -26.58 5.86
N ARG C 371 30.93 -27.13 5.34
CA ARG C 371 32.24 -26.77 5.85
C ARG C 371 32.52 -25.29 5.66
N SER C 372 32.14 -24.75 4.50
CA SER C 372 32.32 -23.33 4.22
C SER C 372 31.49 -22.48 5.17
N ILE C 373 30.23 -22.87 5.39
CA ILE C 373 29.36 -22.16 6.33
C ILE C 373 29.98 -22.15 7.73
N LEU C 374 30.45 -23.30 8.18
CA LEU C 374 30.93 -23.41 9.55
C LEU C 374 32.23 -22.64 9.75
N THR C 375 33.10 -22.62 8.74
CA THR C 375 34.34 -21.87 8.84
C THR C 375 34.07 -20.37 8.90
N ARG C 376 33.22 -19.87 8.01
CA ARG C 376 32.86 -18.44 8.04
C ARG C 376 32.18 -18.06 9.36
N ALA C 377 31.53 -19.02 10.02
CA ALA C 377 30.91 -18.79 11.32
C ALA C 377 31.91 -18.80 12.47
N GLY C 378 33.15 -19.18 12.22
CA GLY C 378 34.13 -19.32 13.28
C GLY C 378 34.18 -20.68 13.92
N LEU C 379 33.78 -21.73 13.21
CA LEU C 379 33.76 -23.08 13.73
C LEU C 379 34.60 -23.98 12.83
N LYS C 380 34.96 -25.16 13.36
CA LYS C 380 35.66 -26.15 12.55
C LYS C 380 35.08 -27.54 12.83
N VAL C 381 34.94 -28.32 11.76
CA VAL C 381 34.37 -29.66 11.84
C VAL C 381 35.34 -30.59 12.57
N VAL C 382 34.81 -31.37 13.49
CA VAL C 382 35.58 -32.40 14.19
C VAL C 382 35.38 -33.76 13.52
N ASN C 383 34.14 -34.13 13.27
CA ASN C 383 33.80 -35.43 12.70
C ASN C 383 32.39 -35.35 12.16
N ILE C 384 32.08 -36.17 11.16
CA ILE C 384 30.74 -36.25 10.58
C ILE C 384 30.27 -37.69 10.70
N TYR C 385 29.11 -37.87 11.34
CA TYR C 385 28.54 -39.19 11.59
C TYR C 385 27.29 -39.39 10.76
N SER C 386 27.16 -40.59 10.20
CA SER C 386 25.97 -40.96 9.46
C SER C 386 25.51 -42.34 9.92
N TYR C 387 24.34 -42.75 9.43
CA TYR C 387 23.77 -44.04 9.75
C TYR C 387 23.09 -44.58 8.50
N PRO C 388 23.28 -45.86 8.19
CA PRO C 388 22.68 -46.43 6.96
C PRO C 388 21.17 -46.28 6.94
N GLY C 389 20.68 -45.58 5.92
CA GLY C 389 19.25 -45.43 5.72
C GLY C 389 18.61 -44.22 6.36
N VAL C 390 19.36 -43.40 7.07
CA VAL C 390 18.81 -42.19 7.68
C VAL C 390 19.21 -41.01 6.82
N ALA C 391 18.31 -40.01 6.75
CA ALA C 391 18.50 -38.87 5.85
C ALA C 391 19.61 -37.96 6.35
N GLU C 392 19.56 -37.58 7.62
CA GLU C 392 20.50 -36.60 8.15
C GLU C 392 21.81 -37.24 8.55
N SER C 393 22.84 -36.41 8.60
CA SER C 393 24.08 -36.74 9.30
C SER C 393 24.14 -35.94 10.59
N LEU C 394 25.17 -36.22 11.38
CA LEU C 394 25.47 -35.45 12.59
C LEU C 394 26.87 -34.88 12.41
N ILE C 395 26.95 -33.57 12.21
CA ILE C 395 28.23 -32.88 12.09
C ILE C 395 28.61 -32.34 13.46
N GLU C 396 29.71 -32.84 14.04
CA GLU C 396 30.23 -32.27 15.27
C GLU C 396 31.23 -31.18 14.93
N ALA C 397 31.04 -30.00 15.50
CA ALA C 397 31.92 -28.87 15.26
C ALA C 397 32.38 -28.28 16.58
N GLU C 398 33.42 -27.46 16.51
CA GLU C 398 34.02 -26.82 17.67
C GLU C 398 34.55 -25.47 17.24
N LEU C 399 34.95 -24.66 18.23
CA LEU C 399 35.57 -23.37 17.95
C LEU C 399 36.79 -23.56 17.07
N ALA C 400 36.90 -22.75 16.02
CA ALA C 400 38.07 -22.80 15.15
C ALA C 400 39.31 -22.28 15.89
N ALA D 6 -25.19 8.99 -42.50
CA ALA D 6 -25.28 9.53 -43.84
C ALA D 6 -23.89 9.81 -44.41
N SER D 7 -23.86 10.46 -45.58
CA SER D 7 -22.64 10.78 -46.30
C SER D 7 -22.12 12.16 -45.92
N PRO D 8 -20.80 12.34 -45.86
CA PRO D 8 -20.24 13.69 -45.70
C PRO D 8 -20.78 14.69 -46.71
N ALA D 9 -20.88 14.30 -47.99
CA ALA D 9 -21.40 15.21 -49.01
C ALA D 9 -22.83 15.61 -48.70
N SER D 10 -23.61 14.73 -48.07
CA SER D 10 -24.98 15.09 -47.70
C SER D 10 -24.99 16.08 -46.55
N ILE D 11 -24.22 15.82 -45.50
CA ILE D 11 -24.23 16.69 -44.32
C ILE D 11 -23.68 18.06 -44.65
N ILE D 12 -22.76 18.15 -45.62
CA ILE D 12 -22.21 19.44 -46.02
C ILE D 12 -23.31 20.32 -46.60
N GLN D 13 -24.19 19.74 -47.43
CA GLN D 13 -25.33 20.50 -47.94
C GLN D 13 -26.33 20.84 -46.84
N GLU D 14 -26.63 19.87 -45.97
CA GLU D 14 -27.54 20.12 -44.86
C GLU D 14 -27.01 21.24 -43.96
N LEU D 15 -25.69 21.29 -43.77
CA LEU D 15 -25.10 22.35 -42.96
C LEU D 15 -25.23 23.71 -43.64
N ALA D 16 -24.96 23.76 -44.95
CA ALA D 16 -25.14 25.01 -45.68
C ALA D 16 -26.60 25.45 -45.70
N SER D 17 -27.52 24.49 -45.78
CA SER D 17 -28.94 24.82 -45.68
C SER D 17 -29.27 25.40 -44.31
N ALA D 18 -28.78 24.75 -43.25
CA ALA D 18 -28.98 25.27 -41.91
C ALA D 18 -28.32 26.64 -41.73
N ALA D 19 -27.16 26.82 -42.34
CA ALA D 19 -26.48 28.11 -42.25
C ALA D 19 -27.35 29.23 -42.82
N LYS D 20 -27.91 29.01 -44.01
CA LYS D 20 -28.81 30.00 -44.61
C LYS D 20 -29.95 30.36 -43.68
N GLN D 21 -30.50 29.38 -42.97
CA GLN D 21 -31.60 29.64 -42.06
C GLN D 21 -31.12 30.38 -40.82
N TYR D 22 -29.91 30.07 -40.35
CA TYR D 22 -29.34 30.78 -39.22
C TYR D 22 -29.03 32.24 -39.57
N GLU D 23 -28.54 32.49 -40.78
CA GLU D 23 -28.29 33.86 -41.19
C GLU D 23 -29.59 34.63 -41.42
N ASN D 24 -30.72 33.92 -41.53
CA ASN D 24 -32.03 34.53 -41.63
C ASN D 24 -32.73 34.61 -40.27
N ASN D 25 -32.01 34.39 -39.18
CA ASN D 25 -32.53 34.53 -37.82
C ASN D 25 -33.76 33.66 -37.58
N GLU D 26 -33.79 32.48 -38.20
CA GLU D 26 -34.91 31.58 -38.05
C GLU D 26 -34.83 30.80 -36.73
N SER D 27 -35.99 30.55 -36.15
CA SER D 27 -36.06 29.91 -34.84
C SER D 27 -35.47 28.51 -34.89
N GLY D 28 -34.56 28.23 -33.96
CA GLY D 28 -33.93 26.93 -33.86
C GLY D 28 -32.81 26.67 -34.85
N ALA D 29 -32.55 27.60 -35.78
CA ALA D 29 -31.53 27.35 -36.79
C ALA D 29 -30.13 27.35 -36.20
N ARG D 30 -29.87 28.19 -35.20
CA ARG D 30 -28.57 28.15 -34.53
C ARG D 30 -28.29 26.77 -33.96
N GLU D 31 -29.25 26.20 -33.23
CA GLU D 31 -29.08 24.87 -32.67
C GLU D 31 -28.97 23.81 -33.77
N ALA D 32 -29.73 23.99 -34.85
CA ALA D 32 -29.69 23.00 -35.93
C ALA D 32 -28.36 23.05 -36.68
N LEU D 33 -27.76 24.25 -36.79
CA LEU D 33 -26.44 24.35 -37.39
C LEU D 33 -25.40 23.62 -36.54
N ILE D 34 -25.52 23.74 -35.21
CA ILE D 34 -24.61 23.02 -34.31
C ILE D 34 -24.77 21.52 -34.49
N ALA D 35 -26.01 21.04 -34.63
CA ALA D 35 -26.24 19.60 -34.76
C ALA D 35 -25.72 19.06 -36.08
N GLN D 36 -25.75 19.89 -37.14
CA GLN D 36 -25.22 19.44 -38.43
C GLN D 36 -23.70 19.39 -38.40
N SER D 37 -23.07 20.34 -37.72
CA SER D 37 -21.62 20.34 -37.61
C SER D 37 -21.14 19.09 -36.88
N ARG D 38 -21.80 18.75 -35.77
CA ARG D 38 -21.44 17.56 -35.02
C ARG D 38 -21.62 16.30 -35.86
N ALA D 39 -22.71 16.24 -36.63
CA ALA D 39 -22.92 15.12 -37.54
C ALA D 39 -21.77 15.00 -38.54
N LEU D 40 -21.43 16.11 -39.21
CA LEU D 40 -20.31 16.09 -40.15
C LEU D 40 -19.04 15.56 -39.51
N ILE D 41 -18.75 16.01 -38.28
CA ILE D 41 -17.56 15.55 -37.56
C ILE D 41 -17.58 14.03 -37.39
N ALA D 42 -18.73 13.48 -37.01
CA ALA D 42 -18.81 12.03 -36.81
C ALA D 42 -18.67 11.28 -38.12
N SER D 43 -19.12 11.86 -39.22
CA SER D 43 -19.01 11.22 -40.53
C SER D 43 -17.60 11.25 -41.08
N LEU D 44 -16.77 12.18 -40.62
CA LEU D 44 -15.39 12.29 -41.11
C LEU D 44 -14.37 11.66 -40.18
N GLU D 45 -14.62 11.63 -38.87
CA GLU D 45 -13.64 11.13 -37.93
C GLU D 45 -13.39 9.65 -38.14
N VAL D 46 -12.14 9.24 -37.91
CA VAL D 46 -11.80 7.82 -37.90
C VAL D 46 -11.84 7.39 -36.44
N PRO D 47 -12.05 6.10 -36.16
CA PRO D 47 -12.16 5.64 -34.76
C PRO D 47 -11.03 6.09 -33.85
N SER D 48 -9.79 6.20 -34.34
CA SER D 48 -8.71 6.62 -33.44
C SER D 48 -8.85 8.09 -33.05
N GLU D 49 -9.43 8.91 -33.91
CA GLU D 49 -9.70 10.30 -33.56
C GLU D 49 -10.88 10.42 -32.61
N PHE D 50 -11.89 9.59 -32.78
CA PHE D 50 -12.99 9.53 -31.81
C PHE D 50 -12.47 9.12 -30.44
N ILE D 51 -11.58 8.12 -30.39
CA ILE D 51 -11.02 7.70 -29.11
C ILE D 51 -10.29 8.86 -28.44
N GLN D 52 -9.44 9.54 -29.20
CA GLN D 52 -8.67 10.65 -28.62
C GLN D 52 -9.59 11.77 -28.13
N HIS D 53 -10.55 12.18 -28.96
CA HIS D 53 -11.41 13.28 -28.56
C HIS D 53 -12.27 12.90 -27.35
N THR D 54 -12.86 11.70 -27.39
CA THR D 54 -13.77 11.27 -26.34
C THR D 54 -13.04 10.96 -25.04
N PHE D 55 -11.86 10.35 -25.14
CA PHE D 55 -11.17 9.87 -23.94
C PHE D 55 -9.93 10.67 -23.57
N TRP D 56 -9.48 11.60 -24.41
CA TRP D 56 -8.36 12.48 -24.06
C TRP D 56 -8.79 13.94 -24.03
N SER D 57 -9.28 14.47 -25.15
CA SER D 57 -9.49 15.91 -25.27
C SER D 57 -10.53 16.42 -24.28
N GLN D 58 -11.56 15.62 -24.00
CA GLN D 58 -12.67 16.13 -23.21
C GLN D 58 -12.41 15.95 -21.71
N PRO D 59 -11.95 14.78 -21.25
CA PRO D 59 -11.58 14.69 -19.82
C PRO D 59 -10.51 15.70 -19.43
N ALA D 60 -9.58 16.01 -20.32
CA ALA D 60 -8.59 17.05 -20.04
C ALA D 60 -9.22 18.44 -20.05
N LEU D 61 -10.16 18.69 -20.97
CA LEU D 61 -10.85 19.97 -21.01
C LEU D 61 -11.63 20.21 -19.72
N SER D 62 -12.44 19.23 -19.30
CA SER D 62 -13.23 19.38 -18.08
C SER D 62 -12.34 19.62 -16.87
N ALA D 63 -11.19 18.94 -16.81
CA ALA D 63 -10.27 19.11 -15.70
C ALA D 63 -9.62 20.49 -15.72
N ILE D 64 -9.28 21.00 -16.90
CA ILE D 64 -8.66 22.31 -16.99
C ILE D 64 -9.70 23.40 -16.74
N VAL D 65 -10.92 23.22 -17.24
CA VAL D 65 -11.99 24.17 -16.95
C VAL D 65 -12.28 24.19 -15.45
N ARG D 66 -12.18 23.04 -14.80
CA ARG D 66 -12.34 22.97 -13.35
C ARG D 66 -11.14 23.54 -12.61
N LEU D 67 -9.92 23.36 -13.15
CA LEU D 67 -8.75 23.97 -12.54
C LEU D 67 -8.83 25.48 -12.62
N ALA D 68 -9.29 26.01 -13.77
CA ALA D 68 -9.42 27.45 -13.95
C ALA D 68 -10.32 28.08 -12.92
N THR D 69 -11.22 27.31 -12.31
CA THR D 69 -12.10 27.83 -11.27
C THR D 69 -11.37 28.04 -9.95
N ASP D 70 -10.25 27.33 -9.72
CA ASP D 70 -9.45 27.53 -8.51
C ASP D 70 -8.46 28.67 -8.63
N VAL D 71 -8.11 29.09 -9.86
CA VAL D 71 -7.04 30.03 -10.11
C VAL D 71 -7.53 31.31 -10.75
N ASN D 72 -8.85 31.50 -10.86
CA ASN D 72 -9.44 32.76 -11.31
C ASN D 72 -9.05 33.11 -12.74
N LEU D 73 -8.84 32.09 -13.58
CA LEU D 73 -8.20 32.32 -14.88
C LEU D 73 -9.15 33.04 -15.84
N PHE D 74 -10.40 32.59 -15.94
CA PHE D 74 -11.34 33.23 -16.85
C PHE D 74 -11.60 34.68 -16.44
N GLN D 75 -11.61 34.96 -15.13
CA GLN D 75 -11.78 36.34 -14.67
C GLN D 75 -10.64 37.24 -15.13
N TYR D 76 -9.40 36.75 -15.04
CA TYR D 76 -8.26 37.55 -15.50
C TYR D 76 -8.35 37.85 -16.99
N LEU D 77 -8.69 36.84 -17.79
CA LEU D 77 -8.83 37.06 -19.22
C LEU D 77 -9.98 38.01 -19.52
N LYS D 78 -11.07 37.93 -18.75
CA LYS D 78 -12.18 38.87 -18.93
C LYS D 78 -11.73 40.30 -18.64
N ASP D 79 -10.94 40.48 -17.57
CA ASP D 79 -10.40 41.79 -17.24
C ASP D 79 -9.52 42.32 -18.37
N ALA D 80 -8.74 41.44 -19.01
CA ALA D 80 -7.77 41.88 -20.01
C ALA D 80 -8.42 42.47 -21.25
N GLN D 81 -9.66 42.08 -21.55
CA GLN D 81 -10.42 42.62 -22.70
C GLN D 81 -9.62 42.38 -23.97
N GLU D 82 -9.33 43.40 -24.77
CA GLU D 82 -8.66 43.21 -26.05
C GLU D 82 -7.13 43.21 -25.94
N GLU D 83 -6.58 43.64 -24.80
CA GLU D 83 -5.13 43.53 -24.62
C GLU D 83 -4.70 42.07 -24.47
N GLY D 84 -5.52 41.23 -23.87
CA GLY D 84 -5.09 39.88 -23.59
C GLY D 84 -3.98 39.86 -22.56
N LEU D 85 -3.40 38.67 -22.39
CA LEU D 85 -2.26 38.45 -21.52
C LEU D 85 -1.43 37.30 -22.08
N ASN D 86 -0.12 37.38 -21.89
CA ASN D 86 0.73 36.27 -22.29
C ASN D 86 0.84 35.27 -21.14
N ALA D 87 1.63 34.21 -21.36
CA ALA D 87 1.74 33.16 -20.36
C ALA D 87 2.49 33.63 -19.12
N GLU D 88 3.45 34.54 -19.27
CA GLU D 88 4.16 35.06 -18.10
C GLU D 88 3.22 35.85 -17.20
N ALA D 89 2.42 36.74 -17.79
CA ALA D 89 1.47 37.51 -17.01
C ALA D 89 0.42 36.61 -16.37
N LEU D 90 -0.06 35.62 -17.12
CA LEU D 90 -1.13 34.76 -16.60
C LEU D 90 -0.62 33.80 -15.53
N ALA D 91 0.56 33.20 -15.74
CA ALA D 91 1.11 32.31 -14.72
C ALA D 91 1.51 33.10 -13.48
N SER D 92 1.87 34.36 -13.64
CA SER D 92 2.10 35.23 -12.48
C SER D 92 0.80 35.53 -11.76
N LYS D 93 -0.27 35.82 -12.51
CA LYS D 93 -1.55 36.17 -11.89
C LYS D 93 -2.22 34.95 -11.25
N THR D 94 -2.17 33.80 -11.91
CA THR D 94 -2.81 32.60 -11.37
C THR D 94 -1.95 31.91 -10.32
N GLY D 95 -0.66 32.22 -10.25
CA GLY D 95 0.21 31.55 -9.31
C GLY D 95 0.63 30.16 -9.74
N MET D 96 0.71 29.91 -11.04
CA MET D 96 1.18 28.64 -11.56
C MET D 96 2.56 28.79 -12.17
N ASP D 97 3.26 27.67 -12.27
CA ASP D 97 4.47 27.63 -13.07
C ASP D 97 4.11 28.03 -14.50
N VAL D 98 5.00 28.78 -15.15
CA VAL D 98 4.70 29.30 -16.48
C VAL D 98 4.56 28.17 -17.49
N SER D 99 5.40 27.14 -17.36
CA SER D 99 5.36 26.02 -18.31
C SER D 99 4.07 25.22 -18.16
N LEU D 100 3.70 24.89 -16.92
CA LEU D 100 2.47 24.16 -16.69
C LEU D 100 1.25 24.95 -17.15
N PHE D 101 1.22 26.26 -16.87
CA PHE D 101 0.06 27.04 -17.28
C PHE D 101 -0.10 27.06 -18.79
N ALA D 102 1.00 27.23 -19.53
CA ALA D 102 0.91 27.42 -20.97
C ALA D 102 0.45 26.15 -21.67
N ARG D 103 0.85 24.98 -21.17
CA ARG D 103 0.39 23.72 -21.74
C ARG D 103 -1.12 23.55 -21.56
N LEU D 104 -1.63 23.89 -20.38
CA LEU D 104 -3.07 23.81 -20.14
C LEU D 104 -3.82 24.83 -20.98
N ALA D 105 -3.31 26.06 -21.02
CA ALA D 105 -3.94 27.11 -21.82
C ALA D 105 -3.98 26.74 -23.29
N ARG D 106 -2.93 26.09 -23.79
CA ARG D 106 -2.89 25.73 -25.21
C ARG D 106 -3.95 24.69 -25.55
N HIS D 107 -4.27 23.80 -24.61
CA HIS D 107 -5.40 22.89 -24.82
C HIS D 107 -6.71 23.67 -24.85
N LEU D 108 -6.85 24.69 -24.01
CA LEU D 108 -8.08 25.51 -24.02
C LEU D 108 -8.23 26.24 -25.35
N VAL D 109 -7.11 26.68 -25.94
CA VAL D 109 -7.14 27.28 -27.26
C VAL D 109 -7.56 26.25 -28.32
N ALA D 110 -6.97 25.04 -28.25
CA ALA D 110 -7.29 23.99 -29.21
C ALA D 110 -8.74 23.50 -29.09
N MET D 111 -9.35 23.61 -27.90
CA MET D 111 -10.77 23.33 -27.72
C MET D 111 -11.65 24.54 -27.98
N ASN D 112 -11.08 25.65 -28.46
CA ASN D 112 -11.80 26.86 -28.83
C ASN D 112 -12.54 27.49 -27.65
N VAL D 113 -11.96 27.38 -26.46
CA VAL D 113 -12.51 28.04 -25.28
C VAL D 113 -11.94 29.44 -25.10
N ILE D 114 -10.65 29.62 -25.40
CA ILE D 114 -10.01 30.91 -25.52
C ILE D 114 -9.24 30.92 -26.85
N THR D 115 -8.69 32.07 -27.18
CA THR D 115 -7.90 32.21 -28.40
C THR D 115 -6.49 32.68 -28.05
N SER D 116 -5.62 32.65 -29.05
CA SER D 116 -4.23 33.07 -28.88
C SER D 116 -3.71 33.60 -30.20
N ARG D 117 -3.02 34.75 -30.14
CA ARG D 117 -2.29 35.31 -31.26
C ARG D 117 -0.95 35.81 -30.74
N ASN D 118 0.14 35.45 -31.42
CA ASN D 118 1.47 36.00 -31.14
C ASN D 118 1.88 35.78 -29.69
N GLY D 119 1.50 34.65 -29.13
CA GLY D 119 1.84 34.33 -27.75
C GLY D 119 1.03 35.05 -26.70
N VAL D 120 -0.05 35.72 -27.08
CA VAL D 120 -0.96 36.37 -26.14
C VAL D 120 -2.27 35.61 -26.13
N PHE D 121 -2.76 35.28 -24.94
CA PHE D 121 -4.05 34.61 -24.79
C PHE D 121 -5.16 35.64 -24.66
N TYR D 122 -6.32 35.33 -25.23
CA TYR D 122 -7.45 36.24 -25.25
C TYR D 122 -8.70 35.53 -24.77
N GLY D 123 -9.44 36.16 -23.86
CA GLY D 123 -10.73 35.63 -23.48
C GLY D 123 -11.72 35.72 -24.62
N THR D 124 -12.66 34.78 -24.64
CA THR D 124 -13.74 34.74 -25.62
C THR D 124 -15.05 35.04 -24.93
N ALA D 125 -16.11 35.20 -25.73
CA ALA D 125 -17.43 35.37 -25.15
C ALA D 125 -17.81 34.21 -24.26
N LEU D 126 -17.39 33.00 -24.63
CA LEU D 126 -17.63 31.81 -23.82
C LEU D 126 -16.89 31.87 -22.48
N SER D 127 -15.56 32.00 -22.53
CA SER D 127 -14.79 32.00 -21.30
C SER D 127 -15.11 33.20 -20.43
N ASN D 128 -15.41 34.35 -21.05
CA ASN D 128 -15.85 35.50 -20.26
C ASN D 128 -17.20 35.23 -19.62
N GLY D 129 -18.04 34.41 -20.27
CA GLY D 129 -19.26 33.95 -19.62
C GLY D 129 -19.02 32.99 -18.48
N LEU D 130 -18.01 32.12 -18.61
CA LEU D 130 -17.72 31.15 -17.55
C LEU D 130 -17.07 31.79 -16.34
N ALA D 131 -16.66 33.05 -16.44
CA ALA D 131 -16.10 33.76 -15.29
C ALA D 131 -17.14 34.07 -14.23
N ALA D 132 -18.42 34.16 -14.62
CA ALA D 132 -19.47 34.52 -13.68
C ALA D 132 -19.62 33.46 -12.61
N GLU D 133 -19.98 33.91 -11.40
CA GLU D 133 -20.01 33.04 -10.23
C GLU D 133 -20.89 31.81 -10.45
N ASN D 134 -22.08 31.98 -11.04
CA ASN D 134 -22.98 30.84 -11.17
C ASN D 134 -22.41 29.77 -12.09
N TYR D 135 -21.64 30.17 -13.11
CA TYR D 135 -20.99 29.17 -13.95
C TYR D 135 -19.78 28.57 -13.24
N GLN D 136 -19.06 29.38 -12.47
CA GLN D 136 -17.93 28.88 -11.68
C GLN D 136 -18.39 27.76 -10.75
N GLN D 137 -19.50 27.97 -10.04
CA GLN D 137 -20.01 26.93 -9.14
C GLN D 137 -20.66 25.79 -9.92
N SER D 138 -21.21 26.09 -11.11
CA SER D 138 -21.71 25.01 -11.96
C SER D 138 -20.58 24.08 -12.36
N ILE D 139 -19.43 24.65 -12.75
CA ILE D 139 -18.27 23.84 -13.12
C ILE D 139 -17.79 23.00 -11.94
N ARG D 140 -17.75 23.60 -10.74
CA ARG D 140 -17.32 22.87 -9.55
C ARG D 140 -18.24 21.71 -9.23
N PHE D 141 -19.56 21.95 -9.29
CA PHE D 141 -20.51 20.87 -9.03
C PHE D 141 -20.34 19.75 -10.06
N CYS D 142 -20.27 20.12 -11.33
CA CYS D 142 -20.20 19.12 -12.39
C CYS D 142 -18.95 18.25 -12.24
N HIS D 143 -17.79 18.88 -12.01
CA HIS D 143 -16.56 18.10 -11.95
C HIS D 143 -16.40 17.36 -10.62
N ASP D 144 -16.89 17.92 -9.52
CA ASP D 144 -16.76 17.26 -8.22
C ASP D 144 -17.84 16.24 -7.94
N VAL D 145 -19.05 16.45 -8.44
CA VAL D 145 -20.21 15.65 -8.07
C VAL D 145 -20.74 14.82 -9.24
N SER D 146 -21.02 15.46 -10.37
CA SER D 146 -21.59 14.73 -11.50
C SER D 146 -20.57 13.80 -12.15
N ARG D 147 -19.34 14.27 -12.32
CA ARG D 147 -18.33 13.48 -13.03
C ARG D 147 -18.07 12.13 -12.37
N PRO D 148 -17.89 12.01 -11.05
CA PRO D 148 -17.70 10.66 -10.48
C PRO D 148 -18.91 9.75 -10.68
N SER D 149 -20.12 10.30 -10.73
CA SER D 149 -21.32 9.47 -10.93
C SER D 149 -21.33 8.80 -12.29
N PHE D 150 -21.05 9.54 -13.36
CA PHE D 150 -20.93 8.93 -14.67
C PHE D 150 -19.77 7.94 -14.71
N GLY D 151 -18.66 8.27 -14.03
CA GLY D 151 -17.53 7.36 -14.00
C GLY D 151 -17.84 6.04 -13.35
N ALA D 152 -18.88 5.99 -12.52
CA ALA D 152 -19.30 4.76 -11.86
C ALA D 152 -20.24 3.91 -12.68
N PHE D 153 -20.76 4.43 -13.81
CA PHE D 153 -21.74 3.72 -14.64
C PHE D 153 -21.29 2.31 -14.99
N PRO D 154 -20.12 2.09 -15.62
CA PRO D 154 -19.77 0.72 -16.04
C PRO D 154 -19.75 -0.28 -14.90
N SER D 155 -19.11 0.07 -13.78
CA SER D 155 -19.01 -0.86 -12.66
C SER D 155 -20.29 -0.94 -11.84
N PHE D 156 -21.08 0.13 -11.78
CA PHE D 156 -22.31 0.06 -11.01
C PHE D 156 -23.33 -0.86 -11.67
N PHE D 157 -23.53 -0.70 -12.99
CA PHE D 157 -24.56 -1.46 -13.67
C PHE D 157 -24.14 -2.90 -13.93
N LYS D 158 -22.84 -3.16 -14.03
CA LYS D 158 -22.36 -4.54 -13.98
C LYS D 158 -22.67 -5.17 -12.63
N GLY D 159 -22.42 -4.43 -11.55
CA GLY D 159 -22.64 -4.97 -10.22
C GLY D 159 -24.11 -5.18 -9.90
N ASN D 160 -24.98 -4.25 -10.33
CA ASN D 160 -26.40 -4.38 -10.00
C ASN D 160 -27.16 -5.27 -10.98
N GLY D 161 -26.51 -5.71 -12.06
CA GLY D 161 -27.16 -6.58 -13.02
C GLY D 161 -27.82 -5.88 -14.19
N TYR D 162 -27.38 -4.66 -14.51
CA TYR D 162 -27.89 -3.90 -15.66
C TYR D 162 -29.40 -3.72 -15.55
N LYS D 163 -29.83 -3.26 -14.38
CA LYS D 163 -31.22 -3.01 -14.07
C LYS D 163 -31.43 -1.52 -13.80
N THR D 164 -32.63 -1.05 -14.11
CA THR D 164 -33.03 0.27 -13.67
C THR D 164 -33.02 0.33 -12.15
N PRO D 165 -32.46 1.40 -11.55
CA PRO D 165 -32.56 1.55 -10.09
C PRO D 165 -33.98 1.36 -9.58
N ALA D 166 -34.18 0.33 -8.76
CA ALA D 166 -35.53 -0.04 -8.33
C ALA D 166 -36.18 1.08 -7.53
N LEU D 167 -35.52 1.54 -6.47
CA LEU D 167 -36.06 2.67 -5.71
C LEU D 167 -35.75 3.99 -6.39
N GLY D 168 -34.66 4.04 -7.16
CA GLY D 168 -34.16 5.30 -7.71
C GLY D 168 -33.50 6.22 -6.71
N THR D 169 -34.13 6.43 -5.55
CA THR D 169 -33.64 7.40 -4.58
C THR D 169 -32.30 6.98 -3.96
N THR D 170 -32.22 5.75 -3.46
CA THR D 170 -31.06 5.32 -2.68
C THR D 170 -30.23 4.23 -3.31
N ASP D 171 -30.59 3.74 -4.51
CA ASP D 171 -29.94 2.58 -5.10
C ASP D 171 -29.47 2.89 -6.52
N GLY D 172 -28.82 4.04 -6.69
CA GLY D 172 -28.33 4.43 -7.99
C GLY D 172 -26.83 4.56 -8.03
N PRO D 173 -26.26 4.92 -9.19
CA PRO D 173 -24.80 5.07 -9.28
C PRO D 173 -24.26 6.24 -8.50
N PHE D 174 -25.09 7.23 -8.16
CA PHE D 174 -24.63 8.33 -7.30
C PHE D 174 -24.19 7.79 -5.94
N GLN D 175 -25.00 6.90 -5.35
CA GLN D 175 -24.65 6.32 -4.07
C GLN D 175 -23.37 5.51 -4.16
N SER D 176 -23.18 4.79 -5.26
CA SER D 176 -21.97 3.99 -5.43
C SER D 176 -20.75 4.90 -5.64
N ALA D 177 -20.90 5.90 -6.51
CA ALA D 177 -19.78 6.78 -6.82
C ALA D 177 -19.33 7.56 -5.60
N HIS D 178 -20.25 7.96 -4.74
CA HIS D 178 -19.92 8.80 -3.61
C HIS D 178 -19.90 8.04 -2.29
N LYS D 179 -20.10 6.71 -2.32
CA LYS D 179 -19.90 5.83 -1.16
C LYS D 179 -20.86 6.18 -0.02
N VAL D 180 -22.12 6.47 -0.37
CA VAL D 180 -23.15 6.81 0.59
C VAL D 180 -24.35 5.89 0.37
N ASP D 181 -25.25 5.87 1.35
CA ASP D 181 -26.52 5.17 1.19
C ASP D 181 -27.69 6.11 1.47
N ILE D 182 -27.48 7.40 1.25
CA ILE D 182 -28.54 8.39 1.38
C ILE D 182 -28.91 8.88 -0.02
N SER D 183 -30.01 9.64 -0.08
CA SER D 183 -30.45 10.19 -1.35
C SER D 183 -29.61 11.39 -1.74
N PHE D 184 -29.67 11.71 -3.03
CA PHE D 184 -28.97 12.90 -3.53
C PHE D 184 -29.44 14.17 -2.85
N PRO D 185 -30.73 14.42 -2.62
CA PRO D 185 -31.11 15.60 -1.81
C PRO D 185 -30.54 15.56 -0.39
N GLN D 186 -30.54 14.39 0.24
CA GLN D 186 -29.89 14.26 1.55
C GLN D 186 -28.41 14.60 1.45
N TRP D 187 -27.75 14.13 0.38
CA TRP D 187 -26.31 14.32 0.24
C TRP D 187 -25.97 15.80 0.07
N LEU D 188 -26.80 16.56 -0.64
CA LEU D 188 -26.55 18.00 -0.80
C LEU D 188 -26.58 18.70 0.55
N VAL D 189 -27.55 18.35 1.40
CA VAL D 189 -27.70 19.03 2.69
C VAL D 189 -26.52 18.74 3.60
N GLY D 190 -25.99 17.53 3.54
CA GLY D 190 -24.87 17.14 4.38
C GLY D 190 -23.50 17.35 3.79
N ASN D 191 -23.39 18.02 2.63
CA ASN D 191 -22.10 18.25 1.98
C ASN D 191 -22.03 19.66 1.41
N PRO D 192 -21.94 20.67 2.27
CA PRO D 192 -21.61 22.01 1.79
C PRO D 192 -20.23 22.00 1.18
N PRO D 193 -19.98 22.87 0.19
CA PRO D 193 -20.85 23.91 -0.36
C PRO D 193 -21.73 23.45 -1.51
N TYR D 194 -22.04 22.16 -1.63
CA TYR D 194 -22.59 21.68 -2.90
C TYR D 194 -24.08 21.92 -3.04
N LEU D 195 -24.81 22.20 -1.96
CA LEU D 195 -26.19 22.66 -2.13
C LEU D 195 -26.20 24.10 -2.63
N GLN D 196 -25.38 24.96 -2.05
CA GLN D 196 -25.24 26.32 -2.56
C GLN D 196 -24.76 26.31 -4.01
N TYR D 197 -23.78 25.46 -4.33
CA TYR D 197 -23.31 25.31 -5.71
C TYR D 197 -24.44 24.87 -6.63
N PHE D 198 -25.21 23.88 -6.19
CA PHE D 198 -26.34 23.41 -6.98
C PHE D 198 -27.35 24.53 -7.23
N ASN D 199 -27.63 25.35 -6.20
CA ASN D 199 -28.65 26.39 -6.34
C ASN D 199 -28.23 27.45 -7.35
N SER D 200 -26.95 27.85 -7.34
CA SER D 200 -26.45 28.76 -8.36
C SER D 200 -26.46 28.10 -9.73
N TYR D 201 -26.16 26.80 -9.77
CA TYR D 201 -26.14 26.00 -10.99
C TYR D 201 -27.49 26.00 -11.70
N MET D 202 -28.59 26.19 -10.98
CA MET D 202 -29.87 26.14 -11.69
C MET D 202 -30.21 27.43 -12.41
N SER D 203 -29.51 28.54 -12.14
CA SER D 203 -29.66 29.70 -12.99
C SER D 203 -28.77 29.62 -14.22
N ALA D 204 -28.00 28.55 -14.36
CA ALA D 204 -27.03 28.42 -15.43
C ALA D 204 -27.29 27.24 -16.35
N TYR D 205 -27.91 26.15 -15.88
CA TYR D 205 -27.89 24.91 -16.66
C TYR D 205 -28.61 25.06 -18.01
N ARG D 206 -29.61 25.95 -18.09
CA ARG D 206 -30.29 26.19 -19.36
C ARG D 206 -30.40 27.69 -19.67
N ALA D 207 -29.49 28.49 -19.11
CA ALA D 207 -29.54 29.93 -19.30
C ALA D 207 -29.18 30.31 -20.73
N GLY D 208 -29.77 31.40 -21.22
CA GLY D 208 -29.52 31.86 -22.56
C GLY D 208 -30.28 31.13 -23.64
N LYS D 209 -31.21 30.27 -23.27
CA LYS D 209 -32.13 29.58 -24.17
C LYS D 209 -33.54 30.13 -23.98
N PRO D 210 -34.39 30.10 -25.01
CA PRO D 210 -35.70 30.75 -24.89
C PRO D 210 -36.53 30.14 -23.77
N ASN D 211 -37.08 31.01 -22.93
CA ASN D 211 -37.94 30.61 -21.83
C ASN D 211 -39.35 30.31 -22.33
N TRP D 212 -40.07 29.52 -21.54
CA TRP D 212 -41.45 29.16 -21.84
C TRP D 212 -42.33 30.39 -22.07
N CYS D 213 -42.03 31.51 -21.41
CA CYS D 213 -42.87 32.69 -21.48
C CYS D 213 -42.43 33.66 -22.57
N ASP D 214 -41.42 33.32 -23.36
CA ASP D 214 -40.96 34.22 -24.40
C ASP D 214 -41.93 34.22 -25.58
N ASN D 215 -41.85 35.27 -26.39
CA ASN D 215 -42.71 35.40 -27.56
C ASN D 215 -42.57 34.20 -28.49
N GLY D 216 -43.70 33.66 -28.94
CA GLY D 216 -43.72 32.48 -29.78
C GLY D 216 -43.68 31.17 -29.04
N PHE D 217 -43.52 31.18 -27.72
CA PHE D 217 -43.53 29.95 -26.94
C PHE D 217 -44.92 29.78 -26.31
N TYR D 218 -45.03 29.84 -24.97
CA TYR D 218 -46.35 29.75 -24.38
C TYR D 218 -47.04 31.13 -24.40
N PRO D 219 -48.33 31.19 -24.78
CA PRO D 219 -49.05 32.48 -24.79
C PRO D 219 -49.54 32.92 -23.42
N VAL D 220 -48.62 33.56 -22.67
CA VAL D 220 -48.90 33.96 -21.29
C VAL D 220 -50.05 34.97 -21.25
N ALA D 221 -49.99 35.99 -22.10
CA ALA D 221 -50.99 37.06 -22.03
C ALA D 221 -52.39 36.53 -22.35
N ASP D 222 -52.53 35.76 -23.44
CA ASP D 222 -53.84 35.27 -23.83
C ASP D 222 -54.39 34.25 -22.83
N ARG D 223 -53.53 33.40 -22.28
CA ARG D 223 -53.97 32.29 -21.43
C ARG D 223 -54.08 32.67 -19.96
N LEU D 224 -53.21 33.55 -19.47
CA LEU D 224 -53.13 33.83 -18.04
C LEU D 224 -53.54 35.25 -17.69
N LEU D 225 -53.08 36.25 -18.44
CA LEU D 225 -53.38 37.64 -18.10
C LEU D 225 -54.78 38.02 -18.53
N ASN D 226 -55.21 37.55 -19.71
CA ASN D 226 -56.51 37.90 -20.29
C ASN D 226 -57.63 37.87 -19.26
N GLY D 227 -57.87 36.71 -18.67
CA GLY D 227 -58.98 36.59 -17.74
C GLY D 227 -58.59 36.60 -16.27
N PHE D 228 -57.50 37.29 -15.93
CA PHE D 228 -57.08 37.39 -14.54
C PHE D 228 -58.20 38.03 -13.71
N ASP D 229 -58.48 37.44 -12.55
CA ASP D 229 -59.61 37.85 -11.72
C ASP D 229 -59.12 37.97 -10.28
N ALA D 230 -58.86 39.19 -9.84
CA ALA D 230 -58.41 39.43 -8.47
C ALA D 230 -59.46 39.00 -7.45
N SER D 231 -60.73 38.93 -7.83
CA SER D 231 -61.77 38.46 -6.93
C SER D 231 -61.76 36.94 -6.75
N VAL D 232 -61.04 36.21 -7.60
CA VAL D 232 -60.80 34.79 -7.35
C VAL D 232 -59.56 34.59 -6.48
N SER D 233 -58.48 35.25 -6.84
CA SER D 233 -57.23 35.24 -6.09
C SER D 233 -56.38 36.39 -6.58
N ASP D 234 -55.62 37.00 -5.68
CA ASP D 234 -54.71 38.07 -6.08
C ASP D 234 -53.33 37.55 -6.49
N VAL D 235 -53.19 36.24 -6.66
CA VAL D 235 -51.94 35.62 -7.06
C VAL D 235 -52.02 35.29 -8.55
N LEU D 236 -51.01 35.75 -9.30
CA LEU D 236 -50.94 35.46 -10.73
C LEU D 236 -50.24 34.14 -11.01
N LEU D 237 -49.09 33.91 -10.37
CA LEU D 237 -48.31 32.72 -10.67
C LEU D 237 -47.58 32.25 -9.43
N VAL D 238 -47.58 30.94 -9.23
CA VAL D 238 -46.81 30.28 -8.19
C VAL D 238 -45.78 29.40 -8.88
N ASP D 239 -44.49 29.64 -8.60
CA ASP D 239 -43.39 28.81 -9.12
C ASP D 239 -43.03 27.80 -8.04
N VAL D 240 -43.55 26.58 -8.20
CA VAL D 240 -43.35 25.51 -7.23
C VAL D 240 -42.02 24.82 -7.52
N GLY D 241 -41.05 24.98 -6.62
CA GLY D 241 -39.72 24.44 -6.85
C GLY D 241 -38.81 25.30 -7.69
N GLY D 242 -38.92 26.63 -7.56
CA GLY D 242 -38.20 27.52 -8.45
C GLY D 242 -36.84 27.94 -7.96
N GLY D 243 -36.31 27.22 -6.96
CA GLY D 243 -34.97 27.54 -6.47
C GLY D 243 -34.92 28.93 -5.87
N ARG D 244 -33.93 29.71 -6.29
CA ARG D 244 -33.77 31.07 -5.82
C ARG D 244 -34.59 32.08 -6.63
N GLY D 245 -35.47 31.62 -7.51
CA GLY D 245 -36.39 32.50 -8.20
C GLY D 245 -35.92 33.12 -9.49
N HIS D 246 -34.96 32.52 -10.20
CA HIS D 246 -34.51 33.11 -11.45
C HIS D 246 -35.60 33.05 -12.53
N ASP D 247 -36.36 31.95 -12.57
CA ASP D 247 -37.41 31.85 -13.58
C ASP D 247 -38.55 32.80 -13.30
N ILE D 248 -38.95 32.95 -12.04
CA ILE D 248 -40.08 33.80 -11.73
C ILE D 248 -39.69 35.28 -11.82
N ALA D 249 -38.41 35.61 -11.61
CA ALA D 249 -37.96 36.98 -11.83
C ALA D 249 -37.94 37.32 -13.32
N THR D 250 -37.64 36.34 -14.17
CA THR D 250 -37.72 36.56 -15.61
C THR D 250 -39.16 36.78 -16.06
N PHE D 251 -40.09 36.01 -15.52
CA PHE D 251 -41.50 36.20 -15.82
C PHE D 251 -41.97 37.59 -15.41
N GLY D 252 -41.57 38.06 -14.23
CA GLY D 252 -41.99 39.38 -13.79
C GLY D 252 -41.45 40.50 -14.65
N SER D 253 -40.16 40.41 -15.02
CA SER D 253 -39.56 41.43 -15.87
C SER D 253 -40.23 41.53 -17.24
N GLN D 254 -40.88 40.46 -17.71
CA GLN D 254 -41.46 40.43 -19.04
C GLN D 254 -42.94 40.78 -19.08
N PHE D 255 -43.64 40.72 -17.95
CA PHE D 255 -45.09 40.92 -17.94
C PHE D 255 -45.49 41.97 -16.92
N SER D 256 -44.66 42.97 -16.75
CA SER D 256 -44.94 44.08 -15.86
C SER D 256 -45.60 45.22 -16.62
N PRO D 257 -46.46 46.03 -15.96
CA PRO D 257 -46.86 45.97 -14.53
C PRO D 257 -47.72 44.76 -14.23
N LEU D 258 -47.35 43.97 -13.21
CA LEU D 258 -48.01 42.70 -12.94
C LEU D 258 -49.38 42.92 -12.31
N PRO D 259 -50.43 42.26 -12.82
CA PRO D 259 -51.76 42.41 -12.21
C PRO D 259 -51.97 41.57 -10.96
N GLY D 260 -51.07 40.64 -10.67
CA GLY D 260 -51.19 39.80 -9.50
C GLY D 260 -49.82 39.51 -8.90
N ARG D 261 -49.83 38.78 -7.80
CA ARG D 261 -48.62 38.46 -7.07
C ARG D 261 -47.86 37.30 -7.71
N LEU D 262 -46.55 37.31 -7.54
CA LEU D 262 -45.67 36.22 -7.93
C LEU D 262 -45.14 35.56 -6.65
N VAL D 263 -45.45 34.28 -6.47
CA VAL D 263 -45.07 33.55 -5.26
C VAL D 263 -44.09 32.46 -5.63
N LEU D 264 -42.88 32.53 -5.08
CA LEU D 264 -41.89 31.49 -5.24
C LEU D 264 -41.96 30.52 -4.08
N GLN D 265 -41.89 29.22 -4.38
CA GLN D 265 -41.92 28.17 -3.36
C GLN D 265 -40.74 27.22 -3.54
N ASP D 266 -39.99 26.99 -2.46
CA ASP D 266 -38.97 25.96 -2.43
C ASP D 266 -38.70 25.60 -0.97
N ARG D 267 -37.71 24.75 -0.74
CA ARG D 267 -37.38 24.35 0.62
C ARG D 267 -36.73 25.51 1.39
N GLU D 268 -36.85 25.45 2.71
CA GLU D 268 -36.44 26.55 3.58
C GLU D 268 -34.96 26.89 3.40
N GLN D 269 -34.10 25.86 3.29
CA GLN D 269 -32.67 26.09 3.16
C GLN D 269 -32.32 26.77 1.83
N VAL D 270 -33.10 26.49 0.78
CA VAL D 270 -32.86 27.12 -0.52
C VAL D 270 -33.35 28.58 -0.48
N ILE D 271 -34.54 28.79 0.06
CA ILE D 271 -35.11 30.14 0.14
C ILE D 271 -34.21 31.05 0.97
N ASN D 272 -33.63 30.53 2.04
CA ASN D 272 -32.80 31.36 2.91
C ASN D 272 -31.55 31.88 2.20
N SER D 273 -31.14 31.25 1.12
CA SER D 273 -29.94 31.61 0.38
C SER D 273 -30.17 32.69 -0.67
N ILE D 274 -31.40 33.18 -0.82
CA ILE D 274 -31.71 34.23 -1.77
C ILE D 274 -31.16 35.54 -1.22
N PRO D 275 -30.28 36.23 -1.95
CA PRO D 275 -29.77 37.52 -1.45
C PRO D 275 -30.88 38.56 -1.43
N ALA D 276 -30.75 39.51 -0.50
CA ALA D 276 -31.78 40.52 -0.32
C ALA D 276 -31.93 41.38 -1.58
N ASP D 277 -33.16 41.84 -1.82
CA ASP D 277 -33.45 42.66 -2.98
C ASP D 277 -34.82 43.29 -2.75
N GLU D 278 -34.84 44.60 -2.52
CA GLU D 278 -36.11 45.30 -2.40
C GLU D 278 -36.77 45.52 -3.74
N SER D 279 -36.00 45.52 -4.83
CA SER D 279 -36.54 45.57 -6.18
C SER D 279 -37.08 44.23 -6.66
N ARG D 280 -36.93 43.18 -5.87
CA ARG D 280 -37.49 41.87 -6.18
C ARG D 280 -38.99 41.97 -6.42
N GLN D 281 -39.46 41.27 -7.45
CA GLN D 281 -40.86 41.31 -7.84
C GLN D 281 -41.67 40.14 -7.31
N PHE D 282 -41.03 39.15 -6.69
CA PHE D 282 -41.71 37.96 -6.20
C PHE D 282 -41.59 37.87 -4.69
N GLU D 283 -42.46 37.06 -4.09
CA GLU D 283 -42.38 36.71 -2.68
C GLU D 283 -41.68 35.37 -2.55
N ALA D 284 -40.64 35.32 -1.73
CA ALA D 284 -39.91 34.08 -1.46
C ALA D 284 -40.55 33.40 -0.25
N THR D 285 -41.09 32.20 -0.47
CA THR D 285 -41.79 31.46 0.57
C THR D 285 -41.32 30.01 0.59
N THR D 286 -41.54 29.36 1.73
CA THR D 286 -41.14 27.97 1.94
C THR D 286 -42.32 27.07 1.68
N HIS D 287 -42.12 26.03 0.86
CA HIS D 287 -43.17 25.05 0.66
C HIS D 287 -42.56 23.74 0.17
N ASP D 288 -43.05 22.63 0.73
CA ASP D 288 -42.64 21.29 0.35
C ASP D 288 -43.64 20.74 -0.66
N ILE D 289 -43.14 20.31 -1.83
CA ILE D 289 -44.00 19.77 -2.88
C ILE D 289 -44.70 18.48 -2.49
N PHE D 290 -44.31 17.84 -1.39
CA PHE D 290 -44.99 16.66 -0.91
C PHE D 290 -46.01 17.00 0.18
N THR D 291 -46.43 18.26 0.26
CA THR D 291 -47.56 18.68 1.08
C THR D 291 -48.57 19.40 0.19
N THR D 292 -49.80 19.52 0.69
CA THR D 292 -50.85 20.20 -0.06
C THR D 292 -50.44 21.63 -0.40
N GLN D 293 -50.76 22.06 -1.62
CA GLN D 293 -50.43 23.40 -2.09
C GLN D 293 -51.15 24.46 -1.26
N PRO D 294 -50.43 25.31 -0.53
CA PRO D 294 -51.09 26.26 0.38
C PRO D 294 -51.69 27.48 -0.30
N VAL D 295 -51.16 27.91 -1.45
CA VAL D 295 -51.74 29.04 -2.16
C VAL D 295 -52.94 28.56 -2.97
N LYS D 296 -54.11 29.12 -2.67
CA LYS D 296 -55.37 28.62 -3.18
C LYS D 296 -55.87 29.48 -4.33
N HIS D 297 -56.27 28.85 -5.42
CA HIS D 297 -57.01 29.44 -6.54
C HIS D 297 -56.18 30.43 -7.36
N ALA D 298 -54.85 30.31 -7.32
CA ALA D 298 -54.01 31.16 -8.16
C ALA D 298 -54.33 30.94 -9.65
N ARG D 299 -53.98 31.93 -10.46
CA ARG D 299 -54.23 31.82 -11.90
C ARG D 299 -53.33 30.77 -12.54
N ALA D 300 -52.08 30.62 -12.06
CA ALA D 300 -51.15 29.66 -12.64
C ALA D 300 -50.27 29.05 -11.58
N TYR D 301 -50.12 27.72 -11.64
CA TYR D 301 -49.13 26.98 -10.88
C TYR D 301 -48.13 26.41 -11.86
N TYR D 302 -46.86 26.78 -11.72
CA TYR D 302 -45.82 26.49 -12.70
C TYR D 302 -44.73 25.64 -12.06
N MET D 303 -44.23 24.66 -12.80
CA MET D 303 -43.11 23.84 -12.37
C MET D 303 -42.12 23.69 -13.51
N HIS D 304 -40.84 23.79 -13.17
CA HIS D 304 -39.76 23.65 -14.13
C HIS D 304 -38.74 22.68 -13.56
N SER D 305 -38.52 21.56 -14.27
CA SER D 305 -37.51 20.57 -13.89
C SER D 305 -37.65 20.15 -12.42
N VAL D 306 -38.87 19.79 -12.04
CA VAL D 306 -39.08 19.28 -10.69
C VAL D 306 -39.51 17.81 -10.76
N PRO D 307 -40.72 17.45 -11.23
CA PRO D 307 -41.10 16.02 -11.18
C PRO D 307 -40.28 15.12 -12.10
N HIS D 308 -39.44 15.66 -12.97
CA HIS D 308 -38.59 14.82 -13.80
C HIS D 308 -37.50 14.12 -13.00
N GLY D 309 -37.21 14.58 -11.79
CA GLY D 309 -36.25 13.92 -10.92
C GLY D 309 -36.83 12.88 -10.00
N PHE D 310 -38.09 12.50 -10.19
CA PHE D 310 -38.77 11.58 -9.28
C PHE D 310 -39.39 10.42 -10.06
N GLY D 311 -39.57 9.31 -9.35
CA GLY D 311 -40.29 8.18 -9.90
C GLY D 311 -41.77 8.49 -10.08
N ASP D 312 -42.49 7.50 -10.63
CA ASP D 312 -43.89 7.71 -11.00
C ASP D 312 -44.74 8.02 -9.77
N GLU D 313 -44.57 7.26 -8.69
CA GLU D 313 -45.43 7.44 -7.53
C GLU D 313 -45.22 8.80 -6.89
N ASP D 314 -43.96 9.26 -6.83
CA ASP D 314 -43.69 10.58 -6.27
C ASP D 314 -44.17 11.70 -7.20
N ALA D 315 -43.96 11.53 -8.51
CA ALA D 315 -44.39 12.56 -9.46
C ALA D 315 -45.90 12.74 -9.44
N VAL D 316 -46.64 11.64 -9.31
CA VAL D 316 -48.10 11.76 -9.18
C VAL D 316 -48.45 12.56 -7.93
N LYS D 317 -47.78 12.26 -6.80
CA LYS D 317 -48.04 12.99 -5.57
C LYS D 317 -47.71 14.47 -5.72
N ILE D 318 -46.62 14.78 -6.43
CA ILE D 318 -46.25 16.17 -6.66
C ILE D 318 -47.35 16.90 -7.43
N MET D 319 -47.90 16.25 -8.46
CA MET D 319 -48.90 16.93 -9.26
C MET D 319 -50.25 16.93 -8.53
N ALA D 320 -50.56 15.85 -7.81
CA ALA D 320 -51.83 15.75 -7.12
C ALA D 320 -51.94 16.68 -5.92
N ASN D 321 -50.81 17.13 -5.36
CA ASN D 321 -50.85 18.06 -4.25
C ASN D 321 -51.24 19.47 -4.69
N LEU D 322 -51.20 19.76 -6.00
CA LEU D 322 -51.77 20.99 -6.52
C LEU D 322 -53.28 20.95 -6.65
N VAL D 323 -53.86 19.76 -6.73
CA VAL D 323 -55.26 19.63 -7.14
C VAL D 323 -56.24 20.29 -6.17
N PRO D 324 -56.12 20.13 -4.84
CA PRO D 324 -57.08 20.82 -3.95
C PRO D 324 -57.01 22.34 -3.99
N ALA D 325 -55.95 22.92 -4.54
CA ALA D 325 -55.82 24.37 -4.61
C ALA D 325 -56.34 24.96 -5.91
N LEU D 326 -56.65 24.14 -6.90
CA LEU D 326 -57.04 24.63 -8.22
C LEU D 326 -58.47 25.14 -8.20
N ALA D 327 -58.70 26.31 -8.80
CA ALA D 327 -60.04 26.84 -9.02
C ALA D 327 -60.54 26.36 -10.37
N LYS D 328 -61.66 25.64 -10.38
CA LYS D 328 -62.15 25.05 -11.63
C LYS D 328 -62.50 26.14 -12.64
N GLY D 329 -62.07 25.93 -13.88
CA GLY D 329 -62.22 26.92 -14.92
C GLY D 329 -61.26 28.08 -14.85
N TYR D 330 -60.40 28.14 -13.83
CA TYR D 330 -59.58 29.33 -13.65
C TYR D 330 -58.09 29.02 -13.51
N SER D 331 -57.74 28.07 -12.65
CA SER D 331 -56.34 27.81 -12.32
C SER D 331 -55.68 26.95 -13.39
N ARG D 332 -54.59 27.44 -13.95
CA ARG D 332 -53.79 26.68 -14.90
C ARG D 332 -52.68 25.94 -14.16
N VAL D 333 -52.32 24.76 -14.69
CA VAL D 333 -51.12 24.06 -14.29
C VAL D 333 -50.18 24.08 -15.49
N LEU D 334 -48.95 24.55 -15.27
CA LEU D 334 -47.97 24.70 -16.35
C LEU D 334 -46.74 23.88 -15.98
N LEU D 335 -46.50 22.80 -16.70
CA LEU D 335 -45.38 21.89 -16.42
C LEU D 335 -44.32 22.09 -17.49
N ASN D 336 -43.17 22.62 -17.07
CA ASN D 336 -42.08 22.97 -17.99
C ASN D 336 -41.04 21.86 -17.90
N GLU D 337 -41.25 20.80 -18.67
CA GLU D 337 -40.40 19.63 -18.61
C GLU D 337 -40.11 19.13 -20.02
N ILE D 338 -38.99 18.40 -20.14
CA ILE D 338 -38.68 17.71 -21.39
C ILE D 338 -39.74 16.66 -21.69
N VAL D 339 -40.18 16.63 -22.94
CA VAL D 339 -41.06 15.60 -23.46
C VAL D 339 -40.25 14.78 -24.44
N VAL D 340 -39.90 13.55 -24.05
CA VAL D 340 -39.02 12.72 -24.87
C VAL D 340 -39.80 12.16 -26.06
N ASP D 341 -39.26 12.39 -27.25
CA ASP D 341 -39.66 11.69 -28.47
C ASP D 341 -38.61 10.60 -28.67
N GLU D 342 -38.94 9.37 -28.28
CA GLU D 342 -37.90 8.34 -28.28
C GLU D 342 -37.50 7.92 -29.68
N GLU D 343 -38.43 8.01 -30.64
CA GLU D 343 -38.08 7.69 -32.02
C GLU D 343 -37.15 8.72 -32.63
N ARG D 344 -37.15 9.96 -32.12
CA ARG D 344 -36.19 10.99 -32.52
C ARG D 344 -35.37 11.37 -31.30
N PRO D 345 -34.35 10.59 -30.95
CA PRO D 345 -33.48 10.95 -29.82
C PRO D 345 -32.71 12.22 -30.12
N VAL D 346 -32.69 13.14 -29.16
CA VAL D 346 -31.97 14.40 -29.31
C VAL D 346 -31.10 14.60 -28.08
N MET D 347 -29.95 15.25 -28.31
CA MET D 347 -28.94 15.38 -27.26
C MET D 347 -29.48 16.14 -26.05
N SER D 348 -30.30 17.16 -26.28
CA SER D 348 -30.85 17.91 -25.15
C SER D 348 -31.72 17.03 -24.26
N ALA D 349 -32.39 16.03 -24.84
CA ALA D 349 -33.23 15.14 -24.05
C ALA D 349 -32.42 14.02 -23.39
N THR D 350 -31.48 13.42 -24.13
CA THR D 350 -30.68 12.34 -23.56
C THR D 350 -29.71 12.86 -22.50
N ASN D 351 -29.23 14.10 -22.66
CA ASN D 351 -28.36 14.73 -21.65
C ASN D 351 -29.01 14.74 -20.28
N MET D 352 -30.20 15.35 -20.20
CA MET D 352 -30.91 15.46 -18.92
C MET D 352 -31.34 14.09 -18.42
N ASP D 353 -31.73 13.19 -19.33
CA ASP D 353 -32.13 11.85 -18.91
C ASP D 353 -31.00 11.13 -18.19
N LEU D 354 -29.76 11.31 -18.65
CA LEU D 354 -28.64 10.64 -18.00
C LEU D 354 -28.16 11.40 -16.76
N ILE D 355 -28.34 12.73 -16.74
CA ILE D 355 -28.16 13.50 -15.51
C ILE D 355 -29.17 13.07 -14.45
N MET D 356 -30.41 12.80 -14.87
CA MET D 356 -31.42 12.34 -13.92
C MET D 356 -31.03 10.98 -13.35
N LEU D 357 -30.50 10.10 -14.19
CA LEU D 357 -30.05 8.79 -13.73
C LEU D 357 -28.84 8.92 -12.82
N ALA D 358 -27.91 9.81 -13.17
CA ALA D 358 -26.66 9.96 -12.43
C ALA D 358 -26.86 10.61 -11.06
N HIS D 359 -27.93 11.35 -10.85
CA HIS D 359 -28.13 12.04 -9.57
C HIS D 359 -29.35 11.57 -8.82
N MET D 360 -30.51 11.52 -9.45
CA MET D 360 -31.76 11.18 -8.78
C MET D 360 -32.21 9.75 -9.02
N GLY D 361 -31.51 9.00 -9.88
CA GLY D 361 -31.99 7.68 -10.25
C GLY D 361 -33.27 7.70 -11.05
N ALA D 362 -33.64 8.85 -11.62
CA ALA D 362 -34.88 9.05 -12.33
C ALA D 362 -34.63 9.12 -13.83
N LYS D 363 -35.55 9.73 -14.57
CA LYS D 363 -35.52 9.69 -16.03
C LYS D 363 -36.44 10.76 -16.61
N GLU D 364 -36.18 11.13 -17.86
CA GLU D 364 -37.10 11.98 -18.59
C GLU D 364 -38.26 11.15 -19.15
N ARG D 365 -39.34 11.83 -19.50
CA ARG D 365 -40.59 11.15 -19.83
C ARG D 365 -41.08 11.53 -21.21
N THR D 366 -41.79 10.60 -21.83
CA THR D 366 -42.46 10.85 -23.11
C THR D 366 -43.76 11.61 -22.87
N GLU D 367 -44.47 11.93 -23.96
CA GLU D 367 -45.79 12.53 -23.82
C GLU D 367 -46.76 11.55 -23.18
N ALA D 368 -46.65 10.26 -23.52
CA ALA D 368 -47.55 9.26 -22.94
C ALA D 368 -47.23 9.01 -21.47
N ASP D 369 -45.94 9.02 -21.09
CA ASP D 369 -45.58 8.95 -19.68
C ASP D 369 -46.21 10.10 -18.90
N TRP D 370 -46.03 11.32 -19.41
CA TRP D 370 -46.53 12.50 -18.72
C TRP D 370 -48.04 12.47 -18.60
N ARG D 371 -48.73 12.17 -19.70
CA ARG D 371 -50.20 12.13 -19.66
C ARG D 371 -50.69 11.12 -18.63
N SER D 372 -50.03 9.97 -18.55
CA SER D 372 -50.41 8.96 -17.57
C SER D 372 -50.24 9.48 -16.15
N ILE D 373 -49.16 10.23 -15.88
CA ILE D 373 -48.94 10.75 -14.54
C ILE D 373 -49.93 11.86 -14.21
N LEU D 374 -50.20 12.74 -15.17
CA LEU D 374 -51.16 13.82 -14.92
C LEU D 374 -52.57 13.26 -14.74
N THR D 375 -52.92 12.19 -15.45
CA THR D 375 -54.23 11.59 -15.27
C THR D 375 -54.37 11.00 -13.88
N ARG D 376 -53.36 10.24 -13.43
CA ARG D 376 -53.41 9.62 -12.11
C ARG D 376 -53.45 10.65 -10.99
N ALA D 377 -52.94 11.86 -11.23
CA ALA D 377 -53.02 12.94 -10.26
C ALA D 377 -54.30 13.74 -10.35
N GLY D 378 -55.24 13.36 -11.21
CA GLY D 378 -56.49 14.09 -11.34
C GLY D 378 -56.42 15.30 -12.23
N LEU D 379 -55.52 15.30 -13.22
CA LEU D 379 -55.37 16.41 -14.15
C LEU D 379 -55.57 15.89 -15.57
N LYS D 380 -55.83 16.83 -16.49
CA LYS D 380 -55.90 16.49 -17.90
C LYS D 380 -55.14 17.54 -18.71
N VAL D 381 -54.41 17.06 -19.73
CA VAL D 381 -53.59 17.94 -20.54
C VAL D 381 -54.48 18.77 -21.45
N VAL D 382 -54.23 20.08 -21.49
CA VAL D 382 -54.99 21.00 -22.34
C VAL D 382 -54.29 21.23 -23.66
N ASN D 383 -52.99 21.51 -23.60
CA ASN D 383 -52.18 21.76 -24.78
C ASN D 383 -50.71 21.60 -24.39
N ILE D 384 -49.91 21.12 -25.33
CA ILE D 384 -48.47 21.01 -25.16
C ILE D 384 -47.80 21.95 -26.16
N TYR D 385 -46.93 22.82 -25.65
CA TYR D 385 -46.21 23.79 -26.45
C TYR D 385 -44.73 23.45 -26.47
N SER D 386 -44.07 23.78 -27.57
CA SER D 386 -42.65 23.55 -27.74
C SER D 386 -42.05 24.72 -28.49
N TYR D 387 -40.74 24.66 -28.70
CA TYR D 387 -40.07 25.76 -29.35
C TYR D 387 -38.82 25.21 -30.01
N PRO D 388 -38.56 25.54 -31.28
CA PRO D 388 -37.39 24.98 -31.97
C PRO D 388 -36.09 25.27 -31.23
N GLY D 389 -35.39 24.21 -30.86
CA GLY D 389 -34.10 24.31 -30.20
C GLY D 389 -34.14 24.28 -28.69
N VAL D 390 -35.32 24.33 -28.08
CA VAL D 390 -35.48 24.37 -26.63
C VAL D 390 -35.71 22.94 -26.13
N ALA D 391 -35.00 22.56 -25.06
CA ALA D 391 -35.10 21.19 -24.56
C ALA D 391 -36.47 20.89 -24.00
N GLU D 392 -37.04 21.80 -23.22
CA GLU D 392 -38.29 21.56 -22.51
C GLU D 392 -39.50 21.93 -23.35
N SER D 393 -40.61 21.24 -23.10
CA SER D 393 -41.92 21.68 -23.55
C SER D 393 -42.65 22.37 -22.39
N LEU D 394 -43.82 22.92 -22.69
CA LEU D 394 -44.69 23.49 -21.69
C LEU D 394 -46.04 22.79 -21.80
N ILE D 395 -46.35 21.97 -20.80
CA ILE D 395 -47.61 21.25 -20.75
C ILE D 395 -48.59 22.06 -19.90
N GLU D 396 -49.69 22.50 -20.50
CA GLU D 396 -50.77 23.12 -19.74
C GLU D 396 -51.80 22.04 -19.42
N ALA D 397 -52.02 21.82 -18.13
CA ALA D 397 -53.01 20.87 -17.66
C ALA D 397 -54.03 21.61 -16.80
N GLU D 398 -55.14 20.91 -16.52
CA GLU D 398 -56.22 21.47 -15.73
C GLU D 398 -56.87 20.33 -14.96
N LEU D 399 -57.79 20.70 -14.06
CA LEU D 399 -58.57 19.71 -13.33
C LEU D 399 -59.31 18.79 -14.30
N ALA D 400 -59.20 17.49 -14.05
CA ALA D 400 -59.83 16.50 -14.90
C ALA D 400 -61.36 16.54 -14.80
N ALA E 6 -13.48 34.92 -34.45
CA ALA E 6 -14.10 35.25 -35.73
C ALA E 6 -15.60 34.97 -35.69
N SER E 7 -16.31 35.48 -36.69
CA SER E 7 -17.76 35.41 -36.75
C SER E 7 -18.25 34.05 -37.24
N PRO E 8 -19.48 33.66 -36.88
CA PRO E 8 -20.04 32.42 -37.43
C PRO E 8 -20.14 32.42 -38.95
N ALA E 9 -20.55 33.53 -39.55
CA ALA E 9 -20.61 33.60 -41.01
C ALA E 9 -19.24 33.40 -41.64
N SER E 10 -18.19 33.90 -40.98
CA SER E 10 -16.83 33.72 -41.48
C SER E 10 -16.45 32.24 -41.48
N ILE E 11 -16.78 31.53 -40.40
CA ILE E 11 -16.42 30.11 -40.30
C ILE E 11 -17.22 29.28 -41.31
N ILE E 12 -18.49 29.62 -41.51
CA ILE E 12 -19.32 28.93 -42.49
C ILE E 12 -18.66 28.99 -43.87
N GLN E 13 -18.11 30.15 -44.22
CA GLN E 13 -17.42 30.29 -45.50
C GLN E 13 -16.12 29.48 -45.52
N GLU E 14 -15.37 29.50 -44.42
CA GLU E 14 -14.15 28.70 -44.33
C GLU E 14 -14.47 27.21 -44.40
N LEU E 15 -15.57 26.78 -43.79
CA LEU E 15 -15.93 25.37 -43.79
C LEU E 15 -16.31 24.91 -45.19
N ALA E 16 -17.13 25.68 -45.90
CA ALA E 16 -17.49 25.32 -47.27
C ALA E 16 -16.27 25.28 -48.18
N SER E 17 -15.24 26.07 -47.87
CA SER E 17 -14.00 25.99 -48.64
C SER E 17 -13.24 24.70 -48.32
N ALA E 18 -13.14 24.35 -47.04
CA ALA E 18 -12.53 23.07 -46.69
C ALA E 18 -13.33 21.89 -47.24
N ALA E 19 -14.64 22.07 -47.43
CA ALA E 19 -15.46 21.02 -48.03
C ALA E 19 -15.07 20.77 -49.48
N LYS E 20 -14.80 21.85 -50.24
CA LYS E 20 -14.35 21.68 -51.62
C LYS E 20 -12.99 20.97 -51.67
N GLN E 21 -12.06 21.37 -50.79
CA GLN E 21 -10.77 20.72 -50.71
C GLN E 21 -10.92 19.25 -50.30
N TYR E 22 -11.85 18.98 -49.38
CA TYR E 22 -12.11 17.60 -48.97
C TYR E 22 -12.66 16.78 -50.12
N GLU E 23 -13.56 17.35 -50.91
CA GLU E 23 -14.13 16.63 -52.04
C GLU E 23 -13.21 16.61 -53.24
N ASN E 24 -12.10 17.34 -53.18
CA ASN E 24 -11.01 17.24 -54.14
C ASN E 24 -9.95 16.22 -53.72
N ASN E 25 -10.17 15.53 -52.60
CA ASN E 25 -9.27 14.48 -52.10
C ASN E 25 -7.90 15.03 -51.72
N GLU E 26 -7.84 16.30 -51.31
CA GLU E 26 -6.58 16.93 -50.98
C GLU E 26 -6.11 16.52 -49.59
N SER E 27 -4.79 16.51 -49.41
CA SER E 27 -4.18 16.04 -48.17
C SER E 27 -4.61 16.90 -46.99
N GLY E 28 -5.05 16.25 -45.91
CA GLY E 28 -5.39 16.92 -44.67
C GLY E 28 -6.68 17.70 -44.68
N ALA E 29 -7.46 17.65 -45.77
CA ALA E 29 -8.67 18.44 -45.85
C ALA E 29 -9.81 17.85 -45.01
N ARG E 30 -9.85 16.52 -44.87
CA ARG E 30 -10.80 15.91 -43.94
C ARG E 30 -10.62 16.47 -42.54
N GLU E 31 -9.38 16.47 -42.05
CA GLU E 31 -9.09 17.00 -40.72
C GLU E 31 -9.37 18.49 -40.64
N ALA E 32 -9.12 19.22 -41.73
CA ALA E 32 -9.42 20.65 -41.73
C ALA E 32 -10.91 20.93 -41.68
N LEU E 33 -11.72 20.07 -42.33
CA LEU E 33 -13.17 20.20 -42.25
C LEU E 33 -13.69 19.89 -40.86
N ILE E 34 -13.00 19.02 -40.12
CA ILE E 34 -13.40 18.71 -38.75
C ILE E 34 -13.07 19.87 -37.82
N ALA E 35 -11.92 20.51 -38.03
CA ALA E 35 -11.55 21.65 -37.21
C ALA E 35 -12.44 22.86 -37.49
N GLN E 36 -12.81 23.09 -38.75
CA GLN E 36 -13.70 24.19 -39.08
C GLN E 36 -15.08 23.97 -38.46
N SER E 37 -15.53 22.71 -38.40
CA SER E 37 -16.82 22.43 -37.79
C SER E 37 -16.80 22.68 -36.29
N ARG E 38 -15.72 22.26 -35.61
CA ARG E 38 -15.61 22.47 -34.18
C ARG E 38 -15.52 23.97 -33.87
N ALA E 39 -14.77 24.72 -34.69
CA ALA E 39 -14.74 26.17 -34.53
C ALA E 39 -16.13 26.78 -34.72
N LEU E 40 -16.93 26.21 -35.63
CA LEU E 40 -18.28 26.71 -35.84
C LEU E 40 -19.16 26.44 -34.62
N ILE E 41 -19.05 25.26 -34.04
CA ILE E 41 -19.86 24.91 -32.86
C ILE E 41 -19.57 25.86 -31.71
N ALA E 42 -18.27 26.06 -31.40
CA ALA E 42 -17.90 26.94 -30.29
C ALA E 42 -18.40 28.36 -30.53
N SER E 43 -18.35 28.82 -31.78
CA SER E 43 -18.82 30.17 -32.10
C SER E 43 -20.32 30.34 -31.90
N LEU E 44 -21.09 29.25 -31.95
CA LEU E 44 -22.54 29.32 -31.89
C LEU E 44 -23.11 28.98 -30.52
N GLU E 45 -22.47 28.08 -29.77
CA GLU E 45 -23.00 27.65 -28.49
C GLU E 45 -23.08 28.81 -27.50
N VAL E 46 -24.07 28.72 -26.62
CA VAL E 46 -24.14 29.57 -25.43
C VAL E 46 -23.44 28.82 -24.32
N PRO E 47 -22.91 29.51 -23.30
CA PRO E 47 -22.23 28.82 -22.19
C PRO E 47 -23.00 27.64 -21.58
N SER E 48 -24.32 27.73 -21.42
CA SER E 48 -25.05 26.61 -20.84
C SER E 48 -24.93 25.35 -21.71
N GLU E 49 -24.97 25.54 -23.04
CA GLU E 49 -24.80 24.41 -23.94
C GLU E 49 -23.37 23.87 -23.90
N PHE E 50 -22.39 24.72 -23.59
CA PHE E 50 -21.03 24.23 -23.43
C PHE E 50 -20.90 23.41 -22.15
N ILE E 51 -21.49 23.88 -21.06
CA ILE E 51 -21.47 23.12 -19.81
C ILE E 51 -22.10 21.75 -20.01
N GLN E 52 -23.28 21.71 -20.63
CA GLN E 52 -23.96 20.43 -20.83
C GLN E 52 -23.10 19.48 -21.66
N HIS E 53 -22.55 19.97 -22.77
CA HIS E 53 -21.78 19.07 -23.63
C HIS E 53 -20.50 18.61 -22.94
N THR E 54 -19.80 19.52 -22.25
CA THR E 54 -18.51 19.17 -21.65
C THR E 54 -18.70 18.29 -20.42
N PHE E 55 -19.70 18.59 -19.59
CA PHE E 55 -19.85 17.96 -18.29
C PHE E 55 -20.96 16.94 -18.20
N TRP E 56 -21.89 16.92 -19.16
CA TRP E 56 -22.95 15.91 -19.21
C TRP E 56 -22.73 14.95 -20.38
N SER E 57 -22.81 15.46 -21.61
CA SER E 57 -22.81 14.60 -22.79
C SER E 57 -21.54 13.76 -22.88
N GLN E 58 -20.39 14.38 -22.64
CA GLN E 58 -19.13 13.68 -22.84
C GLN E 58 -18.85 12.66 -21.74
N PRO E 59 -18.95 12.98 -20.44
CA PRO E 59 -18.73 11.94 -19.44
C PRO E 59 -19.73 10.78 -19.53
N ALA E 60 -20.97 11.07 -19.96
CA ALA E 60 -21.94 10.00 -20.17
C ALA E 60 -21.58 9.16 -21.38
N LEU E 61 -21.12 9.80 -22.47
CA LEU E 61 -20.70 9.07 -23.65
C LEU E 61 -19.55 8.14 -23.34
N SER E 62 -18.53 8.63 -22.63
CA SER E 62 -17.38 7.79 -22.28
C SER E 62 -17.80 6.63 -21.39
N ALA E 63 -18.76 6.86 -20.49
CA ALA E 63 -19.22 5.81 -19.59
C ALA E 63 -20.02 4.74 -20.34
N ILE E 64 -20.86 5.15 -21.30
CA ILE E 64 -21.63 4.17 -22.06
C ILE E 64 -20.74 3.41 -23.02
N VAL E 65 -19.77 4.09 -23.65
CA VAL E 65 -18.82 3.39 -24.52
C VAL E 65 -18.02 2.37 -23.73
N ARG E 66 -17.58 2.72 -22.51
CA ARG E 66 -16.91 1.75 -21.65
C ARG E 66 -17.83 0.60 -21.28
N LEU E 67 -19.09 0.88 -20.96
CA LEU E 67 -20.03 -0.17 -20.61
C LEU E 67 -20.32 -1.08 -21.79
N ALA E 68 -20.31 -0.54 -23.01
CA ALA E 68 -20.55 -1.34 -24.20
C ALA E 68 -19.49 -2.42 -24.39
N THR E 69 -18.27 -2.17 -23.92
CA THR E 69 -17.23 -3.19 -23.99
C THR E 69 -17.46 -4.33 -23.01
N ASP E 70 -18.34 -4.13 -22.02
CA ASP E 70 -18.68 -5.17 -21.05
C ASP E 70 -19.82 -6.06 -21.52
N VAL E 71 -20.64 -5.60 -22.46
CA VAL E 71 -21.85 -6.30 -22.85
C VAL E 71 -21.86 -6.65 -24.34
N ASN E 72 -20.74 -6.41 -25.05
CA ASN E 72 -20.58 -6.81 -26.44
C ASN E 72 -21.54 -6.08 -27.37
N LEU E 73 -21.89 -4.83 -27.04
CA LEU E 73 -22.90 -4.09 -27.79
C LEU E 73 -22.46 -3.83 -29.23
N PHE E 74 -21.25 -3.30 -29.40
CA PHE E 74 -20.80 -2.94 -30.75
C PHE E 74 -20.67 -4.17 -31.63
N GLN E 75 -20.26 -5.31 -31.06
CA GLN E 75 -20.17 -6.53 -31.85
C GLN E 75 -21.55 -7.00 -32.32
N TYR E 76 -22.54 -6.98 -31.44
CA TYR E 76 -23.89 -7.38 -31.84
C TYR E 76 -24.42 -6.52 -32.98
N LEU E 77 -24.22 -5.20 -32.90
CA LEU E 77 -24.68 -4.32 -33.96
C LEU E 77 -23.88 -4.52 -35.24
N LYS E 78 -22.61 -4.90 -35.12
CA LYS E 78 -21.79 -5.16 -36.29
C LYS E 78 -22.26 -6.42 -37.00
N ASP E 79 -22.57 -7.47 -36.24
CA ASP E 79 -23.02 -8.71 -36.85
C ASP E 79 -24.44 -8.59 -37.40
N ALA E 80 -25.24 -7.68 -36.84
CA ALA E 80 -26.60 -7.49 -37.34
C ALA E 80 -26.61 -6.78 -38.69
N GLN E 81 -25.53 -6.08 -39.03
CA GLN E 81 -25.37 -5.41 -40.31
C GLN E 81 -26.54 -4.50 -40.67
N GLU E 82 -27.16 -4.74 -41.83
CA GLU E 82 -28.24 -3.88 -42.29
C GLU E 82 -29.58 -4.21 -41.66
N GLU E 83 -29.75 -5.43 -41.14
CA GLU E 83 -30.99 -5.74 -40.42
C GLU E 83 -31.13 -4.90 -39.15
N GLY E 84 -30.02 -4.60 -38.49
CA GLY E 84 -30.06 -3.90 -37.22
C GLY E 84 -30.74 -4.74 -36.15
N LEU E 85 -30.99 -4.08 -35.02
CA LEU E 85 -31.68 -4.72 -33.90
C LEU E 85 -32.43 -3.64 -33.13
N ASN E 86 -33.63 -3.98 -32.67
CA ASN E 86 -34.37 -3.04 -31.84
C ASN E 86 -33.88 -3.13 -30.40
N ALA E 87 -34.50 -2.32 -29.51
CA ALA E 87 -34.06 -2.30 -28.12
C ALA E 87 -34.35 -3.63 -27.43
N GLU E 88 -35.45 -4.28 -27.77
CA GLU E 88 -35.81 -5.53 -27.12
C GLU E 88 -34.82 -6.63 -27.47
N ALA E 89 -34.46 -6.76 -28.75
CA ALA E 89 -33.51 -7.79 -29.15
C ALA E 89 -32.10 -7.48 -28.64
N LEU E 90 -31.73 -6.19 -28.59
CA LEU E 90 -30.40 -5.82 -28.12
C LEU E 90 -30.29 -5.98 -26.61
N ALA E 91 -31.33 -5.64 -25.86
CA ALA E 91 -31.30 -5.83 -24.42
C ALA E 91 -31.32 -7.30 -24.06
N SER E 92 -31.95 -8.14 -24.89
CA SER E 92 -31.95 -9.58 -24.64
C SER E 92 -30.56 -10.17 -24.87
N LYS E 93 -29.88 -9.73 -25.92
CA LYS E 93 -28.54 -10.22 -26.22
C LYS E 93 -27.53 -9.74 -25.17
N THR E 94 -27.58 -8.46 -24.80
CA THR E 94 -26.64 -7.91 -23.83
C THR E 94 -27.01 -8.24 -22.40
N GLY E 95 -28.21 -8.75 -22.15
CA GLY E 95 -28.61 -9.11 -20.81
C GLY E 95 -28.93 -7.92 -19.93
N MET E 96 -29.35 -6.80 -20.51
CA MET E 96 -29.68 -5.62 -19.74
C MET E 96 -31.19 -5.39 -19.76
N ASP E 97 -31.67 -4.67 -18.76
CA ASP E 97 -33.06 -4.26 -18.75
C ASP E 97 -33.35 -3.39 -19.97
N VAL E 98 -34.49 -3.67 -20.62
CA VAL E 98 -34.81 -3.02 -21.90
C VAL E 98 -34.87 -1.51 -21.74
N SER E 99 -35.51 -1.04 -20.67
CA SER E 99 -35.64 0.39 -20.44
C SER E 99 -34.27 1.04 -20.24
N LEU E 100 -33.40 0.40 -19.45
CA LEU E 100 -32.05 0.91 -19.29
C LEU E 100 -31.27 0.88 -20.60
N PHE E 101 -31.40 -0.22 -21.35
CA PHE E 101 -30.67 -0.28 -22.61
C PHE E 101 -31.10 0.83 -23.57
N ALA E 102 -32.41 1.10 -23.64
CA ALA E 102 -32.90 2.09 -24.59
C ALA E 102 -32.36 3.48 -24.27
N ARG E 103 -32.31 3.84 -22.98
CA ARG E 103 -31.85 5.18 -22.61
C ARG E 103 -30.39 5.38 -22.95
N LEU E 104 -29.56 4.36 -22.74
CA LEU E 104 -28.14 4.50 -23.03
C LEU E 104 -27.88 4.48 -24.54
N ALA E 105 -28.61 3.63 -25.27
CA ALA E 105 -28.46 3.60 -26.72
C ALA E 105 -28.97 4.88 -27.36
N ARG E 106 -30.03 5.48 -26.79
CA ARG E 106 -30.56 6.72 -27.34
C ARG E 106 -29.57 7.88 -27.21
N HIS E 107 -28.71 7.85 -26.18
CA HIS E 107 -27.62 8.82 -26.13
C HIS E 107 -26.57 8.54 -27.19
N LEU E 108 -26.25 7.26 -27.42
CA LEU E 108 -25.29 6.91 -28.46
C LEU E 108 -25.74 7.42 -29.82
N VAL E 109 -27.05 7.32 -30.09
CA VAL E 109 -27.60 7.88 -31.33
C VAL E 109 -27.47 9.40 -31.32
N ALA E 110 -27.72 10.03 -30.16
CA ALA E 110 -27.62 11.48 -30.05
C ALA E 110 -26.18 11.96 -30.21
N MET E 111 -25.20 11.15 -29.81
CA MET E 111 -23.80 11.50 -29.97
C MET E 111 -23.23 10.97 -31.28
N ASN E 112 -24.08 10.50 -32.19
CA ASN E 112 -23.70 10.11 -33.55
C ASN E 112 -22.71 8.94 -33.57
N VAL E 113 -22.82 8.03 -32.60
CA VAL E 113 -21.98 6.83 -32.59
C VAL E 113 -22.68 5.66 -33.28
N ILE E 114 -23.98 5.47 -33.01
CA ILE E 114 -24.84 4.54 -33.74
C ILE E 114 -26.01 5.33 -34.30
N THR E 115 -26.85 4.67 -35.12
CA THR E 115 -28.04 5.30 -35.66
C THR E 115 -29.29 4.55 -35.24
N SER E 116 -30.44 5.21 -35.40
CA SER E 116 -31.72 4.66 -34.99
C SER E 116 -32.80 5.07 -35.99
N ARG E 117 -33.57 4.09 -36.47
CA ARG E 117 -34.71 4.33 -37.35
C ARG E 117 -35.81 3.34 -37.03
N ASN E 118 -37.03 3.85 -36.84
CA ASN E 118 -38.22 3.01 -36.67
C ASN E 118 -38.11 2.07 -35.48
N GLY E 119 -37.40 2.50 -34.44
CA GLY E 119 -37.17 1.65 -33.29
C GLY E 119 -36.03 0.66 -33.44
N VAL E 120 -35.40 0.60 -34.60
CA VAL E 120 -34.27 -0.30 -34.83
C VAL E 120 -32.98 0.49 -34.72
N PHE E 121 -31.98 -0.10 -34.08
CA PHE E 121 -30.66 0.50 -33.95
C PHE E 121 -29.70 -0.13 -34.95
N TYR E 122 -28.81 0.68 -35.52
CA TYR E 122 -27.91 0.21 -36.55
C TYR E 122 -26.48 0.61 -36.24
N GLY E 123 -25.56 -0.32 -36.48
CA GLY E 123 -24.15 0.01 -36.38
C GLY E 123 -23.73 1.04 -37.41
N THR E 124 -22.60 1.67 -37.13
CA THR E 124 -22.01 2.66 -38.01
C THR E 124 -20.58 2.22 -38.33
N ALA E 125 -19.97 2.92 -39.29
CA ALA E 125 -18.55 2.71 -39.55
C ALA E 125 -17.75 2.89 -38.26
N LEU E 126 -18.13 3.87 -37.44
CA LEU E 126 -17.47 4.07 -36.15
C LEU E 126 -17.68 2.87 -35.23
N SER E 127 -18.94 2.57 -34.90
CA SER E 127 -19.21 1.55 -33.88
C SER E 127 -18.75 0.17 -34.32
N ASN E 128 -18.83 -0.12 -35.62
CA ASN E 128 -18.28 -1.39 -36.12
C ASN E 128 -16.77 -1.43 -35.96
N GLY E 129 -16.11 -0.27 -36.12
CA GLY E 129 -14.68 -0.20 -35.88
C GLY E 129 -14.34 -0.40 -34.42
N LEU E 130 -15.13 0.18 -33.51
CA LEU E 130 -14.91 0.02 -32.09
C LEU E 130 -15.19 -1.40 -31.60
N ALA E 131 -15.70 -2.28 -32.47
CA ALA E 131 -15.97 -3.65 -32.07
C ALA E 131 -14.68 -4.47 -31.95
N ALA E 132 -13.65 -4.09 -32.70
CA ALA E 132 -12.41 -4.88 -32.74
C ALA E 132 -11.70 -4.86 -31.38
N GLU E 133 -10.96 -5.94 -31.11
CA GLU E 133 -10.41 -6.16 -29.78
C GLU E 133 -9.42 -5.07 -29.36
N ASN E 134 -8.66 -4.52 -30.31
CA ASN E 134 -7.71 -3.48 -29.91
C ASN E 134 -8.42 -2.21 -29.47
N TYR E 135 -9.56 -1.89 -30.08
CA TYR E 135 -10.30 -0.70 -29.67
C TYR E 135 -11.08 -0.95 -28.40
N GLN E 136 -11.57 -2.17 -28.21
CA GLN E 136 -12.24 -2.55 -26.97
C GLN E 136 -11.31 -2.37 -25.77
N GLN E 137 -10.06 -2.81 -25.91
CA GLN E 137 -9.10 -2.69 -24.83
C GLN E 137 -8.54 -1.28 -24.71
N SER E 138 -8.58 -0.49 -25.79
CA SER E 138 -8.28 0.93 -25.70
C SER E 138 -9.33 1.66 -24.88
N ILE E 139 -10.61 1.38 -25.15
CA ILE E 139 -11.69 2.00 -24.38
C ILE E 139 -11.56 1.64 -22.90
N ARG E 140 -11.24 0.38 -22.62
CA ARG E 140 -11.08 -0.03 -21.23
C ARG E 140 -9.89 0.64 -20.57
N PHE E 141 -8.75 0.70 -21.25
CA PHE E 141 -7.59 1.38 -20.69
C PHE E 141 -7.87 2.85 -20.44
N CYS E 142 -8.52 3.53 -21.39
CA CYS E 142 -8.76 4.96 -21.24
C CYS E 142 -9.70 5.24 -20.08
N HIS E 143 -10.80 4.47 -19.97
CA HIS E 143 -11.77 4.74 -18.93
C HIS E 143 -11.28 4.28 -17.56
N ASP E 144 -10.59 3.14 -17.49
CA ASP E 144 -10.14 2.62 -16.20
C ASP E 144 -8.91 3.32 -15.67
N VAL E 145 -8.01 3.75 -16.55
CA VAL E 145 -6.68 4.23 -16.17
C VAL E 145 -6.52 5.72 -16.43
N SER E 146 -6.77 6.16 -17.66
CA SER E 146 -6.48 7.55 -18.02
C SER E 146 -7.48 8.50 -17.38
N ARG E 147 -8.76 8.14 -17.36
CA ARG E 147 -9.78 9.07 -16.87
C ARG E 147 -9.59 9.51 -15.43
N PRO E 148 -9.24 8.63 -14.47
CA PRO E 148 -8.97 9.14 -13.12
C PRO E 148 -7.79 10.10 -13.06
N SER E 149 -6.82 9.97 -13.96
CA SER E 149 -5.68 10.88 -13.93
C SER E 149 -6.11 12.31 -14.27
N PHE E 150 -6.91 12.46 -15.34
CA PHE E 150 -7.42 13.79 -15.68
C PHE E 150 -8.29 14.35 -14.56
N GLY E 151 -9.16 13.51 -13.99
CA GLY E 151 -9.97 13.96 -12.87
C GLY E 151 -9.14 14.49 -11.70
N ALA E 152 -7.95 13.92 -11.51
CA ALA E 152 -7.07 14.33 -10.42
C ALA E 152 -6.38 15.66 -10.70
N PHE E 153 -6.39 16.15 -11.94
CA PHE E 153 -5.69 17.38 -12.29
C PHE E 153 -6.00 18.56 -11.37
N PRO E 154 -7.26 18.95 -11.14
CA PRO E 154 -7.51 20.09 -10.25
C PRO E 154 -6.99 19.89 -8.83
N SER E 155 -7.27 18.73 -8.22
CA SER E 155 -6.81 18.50 -6.85
C SER E 155 -5.30 18.30 -6.78
N PHE E 156 -4.71 17.62 -7.76
CA PHE E 156 -3.27 17.37 -7.68
C PHE E 156 -2.47 18.67 -7.81
N PHE E 157 -2.81 19.49 -8.78
CA PHE E 157 -2.02 20.71 -9.01
C PHE E 157 -2.31 21.80 -8.00
N LYS E 158 -3.47 21.76 -7.33
CA LYS E 158 -3.66 22.60 -6.16
C LYS E 158 -2.71 22.19 -5.05
N GLY E 159 -2.64 20.88 -4.77
CA GLY E 159 -1.83 20.35 -3.68
C GLY E 159 -0.34 20.34 -3.93
N ASN E 160 0.11 20.58 -5.17
CA ASN E 160 1.54 20.68 -5.42
C ASN E 160 1.97 22.10 -5.78
N GLY E 161 1.10 23.09 -5.56
CA GLY E 161 1.45 24.47 -5.83
C GLY E 161 1.50 24.81 -7.30
N TYR E 162 0.83 24.04 -8.15
CA TYR E 162 0.77 24.28 -9.59
C TYR E 162 2.17 24.27 -10.20
N LYS E 163 2.90 23.18 -9.95
CA LYS E 163 4.24 22.98 -10.45
C LYS E 163 4.24 21.89 -11.51
N THR E 164 5.02 22.09 -12.57
CA THR E 164 5.36 20.98 -13.44
C THR E 164 5.95 19.86 -12.61
N PRO E 165 5.58 18.60 -12.86
CA PRO E 165 6.15 17.49 -12.06
C PRO E 165 7.67 17.49 -12.13
N ALA E 166 8.30 17.50 -10.94
CA ALA E 166 9.75 17.66 -10.85
C ALA E 166 10.48 16.47 -11.47
N LEU E 167 10.23 15.28 -10.96
CA LEU E 167 10.84 14.07 -11.50
C LEU E 167 10.03 13.45 -12.63
N GLY E 168 8.75 13.79 -12.75
CA GLY E 168 7.88 13.21 -13.77
C GLY E 168 7.42 11.80 -13.49
N THR E 169 8.34 10.89 -13.19
CA THR E 169 8.01 9.47 -13.12
C THR E 169 7.14 9.13 -11.91
N THR E 170 7.29 9.84 -10.80
CA THR E 170 6.64 9.43 -9.56
C THR E 170 5.91 10.55 -8.82
N ASP E 171 5.95 11.78 -9.32
CA ASP E 171 5.39 12.93 -8.61
C ASP E 171 4.34 13.64 -9.46
N GLY E 172 3.49 12.87 -10.14
CA GLY E 172 2.53 13.44 -11.05
C GLY E 172 1.10 13.12 -10.66
N PRO E 173 0.14 13.56 -11.46
CA PRO E 173 -1.26 13.24 -11.16
C PRO E 173 -1.58 11.76 -11.27
N PHE E 174 -0.80 10.99 -12.02
CA PHE E 174 -1.06 9.56 -12.13
C PHE E 174 -0.94 8.88 -10.77
N GLN E 175 0.17 9.12 -10.06
CA GLN E 175 0.37 8.54 -8.74
C GLN E 175 -0.72 8.97 -7.78
N SER E 176 -1.14 10.23 -7.84
CA SER E 176 -2.22 10.70 -6.98
C SER E 176 -3.53 9.96 -7.30
N ALA E 177 -3.89 9.89 -8.59
CA ALA E 177 -5.18 9.32 -8.96
C ALA E 177 -5.26 7.84 -8.64
N HIS E 178 -4.15 7.11 -8.72
CA HIS E 178 -4.18 5.67 -8.55
C HIS E 178 -3.64 5.22 -7.20
N LYS E 179 -3.40 6.14 -6.28
CA LYS E 179 -3.05 5.82 -4.90
C LYS E 179 -1.78 4.97 -4.83
N VAL E 180 -0.84 5.19 -5.74
CA VAL E 180 0.44 4.51 -5.76
C VAL E 180 1.54 5.56 -5.75
N ASP E 181 2.76 5.11 -5.49
CA ASP E 181 3.94 5.95 -5.57
C ASP E 181 4.98 5.39 -6.54
N ILE E 182 4.57 4.46 -7.39
CA ILE E 182 5.44 3.89 -8.39
C ILE E 182 5.18 4.61 -9.71
N SER E 183 6.09 4.44 -10.67
CA SER E 183 5.90 5.09 -11.95
C SER E 183 4.83 4.37 -12.77
N PHE E 184 4.48 4.96 -13.91
CA PHE E 184 3.47 4.38 -14.78
C PHE E 184 3.89 3.04 -15.36
N PRO E 185 5.12 2.86 -15.87
CA PRO E 185 5.49 1.53 -16.37
C PRO E 185 5.52 0.45 -15.29
N GLN E 186 5.91 0.80 -14.06
CA GLN E 186 5.84 -0.19 -12.98
C GLN E 186 4.40 -0.47 -12.57
N TRP E 187 3.49 0.50 -12.77
CA TRP E 187 2.09 0.24 -12.45
C TRP E 187 1.48 -0.73 -13.44
N LEU E 188 1.81 -0.59 -14.73
CA LEU E 188 1.26 -1.49 -15.75
C LEU E 188 1.67 -2.93 -15.49
N VAL E 189 2.94 -3.15 -15.14
CA VAL E 189 3.43 -4.50 -14.89
C VAL E 189 2.77 -5.08 -13.64
N GLY E 190 2.48 -4.25 -12.64
CA GLY E 190 1.86 -4.75 -11.43
C GLY E 190 0.35 -4.87 -11.49
N ASN E 191 -0.29 -4.33 -12.52
CA ASN E 191 -1.75 -4.27 -12.60
C ASN E 191 -2.23 -4.89 -13.90
N PRO E 192 -2.24 -6.22 -13.99
CA PRO E 192 -2.88 -6.86 -15.14
C PRO E 192 -4.38 -6.62 -15.11
N PRO E 193 -5.03 -6.58 -16.28
CA PRO E 193 -4.51 -6.82 -17.64
C PRO E 193 -4.13 -5.53 -18.34
N TYR E 194 -3.79 -4.48 -17.61
CA TYR E 194 -3.68 -3.16 -18.24
C TYR E 194 -2.39 -2.98 -19.02
N LEU E 195 -1.37 -3.84 -18.81
CA LEU E 195 -0.24 -3.83 -19.73
C LEU E 195 -0.62 -4.48 -21.06
N GLN E 196 -1.43 -5.53 -21.01
CA GLN E 196 -1.95 -6.13 -22.23
C GLN E 196 -2.86 -5.16 -22.98
N TYR E 197 -3.75 -4.47 -22.26
CA TYR E 197 -4.61 -3.48 -22.89
C TYR E 197 -3.78 -2.36 -23.51
N PHE E 198 -2.74 -1.91 -22.80
CA PHE E 198 -1.87 -0.85 -23.32
C PHE E 198 -1.14 -1.31 -24.58
N ASN E 199 -0.58 -2.52 -24.56
CA ASN E 199 0.07 -3.07 -25.75
C ASN E 199 -0.91 -3.17 -26.92
N SER E 200 -2.14 -3.62 -26.66
CA SER E 200 -3.17 -3.62 -27.70
C SER E 200 -3.50 -2.20 -28.14
N TYR E 201 -3.52 -1.28 -27.18
CA TYR E 201 -3.90 0.11 -27.38
C TYR E 201 -2.93 0.86 -28.27
N MET E 202 -1.68 0.41 -28.36
CA MET E 202 -0.72 1.14 -29.18
C MET E 202 -0.93 0.87 -30.66
N SER E 203 -1.68 -0.18 -31.00
CA SER E 203 -2.10 -0.40 -32.38
C SER E 203 -3.34 0.41 -32.75
N ALA E 204 -3.93 1.15 -31.81
CA ALA E 204 -5.18 1.86 -32.06
C ALA E 204 -5.13 3.38 -31.89
N TYR E 205 -4.14 3.93 -31.17
CA TYR E 205 -4.23 5.33 -30.75
C TYR E 205 -4.11 6.29 -31.92
N ARG E 206 -3.34 5.95 -32.96
CA ARG E 206 -3.23 6.81 -34.14
C ARG E 206 -3.55 6.06 -35.43
N ALA E 207 -4.26 4.93 -35.31
CA ALA E 207 -4.57 4.09 -36.46
C ALA E 207 -5.49 4.81 -37.44
N GLY E 208 -5.34 4.50 -38.72
CA GLY E 208 -6.13 5.11 -39.76
C GLY E 208 -5.58 6.41 -40.29
N LYS E 209 -4.57 7.00 -39.61
CA LYS E 209 -3.87 8.20 -40.04
C LYS E 209 -2.64 7.82 -40.87
N PRO E 210 -2.28 8.66 -41.84
CA PRO E 210 -1.13 8.32 -42.71
C PRO E 210 0.13 8.06 -41.91
N ASN E 211 0.84 7.00 -42.31
CA ASN E 211 2.10 6.61 -41.69
C ASN E 211 3.24 7.47 -42.22
N TRP E 212 4.32 7.54 -41.42
CA TRP E 212 5.51 8.27 -41.83
C TRP E 212 6.05 7.78 -43.15
N CYS E 213 5.90 6.49 -43.45
CA CYS E 213 6.47 5.88 -44.63
C CYS E 213 5.48 5.81 -45.78
N ASP E 214 4.30 6.42 -45.64
CA ASP E 214 3.34 6.52 -46.72
C ASP E 214 3.80 7.54 -47.75
N ASN E 215 3.28 7.42 -48.96
CA ASN E 215 3.69 8.29 -50.05
C ASN E 215 3.36 9.74 -49.74
N GLY E 216 4.30 10.63 -50.06
CA GLY E 216 4.16 12.04 -49.76
C GLY E 216 4.62 12.45 -48.38
N PHE E 217 4.99 11.49 -47.54
CA PHE E 217 5.50 11.79 -46.20
C PHE E 217 7.02 11.68 -46.21
N TYR E 218 7.57 10.66 -45.59
CA TYR E 218 9.04 10.53 -45.59
C TYR E 218 9.49 9.67 -46.77
N PRO E 219 10.47 10.13 -47.57
CA PRO E 219 10.93 9.34 -48.71
C PRO E 219 11.74 8.11 -48.31
N VAL E 220 11.07 6.99 -48.07
CA VAL E 220 11.76 5.78 -47.64
C VAL E 220 12.68 5.27 -48.75
N ALA E 221 12.15 5.11 -49.96
CA ALA E 221 12.92 4.50 -51.04
C ALA E 221 14.13 5.36 -51.40
N ASP E 222 13.99 6.68 -51.35
CA ASP E 222 15.10 7.55 -51.73
C ASP E 222 16.19 7.55 -50.67
N ARG E 223 15.82 7.67 -49.39
CA ARG E 223 16.81 7.81 -48.33
C ARG E 223 17.30 6.48 -47.77
N LEU E 224 16.48 5.43 -47.80
CA LEU E 224 16.80 4.16 -47.17
C LEU E 224 17.14 3.07 -48.18
N LEU E 225 16.25 2.80 -49.13
CA LEU E 225 16.47 1.69 -50.06
C LEU E 225 17.58 2.00 -51.06
N ASN E 226 17.65 3.25 -51.53
CA ASN E 226 18.51 3.62 -52.64
C ASN E 226 19.96 3.17 -52.43
N GLY E 227 20.55 3.53 -51.30
CA GLY E 227 21.93 3.15 -51.06
C GLY E 227 22.11 2.03 -50.07
N PHE E 228 21.11 1.15 -49.94
CA PHE E 228 21.22 0.05 -49.00
C PHE E 228 22.41 -0.83 -49.36
N ASP E 229 23.17 -1.23 -48.34
CA ASP E 229 24.43 -1.96 -48.54
C ASP E 229 24.47 -3.13 -47.57
N ALA E 230 24.14 -4.33 -48.06
CA ALA E 230 24.19 -5.52 -47.23
C ALA E 230 25.58 -5.80 -46.69
N SER E 231 26.62 -5.29 -47.33
CA SER E 231 27.97 -5.47 -46.84
C SER E 231 28.32 -4.52 -45.71
N VAL E 232 27.48 -3.51 -45.45
CA VAL E 232 27.58 -2.73 -44.22
C VAL E 232 26.82 -3.43 -43.10
N SER E 233 25.62 -3.90 -43.40
CA SER E 233 24.76 -4.65 -42.48
C SER E 233 23.57 -5.16 -43.28
N ASP E 234 23.16 -6.40 -43.01
CA ASP E 234 21.96 -6.93 -43.66
C ASP E 234 20.66 -6.51 -42.96
N VAL E 235 20.73 -5.47 -42.13
CA VAL E 235 19.56 -4.95 -41.42
C VAL E 235 19.12 -3.66 -42.09
N LEU E 236 17.86 -3.63 -42.53
CA LEU E 236 17.27 -2.45 -43.15
C LEU E 236 16.75 -1.46 -42.13
N LEU E 237 15.94 -1.93 -41.17
CA LEU E 237 15.32 -1.01 -40.23
C LEU E 237 15.15 -1.67 -38.86
N VAL E 238 15.41 -0.89 -37.82
CA VAL E 238 15.21 -1.28 -36.43
C VAL E 238 14.13 -0.39 -35.86
N ASP E 239 13.07 -0.99 -35.31
CA ASP E 239 12.02 -0.26 -34.62
C ASP E 239 12.29 -0.33 -33.12
N VAL E 240 12.78 0.77 -32.56
CA VAL E 240 13.20 0.85 -31.15
C VAL E 240 11.97 1.19 -30.32
N GLY E 241 11.54 0.26 -29.48
CA GLY E 241 10.32 0.45 -28.70
C GLY E 241 9.05 0.34 -29.53
N GLY E 242 9.03 -0.53 -30.53
CA GLY E 242 7.94 -0.64 -31.48
C GLY E 242 6.74 -1.44 -31.03
N GLY E 243 6.66 -1.78 -29.75
CA GLY E 243 5.48 -2.48 -29.25
C GLY E 243 5.43 -3.91 -29.76
N ARG E 244 4.24 -4.32 -30.18
CA ARG E 244 4.04 -5.64 -30.77
C ARG E 244 4.33 -5.66 -32.27
N GLY E 245 4.76 -4.54 -32.84
CA GLY E 245 5.27 -4.53 -34.21
C GLY E 245 4.31 -4.08 -35.29
N HIS E 246 3.15 -3.51 -34.92
CA HIS E 246 2.20 -3.04 -35.91
C HIS E 246 2.82 -2.03 -36.88
N ASP E 247 3.75 -1.20 -36.40
CA ASP E 247 4.37 -0.20 -37.27
C ASP E 247 5.36 -0.84 -38.24
N ILE E 248 6.28 -1.68 -37.72
CA ILE E 248 7.27 -2.29 -38.59
C ILE E 248 6.64 -3.33 -39.51
N ALA E 249 5.48 -3.87 -39.13
CA ALA E 249 4.75 -4.74 -40.05
C ALA E 249 4.22 -3.96 -41.24
N THR E 250 3.71 -2.75 -40.99
CA THR E 250 3.28 -1.87 -42.08
C THR E 250 4.43 -1.57 -43.03
N PHE E 251 5.58 -1.18 -42.47
CA PHE E 251 6.75 -0.86 -43.29
C PHE E 251 7.14 -2.04 -44.18
N GLY E 252 7.16 -3.26 -43.62
CA GLY E 252 7.46 -4.43 -44.42
C GLY E 252 6.42 -4.70 -45.49
N SER E 253 5.15 -4.44 -45.20
CA SER E 253 4.11 -4.68 -46.20
C SER E 253 4.13 -3.63 -47.31
N GLN E 254 4.82 -2.50 -47.11
CA GLN E 254 4.85 -1.42 -48.08
C GLN E 254 6.09 -1.43 -48.96
N PHE E 255 7.17 -2.10 -48.55
CA PHE E 255 8.42 -2.03 -49.27
C PHE E 255 8.97 -3.42 -49.55
N SER E 256 8.10 -4.36 -49.80
CA SER E 256 8.48 -5.71 -50.18
C SER E 256 8.69 -5.79 -51.69
N PRO E 257 9.63 -6.65 -52.15
CA PRO E 257 10.53 -7.50 -51.36
C PRO E 257 11.58 -6.67 -50.62
N LEU E 258 11.80 -7.00 -49.35
CA LEU E 258 12.69 -6.21 -48.49
C LEU E 258 14.15 -6.52 -48.80
N PRO E 259 14.98 -5.51 -49.03
CA PRO E 259 16.41 -5.79 -49.29
C PRO E 259 17.18 -6.18 -48.05
N GLY E 260 16.67 -5.86 -46.85
CA GLY E 260 17.34 -6.22 -45.62
C GLY E 260 16.32 -6.62 -44.55
N ARG E 261 16.85 -6.96 -43.39
CA ARG E 261 16.06 -7.45 -42.28
C ARG E 261 15.37 -6.30 -41.55
N LEU E 262 14.27 -6.65 -40.89
CA LEU E 262 13.51 -5.74 -40.03
C LEU E 262 13.53 -6.30 -38.62
N VAL E 263 14.01 -5.50 -37.67
CA VAL E 263 14.23 -5.95 -36.30
C VAL E 263 13.36 -5.11 -35.37
N LEU E 264 12.45 -5.77 -34.66
CA LEU E 264 11.63 -5.13 -33.65
C LEU E 264 12.30 -5.28 -32.28
N GLN E 265 12.41 -4.18 -31.55
CA GLN E 265 12.93 -4.17 -30.19
C GLN E 265 11.92 -3.56 -29.25
N ASP E 266 11.67 -4.23 -28.14
CA ASP E 266 10.86 -3.68 -27.06
C ASP E 266 11.18 -4.47 -25.80
N ARG E 267 10.41 -4.22 -24.75
CA ARG E 267 10.57 -4.97 -23.52
C ARG E 267 10.05 -6.40 -23.69
N GLU E 268 10.54 -7.29 -22.84
CA GLU E 268 10.24 -8.71 -22.96
C GLU E 268 8.76 -9.00 -22.78
N GLN E 269 8.14 -8.40 -21.76
CA GLN E 269 6.72 -8.63 -21.52
C GLN E 269 5.87 -8.21 -22.72
N VAL E 270 6.29 -7.19 -23.45
CA VAL E 270 5.60 -6.80 -24.67
C VAL E 270 5.93 -7.77 -25.81
N ILE E 271 7.23 -8.04 -26.00
CA ILE E 271 7.68 -8.90 -27.09
C ILE E 271 7.05 -10.29 -26.99
N ASN E 272 7.03 -10.86 -25.78
CA ASN E 272 6.48 -12.20 -25.59
C ASN E 272 4.96 -12.26 -25.72
N SER E 273 4.30 -11.11 -25.87
CA SER E 273 2.85 -11.07 -26.07
C SER E 273 2.45 -11.05 -27.53
N ILE E 274 3.42 -10.98 -28.44
CA ILE E 274 3.13 -10.99 -29.88
C ILE E 274 2.66 -12.37 -30.29
N PRO E 275 1.47 -12.50 -30.87
CA PRO E 275 1.01 -13.82 -31.32
C PRO E 275 1.88 -14.34 -32.46
N ALA E 276 2.16 -15.65 -32.43
CA ALA E 276 3.05 -16.24 -33.41
C ALA E 276 2.47 -16.15 -34.81
N ASP E 277 3.34 -15.86 -35.77
CA ASP E 277 2.95 -15.72 -37.18
C ASP E 277 4.14 -16.11 -38.03
N GLU E 278 3.98 -17.18 -38.83
CA GLU E 278 5.06 -17.62 -39.69
C GLU E 278 5.22 -16.75 -40.95
N SER E 279 4.21 -15.93 -41.27
CA SER E 279 4.30 -14.94 -42.33
C SER E 279 4.89 -13.61 -41.84
N ARG E 280 5.21 -13.51 -40.55
CA ARG E 280 5.79 -12.30 -40.00
C ARG E 280 7.08 -11.93 -40.72
N GLN E 281 7.23 -10.65 -41.03
CA GLN E 281 8.37 -10.15 -41.78
C GLN E 281 9.41 -9.47 -40.90
N PHE E 282 9.25 -9.50 -39.58
CA PHE E 282 10.22 -8.90 -38.67
C PHE E 282 10.64 -9.91 -37.62
N GLU E 283 11.77 -9.61 -36.98
CA GLU E 283 12.28 -10.41 -35.87
C GLU E 283 11.98 -9.67 -34.58
N ALA E 284 11.21 -10.29 -33.70
CA ALA E 284 10.86 -9.71 -32.41
C ALA E 284 11.96 -10.00 -31.40
N THR E 285 12.59 -8.95 -30.88
CA THR E 285 13.72 -9.10 -29.96
C THR E 285 13.52 -8.22 -28.74
N THR E 286 14.18 -8.61 -27.65
CA THR E 286 14.12 -7.88 -26.38
C THR E 286 15.33 -6.96 -26.28
N HIS E 287 15.08 -5.67 -26.09
CA HIS E 287 16.16 -4.70 -25.92
C HIS E 287 15.67 -3.53 -25.07
N ASP E 288 16.47 -3.17 -24.06
CA ASP E 288 16.20 -2.04 -23.19
C ASP E 288 16.82 -0.78 -23.80
N ILE E 289 15.99 0.22 -24.11
CA ILE E 289 16.46 1.45 -24.74
C ILE E 289 17.41 2.24 -23.86
N PHE E 290 17.55 1.87 -22.59
CA PHE E 290 18.50 2.51 -21.69
C PHE E 290 19.85 1.80 -21.67
N THR E 291 20.10 0.96 -22.67
CA THR E 291 21.41 0.37 -22.89
C THR E 291 21.84 0.66 -24.32
N THR E 292 23.14 0.52 -24.57
CA THR E 292 23.70 0.69 -25.89
C THR E 292 22.99 -0.21 -26.90
N GLN E 293 22.74 0.34 -28.09
CA GLN E 293 22.03 -0.40 -29.15
C GLN E 293 22.87 -1.58 -29.63
N PRO E 294 22.33 -2.80 -29.66
CA PRO E 294 23.12 -3.98 -30.06
C PRO E 294 23.11 -4.33 -31.54
N VAL E 295 22.32 -3.64 -32.38
CA VAL E 295 22.34 -3.89 -33.81
C VAL E 295 23.22 -2.82 -34.44
N LYS E 296 24.35 -3.24 -35.00
CA LYS E 296 25.39 -2.32 -35.46
C LYS E 296 25.22 -2.01 -36.95
N HIS E 297 25.40 -0.74 -37.29
CA HIS E 297 25.53 -0.28 -38.68
C HIS E 297 24.30 -0.56 -39.52
N ALA E 298 23.11 -0.58 -38.90
CA ALA E 298 21.89 -0.76 -39.66
C ALA E 298 21.61 0.47 -40.53
N ARG E 299 20.80 0.28 -41.57
CA ARG E 299 20.49 1.38 -42.47
C ARG E 299 19.68 2.46 -41.78
N ALA E 300 18.76 2.08 -40.91
CA ALA E 300 17.90 3.05 -40.26
C ALA E 300 17.50 2.56 -38.88
N TYR E 301 17.46 3.50 -37.93
CA TYR E 301 16.94 3.26 -36.59
C TYR E 301 15.73 4.17 -36.40
N TYR E 302 14.60 3.59 -36.03
CA TYR E 302 13.33 4.30 -36.02
C TYR E 302 12.69 4.20 -34.64
N MET E 303 12.15 5.31 -34.16
CA MET E 303 11.41 5.37 -32.91
C MET E 303 10.12 6.15 -33.14
N HIS E 304 9.03 5.65 -32.57
CA HIS E 304 7.73 6.32 -32.66
C HIS E 304 7.13 6.38 -31.26
N SER E 305 6.90 7.60 -30.77
CA SER E 305 6.24 7.84 -29.49
C SER E 305 6.97 7.13 -28.34
N VAL E 306 8.29 7.25 -28.29
CA VAL E 306 9.06 6.64 -27.21
C VAL E 306 9.71 7.72 -26.35
N PRO E 307 10.65 8.54 -26.85
CA PRO E 307 11.27 9.54 -25.96
C PRO E 307 10.34 10.69 -25.57
N HIS E 308 9.20 10.87 -26.24
CA HIS E 308 8.26 11.89 -25.80
C HIS E 308 7.71 11.59 -24.41
N GLY E 309 7.87 10.37 -23.91
CA GLY E 309 7.42 10.02 -22.58
C GLY E 309 8.41 10.22 -21.47
N PHE E 310 9.62 10.71 -21.78
CA PHE E 310 10.69 10.79 -20.79
C PHE E 310 11.16 12.23 -20.61
N GLY E 311 11.72 12.48 -19.42
CA GLY E 311 12.36 13.76 -19.16
C GLY E 311 13.59 13.97 -20.03
N ASP E 312 14.12 15.20 -19.97
CA ASP E 312 15.17 15.59 -20.90
C ASP E 312 16.40 14.68 -20.78
N GLU E 313 16.83 14.41 -19.55
CA GLU E 313 18.04 13.59 -19.38
C GLU E 313 17.83 12.18 -19.89
N ASP E 314 16.65 11.60 -19.66
CA ASP E 314 16.37 10.25 -20.14
C ASP E 314 16.25 10.20 -21.67
N ALA E 315 15.65 11.23 -22.27
CA ALA E 315 15.55 11.26 -23.73
C ALA E 315 16.91 11.45 -24.38
N VAL E 316 17.80 12.21 -23.74
CA VAL E 316 19.17 12.30 -24.23
C VAL E 316 19.86 10.94 -24.17
N LYS E 317 19.62 10.18 -23.10
CA LYS E 317 20.21 8.85 -23.00
C LYS E 317 19.63 7.92 -24.05
N ILE E 318 18.32 7.98 -24.29
CA ILE E 318 17.68 7.08 -25.26
C ILE E 318 18.27 7.27 -26.66
N MET E 319 18.46 8.53 -27.07
CA MET E 319 19.05 8.81 -28.39
C MET E 319 20.57 8.69 -28.41
N ALA E 320 21.27 9.00 -27.32
CA ALA E 320 22.70 8.79 -27.30
C ALA E 320 23.07 7.31 -27.27
N ASN E 321 22.16 6.46 -26.79
CA ASN E 321 22.42 5.03 -26.76
C ASN E 321 22.44 4.42 -28.16
N LEU E 322 21.89 5.10 -29.16
CA LEU E 322 21.99 4.67 -30.54
C LEU E 322 23.33 5.03 -31.18
N VAL E 323 24.03 6.02 -30.64
CA VAL E 323 25.19 6.58 -31.35
C VAL E 323 26.30 5.55 -31.55
N PRO E 324 26.69 4.73 -30.56
CA PRO E 324 27.74 3.74 -30.83
C PRO E 324 27.41 2.76 -31.95
N ALA E 325 26.13 2.62 -32.33
CA ALA E 325 25.74 1.68 -33.36
C ALA E 325 25.66 2.30 -34.75
N LEU E 326 25.75 3.62 -34.87
CA LEU E 326 25.57 4.30 -36.15
C LEU E 326 26.82 4.18 -37.01
N ALA E 327 26.65 3.73 -38.25
CA ALA E 327 27.73 3.72 -39.23
C ALA E 327 27.77 5.07 -39.92
N LYS E 328 28.94 5.72 -39.88
CA LYS E 328 29.06 7.08 -40.39
C LYS E 328 28.80 7.11 -41.89
N GLY E 329 27.91 8.01 -42.30
CA GLY E 329 27.54 8.17 -43.69
C GLY E 329 26.49 7.21 -44.20
N TYR E 330 25.93 6.36 -43.34
CA TYR E 330 25.04 5.30 -43.79
C TYR E 330 23.80 5.18 -42.90
N SER E 331 24.00 5.01 -41.60
CA SER E 331 22.89 4.81 -40.69
C SER E 331 22.06 6.08 -40.54
N ARG E 332 20.76 5.95 -40.74
CA ARG E 332 19.82 7.03 -40.46
C ARG E 332 19.18 6.81 -39.10
N VAL E 333 18.94 7.89 -38.38
CA VAL E 333 18.07 7.90 -37.21
C VAL E 333 16.80 8.63 -37.59
N LEU E 334 15.65 7.99 -37.37
CA LEU E 334 14.35 8.51 -37.79
C LEU E 334 13.47 8.61 -36.55
N LEU E 335 13.16 9.84 -36.14
CA LEU E 335 12.42 10.09 -34.90
C LEU E 335 11.01 10.52 -35.26
N ASN E 336 10.04 9.64 -35.00
CA ASN E 336 8.63 9.89 -35.34
C ASN E 336 7.92 10.41 -34.09
N GLU E 337 7.96 11.73 -33.91
CA GLU E 337 7.35 12.35 -32.75
C GLU E 337 6.63 13.63 -33.16
N ILE E 338 5.70 14.04 -32.30
CA ILE E 338 5.06 15.35 -32.44
C ILE E 338 6.10 16.44 -32.30
N VAL E 339 5.99 17.46 -33.14
CA VAL E 339 6.79 18.68 -33.03
C VAL E 339 5.80 19.81 -32.76
N VAL E 340 5.86 20.38 -31.56
CA VAL E 340 4.86 21.35 -31.12
C VAL E 340 5.21 22.73 -31.67
N ASP E 341 4.22 23.40 -32.24
CA ASP E 341 4.27 24.85 -32.50
C ASP E 341 3.39 25.48 -31.42
N GLU E 342 4.01 25.87 -30.31
CA GLU E 342 3.24 26.41 -29.21
C GLU E 342 2.55 27.74 -29.56
N GLU E 343 3.04 28.43 -30.59
CA GLU E 343 2.35 29.63 -31.05
C GLU E 343 1.00 29.29 -31.67
N ARG E 344 0.91 28.15 -32.35
CA ARG E 344 -0.30 27.72 -33.05
C ARG E 344 -0.74 26.38 -32.46
N PRO E 345 -1.42 26.39 -31.32
CA PRO E 345 -1.86 25.13 -30.71
C PRO E 345 -2.85 24.39 -31.60
N VAL E 346 -2.64 23.07 -31.70
CA VAL E 346 -3.56 22.18 -32.38
C VAL E 346 -3.86 21.00 -31.46
N MET E 347 -5.07 20.46 -31.59
CA MET E 347 -5.57 19.49 -30.62
C MET E 347 -4.74 18.20 -30.63
N SER E 348 -4.23 17.79 -31.79
CA SER E 348 -3.46 16.54 -31.83
C SER E 348 -2.16 16.67 -31.05
N ALA E 349 -1.63 17.90 -30.94
CA ALA E 349 -0.43 18.13 -30.15
C ALA E 349 -0.74 18.20 -28.66
N THR E 350 -1.80 18.93 -28.29
CA THR E 350 -2.11 19.11 -26.87
C THR E 350 -2.79 17.90 -26.26
N ASN E 351 -3.51 17.11 -27.07
CA ASN E 351 -4.06 15.84 -26.59
C ASN E 351 -2.98 14.94 -26.03
N MET E 352 -1.96 14.67 -26.84
CA MET E 352 -0.86 13.78 -26.42
C MET E 352 -0.02 14.43 -25.33
N ASP E 353 0.17 15.75 -25.39
CA ASP E 353 0.94 16.44 -24.37
C ASP E 353 0.32 16.28 -22.99
N LEU E 354 -1.01 16.37 -22.90
CA LEU E 354 -1.68 16.16 -21.63
C LEU E 354 -1.86 14.69 -21.29
N ILE E 355 -1.83 13.82 -22.30
CA ILE E 355 -1.76 12.39 -22.06
C ILE E 355 -0.39 12.02 -21.51
N MET E 356 0.65 12.74 -21.93
CA MET E 356 1.98 12.48 -21.39
C MET E 356 2.05 12.94 -19.94
N LEU E 357 1.40 14.06 -19.63
CA LEU E 357 1.37 14.58 -18.27
C LEU E 357 0.58 13.66 -17.35
N ALA E 358 -0.55 13.13 -17.83
CA ALA E 358 -1.43 12.31 -17.01
C ALA E 358 -0.90 10.93 -16.74
N HIS E 359 0.00 10.41 -17.59
CA HIS E 359 0.52 9.05 -17.43
C HIS E 359 1.99 9.01 -17.07
N MET E 360 2.83 9.80 -17.71
CA MET E 360 4.25 9.67 -17.49
C MET E 360 4.85 10.91 -16.83
N GLY E 361 4.08 12.00 -16.71
CA GLY E 361 4.59 13.24 -16.17
C GLY E 361 5.48 14.00 -17.13
N ALA E 362 5.43 13.67 -18.42
CA ALA E 362 6.30 14.21 -19.44
C ALA E 362 5.55 15.25 -20.29
N LYS E 363 6.08 15.54 -21.48
CA LYS E 363 5.46 16.53 -22.34
C LYS E 363 5.92 16.32 -23.78
N GLU E 364 5.17 16.89 -24.72
CA GLU E 364 5.59 16.95 -26.11
C GLU E 364 6.51 18.14 -26.32
N ARG E 365 7.37 18.04 -27.34
CA ARG E 365 8.47 18.97 -27.54
C ARG E 365 8.36 19.74 -28.85
N THR E 366 8.85 20.98 -28.81
CA THR E 366 9.00 21.82 -29.99
C THR E 366 10.24 21.40 -30.79
N GLU E 367 10.36 21.98 -31.99
CA GLU E 367 11.53 21.71 -32.81
C GLU E 367 12.82 22.10 -32.09
N ALA E 368 12.83 23.26 -31.44
CA ALA E 368 14.00 23.68 -30.69
C ALA E 368 14.31 22.71 -29.55
N ASP E 369 13.29 22.26 -28.82
CA ASP E 369 13.51 21.28 -27.76
C ASP E 369 14.10 19.99 -28.31
N TRP E 370 13.59 19.51 -29.44
CA TRP E 370 14.10 18.28 -30.03
C TRP E 370 15.54 18.44 -30.50
N ARG E 371 15.85 19.56 -31.15
CA ARG E 371 17.20 19.80 -31.64
C ARG E 371 18.21 19.81 -30.50
N SER E 372 17.80 20.23 -29.31
CA SER E 372 18.71 20.31 -28.17
C SER E 372 19.04 18.93 -27.62
N ILE E 373 18.02 18.07 -27.44
CA ILE E 373 18.24 16.70 -26.98
C ILE E 373 19.10 15.93 -27.97
N LEU E 374 18.85 16.09 -29.26
CA LEU E 374 19.62 15.37 -30.27
C LEU E 374 21.06 15.86 -30.31
N THR E 375 21.27 17.17 -30.19
CA THR E 375 22.63 17.69 -30.16
C THR E 375 23.37 17.20 -28.93
N ARG E 376 22.70 17.20 -27.76
CA ARG E 376 23.33 16.70 -26.54
C ARG E 376 23.63 15.21 -26.65
N ALA E 377 22.82 14.47 -27.38
CA ALA E 377 23.02 13.05 -27.56
C ALA E 377 24.07 12.71 -28.61
N GLY E 378 24.62 13.72 -29.29
CA GLY E 378 25.61 13.50 -30.31
C GLY E 378 25.07 13.38 -31.72
N LEU E 379 23.91 13.96 -32.00
CA LEU E 379 23.27 13.85 -33.29
C LEU E 379 23.06 15.24 -33.88
N LYS E 380 22.72 15.28 -35.16
CA LYS E 380 22.35 16.52 -35.80
C LYS E 380 21.21 16.25 -36.77
N VAL E 381 20.29 17.21 -36.87
CA VAL E 381 19.12 17.06 -37.72
C VAL E 381 19.55 17.16 -39.18
N VAL E 382 18.96 16.33 -40.03
CA VAL E 382 19.14 16.42 -41.47
C VAL E 382 17.97 17.13 -42.12
N ASN E 383 16.74 16.67 -41.85
CA ASN E 383 15.52 17.29 -42.33
C ASN E 383 14.37 16.82 -41.44
N ILE E 384 13.30 17.61 -41.42
CA ILE E 384 12.11 17.29 -40.65
C ILE E 384 10.93 17.22 -41.60
N TYR E 385 10.20 16.11 -41.55
CA TYR E 385 9.10 15.85 -42.48
C TYR E 385 7.77 15.90 -41.73
N SER E 386 6.77 16.50 -42.36
CA SER E 386 5.43 16.53 -41.81
C SER E 386 4.43 16.17 -42.90
N TYR E 387 3.17 16.03 -42.51
CA TYR E 387 2.10 15.68 -43.43
C TYR E 387 0.84 16.37 -42.95
N PRO E 388 0.02 16.90 -43.87
CA PRO E 388 -1.21 17.59 -43.45
C PRO E 388 -2.16 16.65 -42.72
N GLY E 389 -2.46 17.01 -41.47
CA GLY E 389 -3.44 16.29 -40.68
C GLY E 389 -2.88 15.29 -39.70
N VAL E 390 -1.61 14.92 -39.80
CA VAL E 390 -1.03 13.92 -38.91
C VAL E 390 -0.33 14.63 -37.76
N ALA E 391 -0.44 14.04 -36.56
CA ALA E 391 0.09 14.67 -35.37
C ALA E 391 1.61 14.71 -35.37
N GLU E 392 2.25 13.60 -35.74
CA GLU E 392 3.69 13.46 -35.60
C GLU E 392 4.42 13.93 -36.85
N SER E 393 5.65 14.35 -36.65
CA SER E 393 6.58 14.60 -37.74
C SER E 393 7.56 13.44 -37.81
N LEU E 394 8.41 13.47 -38.83
CA LEU E 394 9.52 12.54 -38.95
C LEU E 394 10.80 13.36 -38.99
N ILE E 395 11.63 13.23 -37.97
CA ILE E 395 12.90 13.93 -37.88
C ILE E 395 13.98 12.94 -38.29
N GLU E 396 14.65 13.18 -39.41
CA GLU E 396 15.86 12.44 -39.73
C GLU E 396 17.05 13.13 -39.07
N ALA E 397 17.80 12.36 -38.30
CA ALA E 397 19.04 12.82 -37.69
C ALA E 397 20.19 11.96 -38.18
N GLU E 398 21.40 12.41 -37.89
CA GLU E 398 22.61 11.67 -38.23
C GLU E 398 23.68 12.02 -37.22
N LEU E 399 24.73 11.18 -37.18
CA LEU E 399 25.90 11.47 -36.37
C LEU E 399 26.40 12.89 -36.61
N ALA E 400 26.55 13.65 -35.53
CA ALA E 400 27.05 15.01 -35.63
C ALA E 400 28.50 15.01 -36.10
N ALA F 6 0.11 -58.53 5.23
CA ALA F 6 0.99 -59.65 4.96
C ALA F 6 2.44 -59.32 5.35
N SER F 7 3.21 -60.36 5.67
CA SER F 7 4.56 -60.18 6.14
C SER F 7 5.50 -59.75 5.00
N PRO F 8 6.56 -59.01 5.32
CA PRO F 8 7.60 -58.77 4.31
C PRO F 8 8.23 -60.07 3.81
N ALA F 9 8.42 -61.04 4.69
CA ALA F 9 8.96 -62.33 4.29
C ALA F 9 8.04 -63.02 3.29
N SER F 10 6.73 -62.86 3.45
CA SER F 10 5.78 -63.47 2.52
C SER F 10 5.84 -62.82 1.14
N ILE F 11 5.92 -61.49 1.10
CA ILE F 11 5.94 -60.80 -0.19
C ILE F 11 7.27 -61.01 -0.91
N ILE F 12 8.37 -61.10 -0.16
CA ILE F 12 9.66 -61.42 -0.75
C ILE F 12 9.58 -62.72 -1.54
N GLN F 13 8.91 -63.73 -0.98
CA GLN F 13 8.76 -65.01 -1.67
C GLN F 13 7.82 -64.89 -2.86
N GLU F 14 6.74 -64.13 -2.71
CA GLU F 14 5.82 -63.94 -3.83
C GLU F 14 6.49 -63.14 -4.95
N LEU F 15 7.31 -62.16 -4.59
CA LEU F 15 8.04 -61.40 -5.60
C LEU F 15 9.01 -62.30 -6.36
N ALA F 16 9.75 -63.15 -5.64
CA ALA F 16 10.66 -64.07 -6.31
C ALA F 16 9.89 -65.09 -7.16
N SER F 17 8.70 -65.50 -6.72
CA SER F 17 7.85 -66.35 -7.54
C SER F 17 7.45 -65.64 -8.84
N ALA F 18 6.90 -64.43 -8.70
CA ALA F 18 6.50 -63.65 -9.88
C ALA F 18 7.69 -63.28 -10.74
N ALA F 19 8.89 -63.20 -10.15
CA ALA F 19 10.09 -62.94 -10.95
C ALA F 19 10.38 -64.11 -11.88
N LYS F 20 10.22 -65.33 -11.38
CA LYS F 20 10.43 -66.51 -12.23
C LYS F 20 9.45 -66.53 -13.39
N GLN F 21 8.20 -66.16 -13.13
CA GLN F 21 7.19 -66.14 -14.20
C GLN F 21 7.51 -65.06 -15.23
N TYR F 22 7.98 -63.90 -14.77
CA TYR F 22 8.36 -62.84 -15.69
C TYR F 22 9.54 -63.26 -16.55
N GLU F 23 10.55 -63.89 -15.94
CA GLU F 23 11.72 -64.34 -16.68
C GLU F 23 11.42 -65.55 -17.55
N ASN F 24 10.26 -66.19 -17.37
CA ASN F 24 9.77 -67.22 -18.27
C ASN F 24 8.78 -66.65 -19.29
N ASN F 25 8.68 -65.32 -19.37
CA ASN F 25 7.83 -64.63 -20.36
C ASN F 25 6.36 -65.01 -20.23
N GLU F 26 5.90 -65.31 -19.02
CA GLU F 26 4.50 -65.64 -18.82
C GLU F 26 3.64 -64.38 -18.83
N SER F 27 2.46 -64.50 -19.43
CA SER F 27 1.58 -63.35 -19.59
C SER F 27 1.12 -62.84 -18.23
N GLY F 28 1.10 -61.52 -18.08
CA GLY F 28 0.72 -60.87 -16.85
C GLY F 28 1.77 -60.83 -15.77
N ALA F 29 2.94 -61.42 -16.00
CA ALA F 29 3.93 -61.52 -14.93
C ALA F 29 4.71 -60.23 -14.74
N ARG F 30 4.95 -59.47 -15.81
CA ARG F 30 5.59 -58.16 -15.67
C ARG F 30 4.79 -57.27 -14.71
N GLU F 31 3.47 -57.23 -14.89
CA GLU F 31 2.62 -56.43 -14.01
C GLU F 31 2.49 -57.04 -12.63
N ALA F 32 2.51 -58.38 -12.53
CA ALA F 32 2.44 -59.02 -11.22
C ALA F 32 3.72 -58.78 -10.42
N LEU F 33 4.87 -58.72 -11.10
CA LEU F 33 6.11 -58.37 -10.43
C LEU F 33 6.07 -56.93 -9.93
N ILE F 34 5.49 -56.02 -10.72
CA ILE F 34 5.39 -54.63 -10.30
C ILE F 34 4.48 -54.51 -9.08
N ALA F 35 3.36 -55.25 -9.09
CA ALA F 35 2.42 -55.19 -7.99
C ALA F 35 2.99 -55.81 -6.71
N GLN F 36 3.87 -56.81 -6.87
CA GLN F 36 4.52 -57.40 -5.71
C GLN F 36 5.53 -56.43 -5.09
N SER F 37 6.28 -55.71 -5.93
CA SER F 37 7.25 -54.76 -5.41
C SER F 37 6.58 -53.66 -4.61
N ARG F 38 5.48 -53.10 -5.14
CA ARG F 38 4.76 -52.06 -4.41
C ARG F 38 4.17 -52.59 -3.12
N ALA F 39 3.78 -53.87 -3.12
CA ALA F 39 3.27 -54.48 -1.90
C ALA F 39 4.38 -54.62 -0.86
N LEU F 40 5.59 -54.96 -1.31
CA LEU F 40 6.72 -55.05 -0.38
C LEU F 40 7.02 -53.71 0.25
N ILE F 41 7.00 -52.64 -0.54
CA ILE F 41 7.37 -51.31 -0.05
C ILE F 41 6.38 -50.87 1.03
N ALA F 42 5.08 -51.06 0.79
CA ALA F 42 4.09 -50.69 1.78
C ALA F 42 4.28 -51.45 3.07
N SER F 43 4.74 -52.71 2.99
CA SER F 43 4.98 -53.50 4.19
C SER F 43 6.24 -53.06 4.93
N LEU F 44 7.19 -52.43 4.24
CA LEU F 44 8.44 -52.02 4.85
C LEU F 44 8.44 -50.56 5.30
N GLU F 45 7.74 -49.69 4.60
CA GLU F 45 7.78 -48.27 4.90
C GLU F 45 7.24 -48.00 6.30
N VAL F 46 7.79 -46.97 6.93
CA VAL F 46 7.23 -46.43 8.17
C VAL F 46 6.37 -45.24 7.76
N PRO F 47 5.36 -44.87 8.55
CA PRO F 47 4.44 -43.79 8.11
C PRO F 47 5.11 -42.47 7.76
N SER F 48 6.26 -42.12 8.37
CA SER F 48 6.93 -40.89 7.97
C SER F 48 7.48 -40.99 6.56
N GLU F 49 7.92 -42.18 6.14
CA GLU F 49 8.40 -42.36 4.78
C GLU F 49 7.25 -42.35 3.78
N PHE F 50 6.10 -42.93 4.15
CA PHE F 50 4.92 -42.84 3.29
C PHE F 50 4.51 -41.40 3.08
N ILE F 51 4.50 -40.59 4.15
CA ILE F 51 4.15 -39.19 4.05
C ILE F 51 5.08 -38.47 3.09
N GLN F 52 6.39 -38.69 3.24
CA GLN F 52 7.36 -38.04 2.36
C GLN F 52 7.16 -38.47 0.91
N HIS F 53 7.03 -39.77 0.66
CA HIS F 53 6.86 -40.21 -0.72
C HIS F 53 5.55 -39.68 -1.29
N THR F 54 4.46 -39.84 -0.55
CA THR F 54 3.14 -39.44 -1.05
C THR F 54 3.05 -37.93 -1.27
N PHE F 55 3.47 -37.14 -0.28
CA PHE F 55 3.20 -35.72 -0.30
C PHE F 55 4.39 -34.87 -0.72
N TRP F 56 5.59 -35.45 -0.81
CA TRP F 56 6.77 -34.71 -1.26
C TRP F 56 7.28 -35.25 -2.60
N SER F 57 7.70 -36.52 -2.64
CA SER F 57 8.39 -37.06 -3.81
C SER F 57 7.52 -37.01 -5.06
N GLN F 58 6.26 -37.41 -4.93
CA GLN F 58 5.41 -37.52 -6.10
C GLN F 58 4.93 -36.16 -6.61
N PRO F 59 4.48 -35.25 -5.75
CA PRO F 59 4.16 -33.90 -6.26
C PRO F 59 5.36 -33.17 -6.84
N ALA F 60 6.54 -33.32 -6.24
CA ALA F 60 7.74 -32.75 -6.84
C ALA F 60 8.04 -33.41 -8.19
N LEU F 61 7.89 -34.73 -8.27
CA LEU F 61 8.17 -35.44 -9.52
C LEU F 61 7.25 -34.98 -10.65
N SER F 62 5.94 -34.88 -10.37
CA SER F 62 4.99 -34.47 -11.41
C SER F 62 5.29 -33.06 -11.90
N ALA F 63 5.73 -32.17 -11.00
CA ALA F 63 6.04 -30.80 -11.38
C ALA F 63 7.30 -30.73 -12.25
N ILE F 64 8.31 -31.54 -11.93
CA ILE F 64 9.54 -31.52 -12.70
C ILE F 64 9.32 -32.16 -14.08
N VAL F 65 8.53 -33.24 -14.12
CA VAL F 65 8.19 -33.85 -15.40
C VAL F 65 7.39 -32.86 -16.25
N ARG F 66 6.49 -32.10 -15.63
CA ARG F 66 5.77 -31.06 -16.35
C ARG F 66 6.69 -29.93 -16.76
N LEU F 67 7.59 -29.52 -15.86
CA LEU F 67 8.58 -28.49 -16.21
C LEU F 67 9.45 -28.95 -17.38
N ALA F 68 9.82 -30.23 -17.41
CA ALA F 68 10.64 -30.76 -18.49
C ALA F 68 10.01 -30.55 -19.86
N THR F 69 8.68 -30.59 -19.97
CA THR F 69 8.05 -30.37 -21.27
C THR F 69 8.11 -28.91 -21.71
N ASP F 70 8.48 -27.99 -20.82
CA ASP F 70 8.67 -26.60 -21.20
C ASP F 70 10.09 -26.29 -21.65
N VAL F 71 11.03 -27.20 -21.44
CA VAL F 71 12.44 -26.91 -21.71
C VAL F 71 13.11 -28.00 -22.54
N ASN F 72 12.32 -28.95 -23.04
CA ASN F 72 12.80 -29.98 -23.98
C ASN F 72 13.85 -30.91 -23.35
N LEU F 73 13.74 -31.15 -22.05
CA LEU F 73 14.78 -31.90 -21.33
C LEU F 73 14.89 -33.33 -21.83
N PHE F 74 13.77 -34.03 -21.93
CA PHE F 74 13.79 -35.44 -22.30
C PHE F 74 14.32 -35.63 -23.71
N GLN F 75 13.95 -34.73 -24.64
CA GLN F 75 14.45 -34.84 -26.01
C GLN F 75 15.96 -34.65 -26.07
N TYR F 76 16.48 -33.65 -25.34
CA TYR F 76 17.91 -33.44 -25.29
C TYR F 76 18.64 -34.70 -24.83
N LEU F 77 18.12 -35.38 -23.80
CA LEU F 77 18.78 -36.58 -23.31
C LEU F 77 18.63 -37.74 -24.28
N LYS F 78 17.51 -37.80 -25.00
CA LYS F 78 17.38 -38.81 -26.05
C LYS F 78 18.38 -38.57 -27.18
N ASP F 79 18.55 -37.32 -27.59
CA ASP F 79 19.57 -36.98 -28.58
C ASP F 79 20.96 -37.36 -28.10
N ALA F 80 21.19 -37.29 -26.79
CA ALA F 80 22.50 -37.58 -26.25
C ALA F 80 22.87 -39.05 -26.41
N GLN F 81 21.90 -39.95 -26.39
CA GLN F 81 22.13 -41.39 -26.54
C GLN F 81 23.08 -41.82 -25.44
N GLU F 82 24.22 -42.42 -25.74
CA GLU F 82 25.11 -42.97 -24.73
C GLU F 82 26.13 -41.96 -24.19
N GLU F 83 26.33 -40.81 -24.85
CA GLU F 83 27.26 -39.83 -24.31
C GLU F 83 26.67 -39.07 -23.13
N GLY F 84 25.35 -38.98 -23.04
CA GLY F 84 24.74 -38.20 -21.98
C GLY F 84 25.17 -36.74 -22.03
N LEU F 85 24.77 -36.03 -20.98
CA LEU F 85 25.12 -34.62 -20.80
C LEU F 85 25.25 -34.31 -19.32
N ASN F 86 26.19 -33.43 -18.98
CA ASN F 86 26.36 -33.03 -17.59
C ASN F 86 25.41 -31.87 -17.27
N ALA F 87 25.43 -31.43 -16.01
CA ALA F 87 24.53 -30.36 -15.58
C ALA F 87 24.80 -29.06 -16.34
N GLU F 88 26.06 -28.79 -16.64
CA GLU F 88 26.42 -27.54 -17.30
C GLU F 88 25.94 -27.52 -18.75
N ALA F 89 26.05 -28.64 -19.47
CA ALA F 89 25.59 -28.68 -20.84
C ALA F 89 24.07 -28.62 -20.92
N LEU F 90 23.39 -29.30 -19.99
CA LEU F 90 21.94 -29.35 -20.02
C LEU F 90 21.32 -28.04 -19.55
N ALA F 91 21.90 -27.44 -18.51
CA ALA F 91 21.50 -26.09 -18.12
C ALA F 91 21.61 -25.14 -19.31
N SER F 92 22.69 -25.24 -20.06
CA SER F 92 22.86 -24.43 -21.26
C SER F 92 21.77 -24.73 -22.28
N LYS F 93 21.51 -26.01 -22.54
CA LYS F 93 20.55 -26.39 -23.59
C LYS F 93 19.12 -26.06 -23.19
N THR F 94 18.77 -26.21 -21.91
CA THR F 94 17.42 -25.97 -21.46
C THR F 94 17.15 -24.52 -21.08
N GLY F 95 18.20 -23.69 -20.96
CA GLY F 95 18.03 -22.31 -20.61
C GLY F 95 17.74 -22.04 -19.15
N MET F 96 18.23 -22.90 -18.26
CA MET F 96 18.02 -22.74 -16.82
C MET F 96 19.35 -22.51 -16.12
N ASP F 97 19.26 -21.97 -14.90
CA ASP F 97 20.43 -21.81 -14.06
C ASP F 97 20.98 -23.18 -13.67
N VAL F 98 22.31 -23.33 -13.73
CA VAL F 98 22.94 -24.65 -13.59
C VAL F 98 22.58 -25.27 -12.24
N SER F 99 22.53 -24.46 -11.19
CA SER F 99 22.24 -25.00 -9.86
C SER F 99 20.78 -25.43 -9.73
N LEU F 100 19.87 -24.65 -10.33
CA LEU F 100 18.46 -25.02 -10.29
C LEU F 100 18.21 -26.29 -11.10
N PHE F 101 18.76 -26.35 -12.31
CA PHE F 101 18.57 -27.54 -13.14
C PHE F 101 19.07 -28.79 -12.43
N ALA F 102 20.24 -28.69 -11.78
CA ALA F 102 20.87 -29.88 -11.22
C ALA F 102 20.08 -30.45 -10.05
N ARG F 103 19.47 -29.58 -9.24
CA ARG F 103 18.65 -30.06 -8.13
C ARG F 103 17.44 -30.83 -8.61
N LEU F 104 16.74 -30.31 -9.63
CA LEU F 104 15.57 -31.00 -10.15
C LEU F 104 15.97 -32.32 -10.80
N ALA F 105 17.10 -32.33 -11.52
CA ALA F 105 17.55 -33.55 -12.21
C ALA F 105 17.94 -34.64 -11.22
N ARG F 106 18.51 -34.28 -10.07
CA ARG F 106 18.84 -35.27 -9.06
C ARG F 106 17.59 -35.93 -8.48
N HIS F 107 16.46 -35.20 -8.43
CA HIS F 107 15.19 -35.82 -8.06
C HIS F 107 14.74 -36.81 -9.12
N LEU F 108 14.90 -36.47 -10.40
CA LEU F 108 14.57 -37.40 -11.47
C LEU F 108 15.45 -38.64 -11.44
N VAL F 109 16.69 -38.51 -10.97
CA VAL F 109 17.54 -39.67 -10.78
C VAL F 109 17.10 -40.46 -9.55
N ALA F 110 16.78 -39.77 -8.46
CA ALA F 110 16.34 -40.45 -7.25
C ALA F 110 15.00 -41.16 -7.46
N MET F 111 14.16 -40.65 -8.36
CA MET F 111 12.90 -41.30 -8.74
C MET F 111 13.05 -42.29 -9.89
N ASN F 112 14.29 -42.61 -10.28
CA ASN F 112 14.57 -43.61 -11.31
C ASN F 112 13.91 -43.26 -12.65
N VAL F 113 13.85 -41.98 -12.98
CA VAL F 113 13.35 -41.56 -14.29
C VAL F 113 14.48 -41.45 -15.29
N ILE F 114 15.57 -40.81 -14.89
CA ILE F 114 16.81 -40.78 -15.66
C ILE F 114 17.91 -41.33 -14.76
N THR F 115 19.10 -41.50 -15.33
CA THR F 115 20.23 -41.98 -14.55
C THR F 115 21.37 -40.96 -14.60
N SER F 116 22.36 -41.20 -13.76
CA SER F 116 23.50 -40.29 -13.68
C SER F 116 24.70 -41.05 -13.14
N ARG F 117 25.82 -40.94 -13.86
CA ARG F 117 27.11 -41.49 -13.44
C ARG F 117 28.16 -40.42 -13.64
N ASN F 118 29.06 -40.30 -12.66
CA ASN F 118 30.22 -39.41 -12.75
C ASN F 118 29.81 -37.99 -13.11
N GLY F 119 28.67 -37.56 -12.57
CA GLY F 119 28.17 -36.24 -12.87
C GLY F 119 27.68 -36.04 -14.29
N VAL F 120 27.31 -37.12 -14.98
CA VAL F 120 26.71 -37.04 -16.31
C VAL F 120 25.35 -37.68 -16.25
N PHE F 121 24.34 -36.98 -16.78
CA PHE F 121 22.98 -37.50 -16.81
C PHE F 121 22.74 -38.28 -18.10
N TYR F 122 22.02 -39.39 -17.98
CA TYR F 122 21.76 -40.26 -19.11
C TYR F 122 20.25 -40.47 -19.24
N GLY F 123 19.75 -40.37 -20.47
CA GLY F 123 18.37 -40.73 -20.72
C GLY F 123 18.13 -42.21 -20.54
N THR F 124 16.88 -42.55 -20.24
CA THR F 124 16.46 -43.93 -20.03
C THR F 124 15.40 -44.29 -21.04
N ALA F 125 15.05 -45.58 -21.07
CA ALA F 125 13.94 -46.03 -21.89
C ALA F 125 12.69 -45.22 -21.59
N LEU F 126 12.40 -45.01 -20.30
CA LEU F 126 11.25 -44.20 -19.90
C LEU F 126 11.35 -42.79 -20.46
N SER F 127 12.43 -42.07 -20.10
CA SER F 127 12.51 -40.64 -20.44
C SER F 127 12.59 -40.43 -21.95
N ASN F 128 13.25 -41.34 -22.67
CA ASN F 128 13.24 -41.25 -24.14
C ASN F 128 11.84 -41.40 -24.70
N GLY F 129 11.01 -42.24 -24.06
CA GLY F 129 9.65 -42.40 -24.52
C GLY F 129 8.77 -41.22 -24.18
N LEU F 130 9.08 -40.54 -23.07
CA LEU F 130 8.33 -39.36 -22.65
C LEU F 130 8.66 -38.13 -23.50
N ALA F 131 9.79 -38.16 -24.23
CA ALA F 131 10.12 -37.06 -25.14
C ALA F 131 9.18 -36.99 -26.33
N ALA F 132 8.50 -38.10 -26.65
CA ALA F 132 7.57 -38.12 -27.77
C ALA F 132 6.39 -37.18 -27.54
N GLU F 133 5.87 -36.62 -28.64
CA GLU F 133 4.89 -35.54 -28.55
C GLU F 133 3.61 -35.97 -27.83
N ASN F 134 3.12 -37.18 -28.08
CA ASN F 134 1.87 -37.58 -27.46
C ASN F 134 2.03 -37.69 -25.95
N TYR F 135 3.18 -38.18 -25.48
CA TYR F 135 3.44 -38.18 -24.05
C TYR F 135 3.73 -36.79 -23.53
N GLN F 136 4.35 -35.94 -24.34
CA GLN F 136 4.58 -34.55 -23.93
C GLN F 136 3.26 -33.85 -23.67
N GLN F 137 2.29 -34.02 -24.57
CA GLN F 137 0.98 -33.40 -24.38
C GLN F 137 0.17 -34.12 -23.31
N SER F 138 0.39 -35.43 -23.14
CA SER F 138 -0.21 -36.16 -22.03
C SER F 138 0.24 -35.59 -20.69
N ILE F 139 1.54 -35.31 -20.56
CA ILE F 139 2.06 -34.72 -19.32
C ILE F 139 1.40 -33.37 -19.07
N ARG F 140 1.30 -32.54 -20.11
CA ARG F 140 0.72 -31.21 -19.95
C ARG F 140 -0.74 -31.29 -19.52
N PHE F 141 -1.54 -32.10 -20.21
CA PHE F 141 -2.94 -32.25 -19.85
C PHE F 141 -3.10 -32.71 -18.40
N CYS F 142 -2.31 -33.71 -18.01
CA CYS F 142 -2.45 -34.27 -16.66
C CYS F 142 -2.14 -33.23 -15.60
N HIS F 143 -1.06 -32.47 -15.78
CA HIS F 143 -0.67 -31.51 -14.75
C HIS F 143 -1.53 -30.26 -14.80
N ASP F 144 -1.89 -29.79 -16.00
CA ASP F 144 -2.66 -28.55 -16.09
C ASP F 144 -4.14 -28.76 -15.80
N VAL F 145 -4.70 -29.90 -16.21
CA VAL F 145 -6.14 -30.11 -16.17
C VAL F 145 -6.53 -31.13 -15.10
N SER F 146 -5.86 -32.28 -15.08
CA SER F 146 -6.27 -33.36 -14.19
C SER F 146 -5.85 -33.12 -12.75
N ARG F 147 -4.62 -32.66 -12.54
CA ARG F 147 -4.12 -32.45 -11.18
C ARG F 147 -4.97 -31.49 -10.35
N PRO F 148 -5.43 -30.34 -10.86
CA PRO F 148 -6.31 -29.49 -10.05
C PRO F 148 -7.63 -30.15 -9.66
N SER F 149 -8.16 -31.06 -10.49
CA SER F 149 -9.41 -31.71 -10.16
C SER F 149 -9.25 -32.69 -9.00
N PHE F 150 -8.20 -33.51 -9.03
CA PHE F 150 -7.87 -34.33 -7.87
C PHE F 150 -7.65 -33.47 -6.64
N GLY F 151 -6.91 -32.36 -6.78
CA GLY F 151 -6.67 -31.47 -5.65
C GLY F 151 -7.93 -30.90 -5.03
N ALA F 152 -9.02 -30.87 -5.78
CA ALA F 152 -10.27 -30.31 -5.31
C ALA F 152 -11.09 -31.29 -4.49
N PHE F 153 -10.81 -32.60 -4.60
CA PHE F 153 -11.63 -33.63 -3.97
C PHE F 153 -11.96 -33.34 -2.50
N PRO F 154 -11.01 -33.02 -1.62
CA PRO F 154 -11.40 -32.78 -0.22
C PRO F 154 -12.41 -31.66 -0.04
N SER F 155 -12.14 -30.47 -0.58
CA SER F 155 -13.05 -29.35 -0.36
C SER F 155 -14.34 -29.49 -1.15
N PHE F 156 -14.32 -30.21 -2.27
CA PHE F 156 -15.55 -30.36 -3.05
C PHE F 156 -16.52 -31.33 -2.37
N PHE F 157 -16.04 -32.49 -1.96
CA PHE F 157 -16.92 -33.47 -1.34
C PHE F 157 -17.30 -33.10 0.09
N LYS F 158 -16.46 -32.32 0.79
CA LYS F 158 -16.93 -31.69 2.01
C LYS F 158 -18.06 -30.72 1.71
N GLY F 159 -17.90 -29.90 0.69
CA GLY F 159 -18.91 -28.90 0.36
C GLY F 159 -20.21 -29.47 -0.17
N ASN F 160 -20.14 -30.59 -0.90
CA ASN F 160 -21.35 -31.17 -1.48
C ASN F 160 -22.01 -32.20 -0.57
N GLY F 161 -21.42 -32.51 0.58
CA GLY F 161 -21.99 -33.46 1.50
C GLY F 161 -21.55 -34.89 1.32
N TYR F 162 -20.42 -35.12 0.63
CA TYR F 162 -19.88 -36.46 0.39
C TYR F 162 -20.90 -37.33 -0.37
N LYS F 163 -21.44 -36.75 -1.44
CA LYS F 163 -22.39 -37.43 -2.31
C LYS F 163 -21.77 -37.69 -3.68
N THR F 164 -22.25 -38.75 -4.32
CA THR F 164 -21.99 -38.94 -5.74
C THR F 164 -22.53 -37.74 -6.51
N PRO F 165 -21.76 -37.20 -7.48
CA PRO F 165 -22.31 -36.14 -8.34
C PRO F 165 -23.62 -36.56 -9.00
N ALA F 166 -24.71 -35.82 -8.69
CA ALA F 166 -26.04 -36.26 -9.09
C ALA F 166 -26.20 -36.23 -10.62
N LEU F 167 -25.88 -35.10 -11.24
CA LEU F 167 -25.87 -35.04 -12.69
C LEU F 167 -24.59 -35.62 -13.29
N GLY F 168 -23.49 -35.62 -12.52
CA GLY F 168 -22.23 -36.12 -13.02
C GLY F 168 -21.55 -35.16 -13.98
N THR F 169 -22.26 -34.78 -15.03
CA THR F 169 -21.68 -33.96 -16.09
C THR F 169 -21.22 -32.60 -15.56
N THR F 170 -22.11 -31.86 -14.90
CA THR F 170 -21.85 -30.46 -14.54
C THR F 170 -21.78 -30.21 -13.04
N ASP F 171 -21.90 -31.23 -12.20
CA ASP F 171 -21.81 -31.02 -10.75
C ASP F 171 -20.71 -31.89 -10.15
N GLY F 172 -19.48 -31.72 -10.61
CA GLY F 172 -18.38 -32.53 -10.15
C GLY F 172 -17.19 -31.73 -9.69
N PRO F 173 -16.15 -32.42 -9.21
CA PRO F 173 -14.92 -31.71 -8.80
C PRO F 173 -14.22 -31.01 -9.94
N PHE F 174 -14.42 -31.43 -11.19
CA PHE F 174 -13.82 -30.70 -12.31
C PHE F 174 -14.35 -29.28 -12.38
N GLN F 175 -15.67 -29.11 -12.26
CA GLN F 175 -16.27 -27.78 -12.28
C GLN F 175 -15.76 -26.93 -11.12
N SER F 176 -15.66 -27.53 -9.93
CA SER F 176 -15.13 -26.80 -8.78
C SER F 176 -13.67 -26.39 -9.00
N ALA F 177 -12.83 -27.33 -9.44
CA ALA F 177 -11.40 -27.06 -9.54
C ALA F 177 -11.08 -26.04 -10.63
N HIS F 178 -11.90 -25.94 -11.66
CA HIS F 178 -11.64 -25.05 -12.78
C HIS F 178 -12.58 -23.84 -12.81
N LYS F 179 -13.44 -23.71 -11.80
CA LYS F 179 -14.29 -22.52 -11.62
C LYS F 179 -15.24 -22.31 -12.80
N VAL F 180 -15.84 -23.39 -13.27
CA VAL F 180 -16.78 -23.34 -14.39
C VAL F 180 -18.04 -24.09 -14.02
N ASP F 181 -19.09 -23.89 -14.81
CA ASP F 181 -20.35 -24.60 -14.67
C ASP F 181 -20.72 -25.42 -15.89
N ILE F 182 -19.78 -25.62 -16.81
CA ILE F 182 -20.03 -26.38 -18.02
C ILE F 182 -19.46 -27.77 -17.86
N SER F 183 -19.83 -28.66 -18.78
CA SER F 183 -19.33 -30.03 -18.72
C SER F 183 -17.86 -30.08 -19.17
N PHE F 184 -17.24 -31.22 -18.89
CA PHE F 184 -15.85 -31.42 -19.32
C PHE F 184 -15.68 -31.41 -20.84
N PRO F 185 -16.52 -32.09 -21.63
CA PRO F 185 -16.40 -31.93 -23.10
C PRO F 185 -16.61 -30.50 -23.56
N GLN F 186 -17.57 -29.78 -22.97
CA GLN F 186 -17.72 -28.36 -23.29
C GLN F 186 -16.46 -27.58 -22.95
N TRP F 187 -15.78 -27.97 -21.86
CA TRP F 187 -14.60 -27.25 -21.42
C TRP F 187 -13.43 -27.44 -22.38
N LEU F 188 -13.23 -28.66 -22.87
CA LEU F 188 -12.14 -28.92 -23.80
C LEU F 188 -12.27 -28.04 -25.05
N VAL F 189 -13.48 -27.87 -25.55
CA VAL F 189 -13.70 -27.08 -26.76
C VAL F 189 -13.41 -25.61 -26.49
N GLY F 190 -13.78 -25.12 -25.32
CA GLY F 190 -13.58 -23.73 -24.97
C GLY F 190 -12.21 -23.36 -24.44
N ASN F 191 -11.33 -24.34 -24.22
CA ASN F 191 -10.02 -24.07 -23.63
C ASN F 191 -8.92 -24.79 -24.43
N PRO F 192 -8.61 -24.29 -25.63
CA PRO F 192 -7.45 -24.82 -26.34
C PRO F 192 -6.17 -24.47 -25.59
N PRO F 193 -5.11 -25.27 -25.76
CA PRO F 193 -4.96 -26.42 -26.64
C PRO F 193 -5.26 -27.75 -25.95
N TYR F 194 -6.18 -27.79 -24.99
CA TYR F 194 -6.33 -28.99 -24.19
C TYR F 194 -7.24 -30.03 -24.82
N LEU F 195 -8.06 -29.66 -25.81
CA LEU F 195 -8.72 -30.69 -26.61
C LEU F 195 -7.71 -31.40 -27.50
N GLN F 196 -6.84 -30.64 -28.17
CA GLN F 196 -5.79 -31.25 -28.97
C GLN F 196 -4.86 -32.08 -28.10
N TYR F 197 -4.48 -31.54 -26.93
CA TYR F 197 -3.69 -32.30 -25.97
C TYR F 197 -4.38 -33.59 -25.59
N PHE F 198 -5.70 -33.53 -25.36
CA PHE F 198 -6.46 -34.72 -24.99
C PHE F 198 -6.45 -35.76 -26.10
N ASN F 199 -6.57 -35.32 -27.36
CA ASN F 199 -6.62 -36.27 -28.48
C ASN F 199 -5.28 -36.97 -28.68
N SER F 200 -4.17 -36.25 -28.50
CA SER F 200 -2.87 -36.92 -28.48
C SER F 200 -2.75 -37.83 -27.27
N TYR F 201 -3.21 -37.34 -26.12
CA TYR F 201 -3.22 -38.11 -24.88
C TYR F 201 -3.85 -39.48 -25.05
N MET F 202 -4.81 -39.62 -25.96
CA MET F 202 -5.56 -40.87 -26.00
C MET F 202 -4.78 -41.98 -26.68
N SER F 203 -3.76 -41.62 -27.47
CA SER F 203 -2.83 -42.61 -28.01
C SER F 203 -1.75 -43.01 -27.03
N ALA F 204 -1.74 -42.45 -25.82
CA ALA F 204 -0.68 -42.72 -24.86
C ALA F 204 -1.16 -43.33 -23.55
N TYR F 205 -2.42 -43.08 -23.14
CA TYR F 205 -2.79 -43.38 -21.76
C TYR F 205 -2.69 -44.87 -21.43
N ARG F 206 -2.89 -45.74 -22.42
CA ARG F 206 -2.75 -47.17 -22.20
C ARG F 206 -1.83 -47.82 -23.23
N ALA F 207 -1.02 -47.02 -23.92
CA ALA F 207 -0.13 -47.52 -24.95
C ALA F 207 0.91 -48.46 -24.37
N GLY F 208 1.39 -49.39 -25.20
CA GLY F 208 2.39 -50.34 -24.78
C GLY F 208 1.84 -51.54 -24.04
N LYS F 209 0.53 -51.63 -23.89
CA LYS F 209 -0.16 -52.73 -23.25
C LYS F 209 -0.94 -53.54 -24.29
N PRO F 210 -1.13 -54.84 -24.08
CA PRO F 210 -1.75 -55.68 -25.10
C PRO F 210 -3.14 -55.19 -25.49
N ASN F 211 -3.36 -55.08 -26.80
CA ASN F 211 -4.62 -54.64 -27.35
C ASN F 211 -5.64 -55.77 -27.35
N TRP F 212 -6.92 -55.39 -27.44
CA TRP F 212 -8.00 -56.37 -27.46
C TRP F 212 -7.83 -57.37 -28.59
N CYS F 213 -7.24 -56.96 -29.70
CA CYS F 213 -7.11 -57.81 -30.88
C CYS F 213 -5.79 -58.56 -30.92
N ASP F 214 -4.97 -58.46 -29.86
CA ASP F 214 -3.70 -59.17 -29.85
C ASP F 214 -3.93 -60.66 -29.65
N ASN F 215 -2.94 -61.44 -30.09
CA ASN F 215 -2.99 -62.90 -29.95
C ASN F 215 -3.22 -63.29 -28.51
N GLY F 216 -4.16 -64.21 -28.29
CA GLY F 216 -4.50 -64.67 -26.96
C GLY F 216 -5.52 -63.83 -26.23
N PHE F 217 -5.98 -62.72 -26.80
CA PHE F 217 -6.99 -61.88 -26.19
C PHE F 217 -8.33 -62.17 -26.87
N TYR F 218 -8.83 -61.24 -27.67
CA TYR F 218 -10.07 -61.58 -28.36
C TYR F 218 -9.76 -62.33 -29.65
N PRO F 219 -10.54 -63.37 -29.99
CA PRO F 219 -10.31 -64.11 -31.25
C PRO F 219 -10.94 -63.41 -32.46
N VAL F 220 -10.22 -62.43 -33.00
CA VAL F 220 -10.71 -61.62 -34.12
C VAL F 220 -10.96 -62.48 -35.34
N ALA F 221 -10.02 -63.36 -35.68
CA ALA F 221 -10.13 -64.13 -36.91
C ALA F 221 -11.33 -65.08 -36.86
N ASP F 222 -11.47 -65.82 -35.76
CA ASP F 222 -12.53 -66.82 -35.70
C ASP F 222 -13.91 -66.17 -35.54
N ARG F 223 -14.01 -65.04 -34.84
CA ARG F 223 -15.30 -64.42 -34.59
C ARG F 223 -15.71 -63.40 -35.66
N LEU F 224 -14.75 -62.72 -36.27
CA LEU F 224 -15.05 -61.64 -37.21
C LEU F 224 -14.69 -61.98 -38.65
N LEU F 225 -13.45 -62.42 -38.91
CA LEU F 225 -13.02 -62.66 -40.28
C LEU F 225 -13.68 -63.90 -40.88
N ASN F 226 -13.85 -64.95 -40.06
CA ASN F 226 -14.33 -66.24 -40.53
C ASN F 226 -15.56 -66.10 -41.42
N GLY F 227 -16.65 -65.57 -40.87
CA GLY F 227 -17.89 -65.51 -41.62
C GLY F 227 -18.18 -64.13 -42.20
N PHE F 228 -17.13 -63.38 -42.52
CA PHE F 228 -17.31 -62.09 -43.16
C PHE F 228 -18.05 -62.26 -44.48
N ASP F 229 -19.04 -61.39 -44.73
CA ASP F 229 -19.93 -61.54 -45.88
C ASP F 229 -20.11 -60.16 -46.52
N ALA F 230 -19.41 -59.94 -47.63
CA ALA F 230 -19.49 -58.65 -48.31
C ALA F 230 -20.87 -58.38 -48.90
N SER F 231 -21.68 -59.42 -49.12
CA SER F 231 -23.04 -59.22 -49.59
C SER F 231 -23.96 -58.71 -48.48
N VAL F 232 -23.61 -58.93 -47.22
CA VAL F 232 -24.34 -58.30 -46.12
C VAL F 232 -23.89 -56.85 -45.96
N SER F 233 -22.58 -56.62 -46.00
CA SER F 233 -22.01 -55.28 -45.89
C SER F 233 -20.52 -55.38 -46.19
N ASP F 234 -19.95 -54.33 -46.77
CA ASP F 234 -18.53 -54.29 -47.07
C ASP F 234 -17.70 -53.67 -45.95
N VAL F 235 -18.31 -53.43 -44.78
CA VAL F 235 -17.61 -52.87 -43.63
C VAL F 235 -17.25 -53.98 -42.67
N LEU F 236 -15.96 -54.07 -42.32
CA LEU F 236 -15.51 -55.06 -41.35
C LEU F 236 -15.68 -54.56 -39.92
N LEU F 237 -15.25 -53.34 -39.64
CA LEU F 237 -15.27 -52.83 -38.28
C LEU F 237 -15.49 -51.33 -38.27
N VAL F 238 -16.36 -50.88 -37.37
CA VAL F 238 -16.60 -49.46 -37.11
C VAL F 238 -16.08 -49.17 -35.70
N ASP F 239 -15.08 -48.29 -35.60
CA ASP F 239 -14.57 -47.84 -34.30
C ASP F 239 -15.32 -46.57 -33.92
N VAL F 240 -16.28 -46.71 -33.01
CA VAL F 240 -17.18 -45.63 -32.62
C VAL F 240 -16.57 -44.90 -31.43
N GLY F 241 -16.17 -43.65 -31.64
CA GLY F 241 -15.47 -42.91 -30.60
C GLY F 241 -14.00 -43.25 -30.49
N GLY F 242 -13.34 -43.50 -31.62
CA GLY F 242 -11.95 -43.92 -31.62
C GLY F 242 -10.94 -42.81 -31.75
N GLY F 243 -11.34 -41.59 -31.42
CA GLY F 243 -10.41 -40.47 -31.42
C GLY F 243 -9.80 -40.23 -32.77
N ARG F 244 -8.47 -40.15 -32.82
CA ARG F 244 -7.74 -39.97 -34.07
C ARG F 244 -7.42 -41.29 -34.77
N GLY F 245 -7.89 -42.41 -34.25
CA GLY F 245 -7.81 -43.66 -34.97
C GLY F 245 -6.60 -44.52 -34.70
N HIS F 246 -5.96 -44.38 -33.53
CA HIS F 246 -4.82 -45.23 -33.21
C HIS F 246 -5.24 -46.70 -33.07
N ASP F 247 -6.37 -46.96 -32.39
CA ASP F 247 -6.81 -48.35 -32.22
C ASP F 247 -7.19 -48.99 -33.54
N ILE F 248 -7.94 -48.27 -34.38
CA ILE F 248 -8.39 -48.87 -35.63
C ILE F 248 -7.23 -49.05 -36.60
N ALA F 249 -6.19 -48.21 -36.49
CA ALA F 249 -5.01 -48.41 -37.30
C ALA F 249 -4.21 -49.62 -36.84
N THR F 250 -4.19 -49.87 -35.53
CA THR F 250 -3.56 -51.09 -35.04
C THR F 250 -4.30 -52.33 -35.53
N PHE F 251 -5.64 -52.27 -35.53
CA PHE F 251 -6.43 -53.38 -36.05
C PHE F 251 -6.11 -53.66 -37.52
N GLY F 252 -6.04 -52.60 -38.34
CA GLY F 252 -5.74 -52.78 -39.75
C GLY F 252 -4.39 -53.42 -39.99
N SER F 253 -3.36 -52.98 -39.26
CA SER F 253 -2.01 -53.51 -39.49
C SER F 253 -1.83 -54.93 -38.97
N GLN F 254 -2.74 -55.43 -38.13
CA GLN F 254 -2.64 -56.79 -37.61
C GLN F 254 -3.42 -57.81 -38.43
N PHE F 255 -4.40 -57.37 -39.22
CA PHE F 255 -5.30 -58.30 -39.91
C PHE F 255 -5.41 -57.97 -41.38
N SER F 256 -4.29 -57.49 -41.99
CA SER F 256 -4.19 -57.19 -43.42
C SER F 256 -3.76 -58.43 -44.21
N PRO F 257 -4.20 -58.58 -45.48
CA PRO F 257 -5.11 -57.72 -46.26
C PRO F 257 -6.54 -57.74 -45.73
N LEU F 258 -7.11 -56.58 -45.44
CA LEU F 258 -8.42 -56.52 -44.80
C LEU F 258 -9.51 -56.91 -45.79
N PRO F 259 -10.46 -57.77 -45.38
CA PRO F 259 -11.53 -58.17 -46.31
C PRO F 259 -12.62 -57.13 -46.48
N GLY F 260 -12.71 -56.16 -45.57
CA GLY F 260 -13.70 -55.11 -45.66
C GLY F 260 -13.14 -53.81 -45.11
N ARG F 261 -14.00 -52.80 -45.06
CA ARG F 261 -13.60 -51.45 -44.71
C ARG F 261 -13.51 -51.26 -43.20
N LEU F 262 -12.62 -50.37 -42.80
CA LEU F 262 -12.51 -49.88 -41.42
C LEU F 262 -13.02 -48.45 -41.39
N VAL F 263 -14.05 -48.19 -40.59
CA VAL F 263 -14.66 -46.88 -40.48
C VAL F 263 -14.43 -46.35 -39.08
N LEU F 264 -13.81 -45.18 -38.97
CA LEU F 264 -13.61 -44.49 -37.70
C LEU F 264 -14.67 -43.41 -37.55
N GLN F 265 -15.28 -43.33 -36.36
CA GLN F 265 -16.28 -42.31 -36.06
C GLN F 265 -15.88 -41.55 -34.80
N ASP F 266 -15.90 -40.23 -34.88
CA ASP F 266 -15.73 -39.36 -33.72
C ASP F 266 -16.30 -37.99 -34.05
N ARG F 267 -16.16 -37.05 -33.11
CA ARG F 267 -16.65 -35.71 -33.33
C ARG F 267 -15.86 -35.00 -34.42
N GLU F 268 -16.49 -33.98 -35.00
CA GLU F 268 -15.90 -33.28 -36.15
C GLU F 268 -14.55 -32.65 -35.80
N GLN F 269 -14.48 -31.95 -34.67
CA GLN F 269 -13.22 -31.32 -34.26
C GLN F 269 -12.11 -32.33 -34.07
N VAL F 270 -12.44 -33.55 -33.62
CA VAL F 270 -11.43 -34.58 -33.41
C VAL F 270 -10.97 -35.16 -34.74
N ILE F 271 -11.92 -35.46 -35.62
CA ILE F 271 -11.62 -36.06 -36.91
C ILE F 271 -10.79 -35.10 -37.77
N ASN F 272 -11.10 -33.81 -37.72
CA ASN F 272 -10.40 -32.82 -38.52
C ASN F 272 -8.95 -32.62 -38.08
N SER F 273 -8.57 -33.13 -36.91
CA SER F 273 -7.21 -32.99 -36.43
C SER F 273 -6.31 -34.16 -36.84
N ILE F 274 -6.87 -35.20 -37.44
CA ILE F 274 -6.07 -36.33 -37.92
C ILE F 274 -5.20 -35.83 -39.06
N PRO F 275 -3.88 -35.99 -38.97
CA PRO F 275 -3.01 -35.52 -40.06
C PRO F 275 -3.14 -36.41 -41.29
N ALA F 276 -2.97 -35.79 -42.45
CA ALA F 276 -3.15 -36.49 -43.71
C ALA F 276 -2.19 -37.67 -43.81
N ASP F 277 -2.65 -38.73 -44.48
CA ASP F 277 -1.87 -39.93 -44.67
C ASP F 277 -2.53 -40.78 -45.75
N GLU F 278 -1.88 -40.92 -46.89
CA GLU F 278 -2.41 -41.74 -47.97
C GLU F 278 -2.29 -43.22 -47.70
N SER F 279 -1.33 -43.65 -46.86
CA SER F 279 -1.19 -45.03 -46.40
C SER F 279 -2.21 -45.40 -45.33
N ARG F 280 -3.05 -44.47 -44.91
CA ARG F 280 -4.08 -44.74 -43.91
C ARG F 280 -5.02 -45.86 -44.39
N GLN F 281 -5.36 -46.76 -43.48
CA GLN F 281 -6.16 -47.95 -43.81
C GLN F 281 -7.61 -47.83 -43.40
N PHE F 282 -8.00 -46.73 -42.74
CA PHE F 282 -9.36 -46.54 -42.27
C PHE F 282 -9.95 -45.28 -42.90
N GLU F 283 -11.28 -45.20 -42.91
CA GLU F 283 -11.98 -44.00 -43.31
C GLU F 283 -12.31 -43.17 -42.08
N ALA F 284 -11.97 -41.88 -42.13
CA ALA F 284 -12.19 -40.96 -41.02
C ALA F 284 -13.51 -40.23 -41.27
N THR F 285 -14.52 -40.53 -40.45
CA THR F 285 -15.85 -39.95 -40.60
C THR F 285 -16.32 -39.37 -39.28
N THR F 286 -17.22 -38.40 -39.38
CA THR F 286 -17.83 -37.78 -38.22
C THR F 286 -19.12 -38.50 -37.87
N HIS F 287 -19.30 -38.80 -36.59
CA HIS F 287 -20.55 -39.37 -36.10
C HIS F 287 -20.70 -39.04 -34.63
N ASP F 288 -21.93 -38.74 -34.22
CA ASP F 288 -22.28 -38.46 -32.84
C ASP F 288 -22.89 -39.71 -32.22
N ILE F 289 -22.29 -40.20 -31.14
CA ILE F 289 -22.75 -41.43 -30.50
C ILE F 289 -24.15 -41.32 -29.94
N PHE F 290 -24.68 -40.10 -29.80
CA PHE F 290 -26.05 -39.91 -29.35
C PHE F 290 -27.02 -39.77 -30.52
N THR F 291 -26.63 -40.25 -31.70
CA THR F 291 -27.51 -40.39 -32.85
C THR F 291 -27.46 -41.83 -33.32
N THR F 292 -28.47 -42.23 -34.11
CA THR F 292 -28.52 -43.60 -34.61
C THR F 292 -27.32 -43.88 -35.49
N GLN F 293 -26.75 -45.08 -35.32
CA GLN F 293 -25.58 -45.52 -36.08
C GLN F 293 -25.87 -45.51 -37.58
N PRO F 294 -25.16 -44.70 -38.37
CA PRO F 294 -25.48 -44.63 -39.81
C PRO F 294 -24.96 -45.80 -40.62
N VAL F 295 -23.89 -46.44 -40.18
CA VAL F 295 -23.30 -47.56 -40.90
C VAL F 295 -24.08 -48.83 -40.57
N LYS F 296 -24.71 -49.42 -41.58
CA LYS F 296 -25.66 -50.50 -41.40
C LYS F 296 -25.04 -51.85 -41.69
N HIS F 297 -25.34 -52.82 -40.83
CA HIS F 297 -25.06 -54.24 -41.03
C HIS F 297 -23.57 -54.57 -41.08
N ALA F 298 -22.73 -53.75 -40.47
CA ALA F 298 -21.30 -54.05 -40.43
C ALA F 298 -21.03 -55.32 -39.62
N ARG F 299 -19.84 -55.88 -39.82
CA ARG F 299 -19.49 -57.10 -39.09
C ARG F 299 -19.22 -56.79 -37.61
N ALA F 300 -18.60 -55.65 -37.31
CA ALA F 300 -18.26 -55.33 -35.94
C ALA F 300 -18.47 -53.84 -35.66
N TYR F 301 -19.04 -53.56 -34.48
CA TYR F 301 -19.09 -52.23 -33.91
C TYR F 301 -18.33 -52.26 -32.59
N TYR F 302 -17.26 -51.48 -32.51
CA TYR F 302 -16.32 -51.53 -31.40
C TYR F 302 -16.28 -50.18 -30.70
N MET F 303 -16.28 -50.18 -29.36
CA MET F 303 -16.04 -48.97 -28.60
C MET F 303 -14.96 -49.25 -27.57
N HIS F 304 -14.13 -48.24 -27.32
CA HIS F 304 -13.04 -48.32 -26.36
C HIS F 304 -13.09 -47.08 -25.48
N SER F 305 -13.29 -47.29 -24.17
CA SER F 305 -13.30 -46.20 -23.19
C SER F 305 -14.23 -45.07 -23.63
N VAL F 306 -15.45 -45.45 -24.03
CA VAL F 306 -16.41 -44.44 -24.45
C VAL F 306 -17.58 -44.41 -23.45
N PRO F 307 -18.44 -45.44 -23.35
CA PRO F 307 -19.57 -45.32 -22.41
C PRO F 307 -19.19 -45.32 -20.94
N HIS F 308 -17.91 -45.50 -20.61
CA HIS F 308 -17.49 -45.46 -19.21
C HIS F 308 -17.44 -44.05 -18.64
N GLY F 309 -17.50 -43.03 -19.49
CA GLY F 309 -17.52 -41.65 -19.06
C GLY F 309 -18.91 -41.08 -18.90
N PHE F 310 -19.94 -41.91 -18.98
CA PHE F 310 -21.31 -41.43 -18.98
C PHE F 310 -22.12 -42.13 -17.90
N GLY F 311 -23.14 -41.42 -17.40
CA GLY F 311 -24.08 -42.01 -16.48
C GLY F 311 -24.90 -43.09 -17.14
N ASP F 312 -25.64 -43.83 -16.31
CA ASP F 312 -26.38 -45.00 -16.79
C ASP F 312 -27.27 -44.66 -17.98
N GLU F 313 -28.06 -43.59 -17.85
CA GLU F 313 -29.08 -43.29 -18.86
C GLU F 313 -28.43 -42.90 -20.19
N ASP F 314 -27.30 -42.18 -20.15
CA ASP F 314 -26.57 -41.85 -21.37
C ASP F 314 -25.90 -43.08 -21.97
N ALA F 315 -25.35 -43.95 -21.13
CA ALA F 315 -24.65 -45.13 -21.63
C ALA F 315 -25.62 -46.08 -22.33
N VAL F 316 -26.84 -46.20 -21.82
CA VAL F 316 -27.85 -47.01 -22.51
C VAL F 316 -28.15 -46.41 -23.87
N LYS F 317 -28.23 -45.07 -23.96
CA LYS F 317 -28.43 -44.41 -25.24
C LYS F 317 -27.31 -44.71 -26.22
N ILE F 318 -26.07 -44.69 -25.73
CA ILE F 318 -24.91 -44.96 -26.59
C ILE F 318 -25.02 -46.37 -27.17
N MET F 319 -25.30 -47.35 -26.32
CA MET F 319 -25.36 -48.74 -26.77
C MET F 319 -26.59 -48.99 -27.64
N ALA F 320 -27.72 -48.38 -27.30
CA ALA F 320 -28.96 -48.62 -28.02
C ALA F 320 -28.94 -48.01 -29.42
N ASN F 321 -28.22 -46.89 -29.62
CA ASN F 321 -28.19 -46.27 -30.93
C ASN F 321 -27.47 -47.14 -31.97
N LEU F 322 -26.78 -48.20 -31.55
CA LEU F 322 -26.21 -49.18 -32.47
C LEU F 322 -27.22 -50.24 -32.88
N VAL F 323 -28.27 -50.44 -32.08
CA VAL F 323 -29.17 -51.59 -32.30
C VAL F 323 -29.83 -51.57 -33.67
N PRO F 324 -30.42 -50.45 -34.15
CA PRO F 324 -31.08 -50.50 -35.46
C PRO F 324 -30.14 -50.77 -36.62
N ALA F 325 -28.84 -50.55 -36.46
CA ALA F 325 -27.86 -50.82 -37.49
C ALA F 325 -27.35 -52.26 -37.47
N LEU F 326 -27.65 -53.04 -36.44
CA LEU F 326 -27.11 -54.39 -36.31
C LEU F 326 -27.86 -55.36 -37.19
N ALA F 327 -27.11 -56.24 -37.86
CA ALA F 327 -27.67 -57.31 -38.68
C ALA F 327 -27.79 -58.57 -37.84
N LYS F 328 -29.01 -59.10 -37.71
CA LYS F 328 -29.23 -60.23 -36.81
C LYS F 328 -28.47 -61.46 -37.28
N GLY F 329 -27.77 -62.10 -36.35
CA GLY F 329 -26.90 -63.20 -36.69
C GLY F 329 -25.60 -62.81 -37.36
N TYR F 330 -25.30 -61.52 -37.46
CA TYR F 330 -24.12 -61.13 -38.23
C TYR F 330 -23.29 -60.05 -37.53
N SER F 331 -23.91 -58.96 -37.10
CA SER F 331 -23.18 -57.84 -36.52
C SER F 331 -22.81 -58.13 -35.07
N ARG F 332 -21.54 -57.90 -34.73
CA ARG F 332 -21.05 -58.00 -33.37
C ARG F 332 -20.95 -56.61 -32.76
N VAL F 333 -21.18 -56.55 -31.44
CA VAL F 333 -20.89 -55.37 -30.63
C VAL F 333 -19.73 -55.75 -29.71
N LEU F 334 -18.64 -55.00 -29.79
CA LEU F 334 -17.45 -55.27 -28.99
C LEU F 334 -17.19 -54.07 -28.09
N LEU F 335 -17.40 -54.24 -26.79
CA LEU F 335 -17.22 -53.17 -25.81
C LEU F 335 -15.92 -53.40 -25.05
N ASN F 336 -14.93 -52.55 -25.30
CA ASN F 336 -13.59 -52.64 -24.71
C ASN F 336 -13.55 -51.65 -23.54
N GLU F 337 -13.99 -52.11 -22.38
CA GLU F 337 -14.03 -51.27 -21.18
C GLU F 337 -13.51 -52.07 -19.99
N ILE F 338 -13.20 -51.33 -18.92
CA ILE F 338 -12.86 -51.97 -17.65
C ILE F 338 -14.09 -52.65 -17.07
N VAL F 339 -13.90 -53.84 -16.52
CA VAL F 339 -14.94 -54.56 -15.79
C VAL F 339 -14.46 -54.66 -14.35
N VAL F 340 -15.14 -53.91 -13.46
CA VAL F 340 -14.70 -53.83 -12.07
C VAL F 340 -15.06 -55.10 -11.33
N ASP F 341 -14.07 -55.68 -10.65
CA ASP F 341 -14.26 -56.77 -9.70
C ASP F 341 -14.09 -56.13 -8.33
N GLU F 342 -15.21 -55.75 -7.70
CA GLU F 342 -15.09 -54.98 -6.47
C GLU F 342 -14.57 -55.81 -5.30
N GLU F 343 -14.44 -57.12 -5.46
CA GLU F 343 -13.82 -57.96 -4.45
C GLU F 343 -12.30 -58.02 -4.59
N ARG F 344 -11.77 -57.80 -5.79
CA ARG F 344 -10.33 -57.73 -6.05
C ARG F 344 -10.03 -56.34 -6.62
N PRO F 345 -9.93 -55.32 -5.77
CA PRO F 345 -9.64 -53.97 -6.26
C PRO F 345 -8.23 -53.88 -6.80
N VAL F 346 -8.10 -53.41 -8.04
CA VAL F 346 -6.81 -53.32 -8.71
C VAL F 346 -6.54 -51.89 -9.16
N MET F 347 -5.29 -51.47 -9.01
CA MET F 347 -4.79 -50.18 -9.48
C MET F 347 -5.35 -49.79 -10.85
N SER F 348 -5.24 -50.69 -11.82
CA SER F 348 -5.71 -50.40 -13.17
C SER F 348 -7.18 -50.03 -13.17
N ALA F 349 -7.97 -50.63 -12.28
CA ALA F 349 -9.40 -50.36 -12.22
C ALA F 349 -9.71 -49.09 -11.43
N THR F 350 -9.02 -48.88 -10.31
CA THR F 350 -9.31 -47.71 -9.49
C THR F 350 -8.68 -46.43 -10.06
N ASN F 351 -7.58 -46.55 -10.80
CA ASN F 351 -6.99 -45.39 -11.45
C ASN F 351 -7.99 -44.71 -12.38
N MET F 352 -8.58 -45.49 -13.30
CA MET F 352 -9.48 -44.93 -14.29
C MET F 352 -10.83 -44.56 -13.69
N ASP F 353 -11.25 -45.28 -12.65
CA ASP F 353 -12.51 -44.96 -11.98
C ASP F 353 -12.46 -43.56 -11.38
N LEU F 354 -11.32 -43.20 -10.80
CA LEU F 354 -11.16 -41.88 -10.18
C LEU F 354 -10.76 -40.81 -11.19
N ILE F 355 -10.18 -41.20 -12.33
CA ILE F 355 -10.07 -40.27 -13.45
C ILE F 355 -11.44 -39.98 -14.02
N MET F 356 -12.29 -41.02 -14.10
CA MET F 356 -13.66 -40.84 -14.58
C MET F 356 -14.42 -39.89 -13.68
N LEU F 357 -14.22 -40.01 -12.36
CA LEU F 357 -14.85 -39.10 -11.41
C LEU F 357 -14.32 -37.68 -11.55
N ALA F 358 -13.00 -37.53 -11.70
CA ALA F 358 -12.36 -36.22 -11.66
C ALA F 358 -12.59 -35.39 -12.92
N HIS F 359 -13.02 -36.02 -14.02
CA HIS F 359 -13.27 -35.30 -15.26
C HIS F 359 -14.72 -35.38 -15.70
N MET F 360 -15.27 -36.59 -15.79
CA MET F 360 -16.59 -36.84 -16.34
C MET F 360 -17.69 -36.91 -15.30
N GLY F 361 -17.35 -37.04 -14.02
CA GLY F 361 -18.33 -37.27 -12.99
C GLY F 361 -18.94 -38.66 -12.99
N ALA F 362 -18.38 -39.58 -13.78
CA ALA F 362 -18.88 -40.92 -13.96
C ALA F 362 -18.01 -41.91 -13.19
N LYS F 363 -18.05 -43.19 -13.60
CA LYS F 363 -17.46 -44.26 -12.82
C LYS F 363 -17.25 -45.47 -13.71
N GLU F 364 -16.35 -46.35 -13.27
CA GLU F 364 -16.21 -47.62 -13.95
C GLU F 364 -17.29 -48.58 -13.45
N ARG F 365 -17.49 -49.66 -14.20
CA ARG F 365 -18.64 -50.53 -13.99
C ARG F 365 -18.22 -51.98 -13.78
N THR F 366 -19.00 -52.67 -12.95
CA THR F 366 -18.90 -54.10 -12.75
C THR F 366 -19.57 -54.85 -13.91
N GLU F 367 -19.32 -56.16 -13.98
CA GLU F 367 -19.97 -56.98 -15.00
C GLU F 367 -21.48 -56.94 -14.86
N ALA F 368 -21.99 -56.97 -13.63
CA ALA F 368 -23.43 -56.81 -13.42
C ALA F 368 -23.89 -55.42 -13.87
N ASP F 369 -23.08 -54.39 -13.60
CA ASP F 369 -23.40 -53.05 -14.09
C ASP F 369 -23.51 -53.04 -15.61
N TRP F 370 -22.49 -53.58 -16.30
CA TRP F 370 -22.50 -53.55 -17.77
C TRP F 370 -23.67 -54.34 -18.34
N ARG F 371 -23.96 -55.51 -17.75
CA ARG F 371 -25.01 -56.37 -18.29
C ARG F 371 -26.37 -55.72 -18.21
N SER F 372 -26.61 -54.91 -17.17
CA SER F 372 -27.90 -54.24 -17.03
C SER F 372 -28.06 -53.12 -18.06
N ILE F 373 -26.97 -52.40 -18.35
CA ILE F 373 -27.01 -51.34 -19.36
C ILE F 373 -27.19 -51.92 -20.75
N LEU F 374 -26.51 -53.03 -21.05
CA LEU F 374 -26.67 -53.64 -22.37
C LEU F 374 -28.05 -54.26 -22.52
N THR F 375 -28.58 -54.86 -21.44
CA THR F 375 -29.93 -55.40 -21.48
C THR F 375 -30.95 -54.30 -21.74
N ARG F 376 -30.81 -53.16 -21.07
CA ARG F 376 -31.74 -52.05 -21.28
C ARG F 376 -31.59 -51.43 -22.65
N ALA F 377 -30.46 -51.61 -23.32
CA ALA F 377 -30.27 -51.09 -24.67
C ALA F 377 -30.73 -52.04 -25.76
N GLY F 378 -31.08 -53.27 -25.40
CA GLY F 378 -31.49 -54.26 -26.36
C GLY F 378 -30.43 -55.25 -26.76
N LEU F 379 -29.47 -55.53 -25.88
CA LEU F 379 -28.33 -56.38 -26.21
C LEU F 379 -28.19 -57.47 -25.16
N LYS F 380 -27.49 -58.54 -25.53
CA LYS F 380 -27.13 -59.60 -24.60
C LYS F 380 -25.66 -59.94 -24.77
N VAL F 381 -24.98 -60.17 -23.65
CA VAL F 381 -23.55 -60.49 -23.68
C VAL F 381 -23.38 -61.91 -24.19
N VAL F 382 -22.49 -62.09 -25.15
CA VAL F 382 -22.13 -63.41 -25.67
C VAL F 382 -20.99 -64.01 -24.86
N ASN F 383 -19.92 -63.24 -24.66
CA ASN F 383 -18.77 -63.67 -23.89
C ASN F 383 -18.05 -62.42 -23.42
N ILE F 384 -17.30 -62.56 -22.34
CA ILE F 384 -16.43 -61.50 -21.85
C ILE F 384 -14.99 -62.02 -21.85
N TYR F 385 -14.10 -61.28 -22.52
CA TYR F 385 -12.71 -61.69 -22.67
C TYR F 385 -11.82 -60.74 -21.88
N SER F 386 -10.83 -61.31 -21.18
CA SER F 386 -9.85 -60.53 -20.47
C SER F 386 -8.46 -61.03 -20.83
N TYR F 387 -7.44 -60.41 -20.22
CA TYR F 387 -6.06 -60.73 -20.51
C TYR F 387 -5.26 -60.39 -19.27
N PRO F 388 -4.36 -61.26 -18.84
CA PRO F 388 -3.59 -60.99 -17.60
C PRO F 388 -2.81 -59.69 -17.69
N GLY F 389 -3.06 -58.80 -16.73
CA GLY F 389 -2.35 -57.55 -16.63
C GLY F 389 -2.92 -56.39 -17.43
N VAL F 390 -4.01 -56.61 -18.18
CA VAL F 390 -4.63 -55.57 -19.00
C VAL F 390 -5.86 -55.05 -18.28
N ALA F 391 -6.04 -53.72 -18.29
CA ALA F 391 -7.09 -53.10 -17.48
C ALA F 391 -8.47 -53.37 -18.04
N GLU F 392 -8.63 -53.30 -19.35
CA GLU F 392 -9.94 -53.44 -19.98
C GLU F 392 -10.24 -54.91 -20.29
N SER F 393 -11.52 -55.25 -20.24
CA SER F 393 -12.02 -56.48 -20.82
C SER F 393 -12.55 -56.18 -22.21
N LEU F 394 -12.97 -57.24 -22.91
CA LEU F 394 -13.66 -57.10 -24.19
C LEU F 394 -14.97 -57.84 -24.06
N ILE F 395 -16.07 -57.09 -23.95
CA ILE F 395 -17.41 -57.66 -23.90
C ILE F 395 -17.95 -57.74 -25.32
N GLU F 396 -18.23 -58.96 -25.79
CA GLU F 396 -18.92 -59.13 -27.05
C GLU F 396 -20.41 -59.29 -26.79
N ALA F 397 -21.22 -58.47 -27.44
CA ALA F 397 -22.66 -58.50 -27.28
C ALA F 397 -23.31 -58.64 -28.65
N GLU F 398 -24.61 -58.93 -28.63
CA GLU F 398 -25.38 -59.10 -29.85
C GLU F 398 -26.80 -58.62 -29.58
N LEU F 399 -27.62 -58.67 -30.62
CA LEU F 399 -29.03 -58.33 -30.49
C LEU F 399 -29.72 -59.28 -29.50
N ALA F 400 -30.47 -58.71 -28.56
CA ALA F 400 -31.19 -59.51 -27.58
C ALA F 400 -32.25 -60.40 -28.24
#